data_1WIF
#
_entry.id   1WIF
#
_entity_poly.entity_id   1
_entity_poly.type   'polypeptide(L)'
_entity_poly.pdbx_seq_one_letter_code
;GSSGSSGSKNEKEQLSKAKASVSSLNKVIQTKLTVGNLGLGLVVIQNGPYLQISHLINKGAAASDGILQPGDVLISVGHA
NVLGYTLREFLKLLQNITIGTVLQIKAYRGFLEIPQEWQDSGPSSG
;
_entity_poly.pdbx_strand_id   A
#
# COMPACT_ATOMS: atom_id res chain seq x y z
N GLY A 1 15.60 -23.91 -10.49
CA GLY A 1 15.28 -23.08 -9.34
C GLY A 1 14.25 -22.02 -9.66
N SER A 2 14.71 -20.80 -9.91
CA SER A 2 13.82 -19.69 -10.23
C SER A 2 14.48 -18.73 -11.21
N SER A 3 13.69 -17.78 -11.71
CA SER A 3 14.19 -16.79 -12.68
C SER A 3 13.97 -15.37 -12.16
N GLY A 4 14.71 -14.43 -12.73
CA GLY A 4 14.59 -13.04 -12.32
C GLY A 4 15.26 -12.08 -13.29
N SER A 5 14.46 -11.45 -14.15
CA SER A 5 14.99 -10.52 -15.13
C SER A 5 13.95 -9.44 -15.45
N SER A 6 14.36 -8.48 -16.29
CA SER A 6 13.48 -7.39 -16.68
C SER A 6 13.32 -7.32 -18.19
N GLY A 7 12.48 -6.39 -18.65
CA GLY A 7 12.27 -6.25 -20.08
C GLY A 7 13.52 -5.82 -20.81
N SER A 8 13.34 -5.21 -21.98
CA SER A 8 14.46 -4.75 -22.79
C SER A 8 15.59 -5.78 -22.79
N LYS A 9 15.46 -6.78 -23.65
CA LYS A 9 16.46 -7.83 -23.76
C LYS A 9 16.77 -8.16 -25.22
N ASN A 10 17.71 -9.06 -25.43
CA ASN A 10 18.09 -9.47 -26.78
C ASN A 10 17.49 -10.82 -27.15
N GLU A 11 16.26 -11.05 -26.69
CA GLU A 11 15.56 -12.31 -26.96
C GLU A 11 14.06 -12.10 -26.98
N LYS A 12 13.32 -13.19 -27.14
CA LYS A 12 11.86 -13.14 -27.17
C LYS A 12 11.31 -12.55 -25.87
N GLU A 13 11.22 -11.23 -25.82
CA GLU A 13 10.71 -10.55 -24.63
C GLU A 13 9.87 -9.35 -25.02
N GLN A 14 9.48 -8.56 -24.02
CA GLN A 14 8.66 -7.37 -24.25
C GLN A 14 9.31 -6.14 -23.64
N LEU A 15 9.26 -5.03 -24.37
CA LEU A 15 9.84 -3.77 -23.91
C LEU A 15 8.99 -2.58 -24.34
N SER A 16 8.91 -1.59 -23.47
CA SER A 16 8.12 -0.39 -23.76
C SER A 16 8.36 0.69 -22.71
N LYS A 17 7.81 1.87 -22.94
CA LYS A 17 7.96 2.99 -22.01
C LYS A 17 6.67 3.23 -21.23
N ALA A 18 6.80 3.83 -20.06
CA ALA A 18 5.64 4.11 -19.21
C ALA A 18 5.89 5.34 -18.35
N LYS A 19 6.39 6.40 -18.97
CA LYS A 19 6.67 7.65 -18.25
C LYS A 19 5.43 8.53 -18.19
N ALA A 20 5.54 9.63 -17.45
CA ALA A 20 4.42 10.56 -17.32
C ALA A 20 4.87 11.86 -16.67
N SER A 21 3.98 12.85 -16.66
CA SER A 21 4.28 14.15 -16.08
C SER A 21 3.35 14.46 -14.91
N VAL A 22 3.09 13.46 -14.08
CA VAL A 22 2.22 13.63 -12.92
C VAL A 22 3.02 13.63 -11.63
N SER A 23 2.47 14.26 -10.60
CA SER A 23 3.13 14.34 -9.31
C SER A 23 2.47 15.41 -8.43
N SER A 24 1.16 15.55 -8.56
CA SER A 24 0.41 16.53 -7.78
C SER A 24 -0.81 15.89 -7.11
N LEU A 25 -0.59 14.72 -6.53
CA LEU A 25 -1.67 14.00 -5.86
C LEU A 25 -1.13 13.16 -4.70
N ASN A 26 -1.51 13.52 -3.48
CA ASN A 26 -1.07 12.80 -2.30
C ASN A 26 -2.26 12.36 -1.45
N LYS A 27 -2.54 11.06 -1.46
CA LYS A 27 -3.65 10.51 -0.69
C LYS A 27 -3.17 9.39 0.22
N VAL A 28 -3.66 9.38 1.46
CA VAL A 28 -3.28 8.36 2.43
C VAL A 28 -4.42 7.36 2.64
N ILE A 29 -4.06 6.08 2.75
CA ILE A 29 -5.05 5.03 2.97
C ILE A 29 -5.13 4.63 4.43
N GLN A 30 -6.35 4.50 4.94
CA GLN A 30 -6.56 4.12 6.33
C GLN A 30 -7.87 3.36 6.49
N THR A 31 -7.78 2.12 6.98
CA THR A 31 -8.96 1.29 7.18
C THR A 31 -8.80 0.41 8.41
N LYS A 32 -9.93 0.00 8.98
CA LYS A 32 -9.92 -0.85 10.17
C LYS A 32 -10.10 -2.32 9.79
N LEU A 33 -9.10 -3.13 10.09
CA LEU A 33 -9.15 -4.55 9.79
C LEU A 33 -9.63 -5.36 11.00
N THR A 34 -10.52 -6.32 10.74
CA THR A 34 -11.06 -7.15 11.80
C THR A 34 -10.19 -8.38 12.03
N VAL A 35 -9.26 -8.28 12.98
CA VAL A 35 -8.36 -9.37 13.30
C VAL A 35 -9.12 -10.70 13.33
N GLY A 36 -8.71 -11.63 12.47
CA GLY A 36 -9.36 -12.93 12.41
C GLY A 36 -8.75 -13.91 13.39
N ASN A 37 -9.31 -15.12 13.43
CA ASN A 37 -8.82 -16.15 14.33
C ASN A 37 -7.31 -16.27 14.26
N LEU A 38 -6.76 -16.12 13.05
CA LEU A 38 -5.32 -16.21 12.85
C LEU A 38 -4.70 -14.82 12.76
N GLY A 39 -5.55 -13.79 12.70
CA GLY A 39 -5.07 -12.43 12.63
C GLY A 39 -4.40 -12.13 11.30
N LEU A 40 -4.60 -10.91 10.80
CA LEU A 40 -4.02 -10.50 9.53
C LEU A 40 -2.55 -10.89 9.45
N GLY A 41 -2.26 -11.96 8.72
CA GLY A 41 -0.89 -12.41 8.58
C GLY A 41 -0.25 -11.91 7.30
N LEU A 42 -0.71 -10.76 6.83
CA LEU A 42 -0.16 -10.16 5.61
C LEU A 42 1.31 -10.51 5.44
N VAL A 43 1.67 -11.00 4.25
CA VAL A 43 3.05 -11.37 3.97
C VAL A 43 3.88 -10.14 3.59
N VAL A 44 4.14 -9.29 4.57
CA VAL A 44 4.93 -8.07 4.33
C VAL A 44 6.42 -8.38 4.33
N ILE A 45 7.19 -7.52 3.67
CA ILE A 45 8.63 -7.70 3.59
C ILE A 45 9.36 -6.51 4.20
N GLN A 46 10.70 -6.57 4.19
CA GLN A 46 11.52 -5.50 4.75
C GLN A 46 12.09 -4.63 3.64
N ASN A 47 11.37 -3.55 3.30
CA ASN A 47 11.81 -2.64 2.25
C ASN A 47 12.00 -1.23 2.82
N GLY A 48 13.25 -0.91 3.17
CA GLY A 48 13.55 0.40 3.71
C GLY A 48 13.22 0.51 5.19
N PRO A 49 13.22 1.74 5.72
CA PRO A 49 12.93 2.00 7.13
C PRO A 49 11.46 1.76 7.46
N TYR A 50 10.67 1.43 6.44
CA TYR A 50 9.25 1.19 6.63
C TYR A 50 8.87 -0.21 6.14
N LEU A 51 7.81 -0.76 6.71
CA LEU A 51 7.34 -2.09 6.32
C LEU A 51 6.41 -2.01 5.11
N GLN A 52 6.91 -2.46 3.96
CA GLN A 52 6.12 -2.43 2.73
C GLN A 52 5.45 -3.78 2.49
N ILE A 53 4.12 -3.79 2.51
CA ILE A 53 3.36 -5.02 2.29
C ILE A 53 3.68 -5.63 0.92
N SER A 54 3.83 -6.95 0.89
CA SER A 54 4.14 -7.64 -0.35
C SER A 54 2.97 -8.54 -0.77
N HIS A 55 2.25 -9.05 0.22
CA HIS A 55 1.11 -9.92 -0.05
C HIS A 55 0.19 -10.00 1.16
N LEU A 56 -1.10 -10.20 0.91
CA LEU A 56 -2.09 -10.28 1.99
C LEU A 56 -2.59 -11.72 2.15
N ILE A 57 -2.70 -12.17 3.39
CA ILE A 57 -3.17 -13.52 3.67
C ILE A 57 -4.66 -13.65 3.38
N ASN A 58 -4.99 -14.33 2.29
CA ASN A 58 -6.39 -14.53 1.91
C ASN A 58 -7.25 -14.83 3.13
N LYS A 59 -6.76 -15.72 3.99
CA LYS A 59 -7.49 -16.09 5.19
C LYS A 59 -7.26 -15.07 6.31
N GLY A 60 -7.34 -13.80 5.96
CA GLY A 60 -7.15 -12.74 6.94
C GLY A 60 -8.12 -11.60 6.76
N ALA A 61 -7.83 -10.47 7.40
CA ALA A 61 -8.70 -9.30 7.32
C ALA A 61 -8.29 -8.40 6.16
N ALA A 62 -7.00 -8.07 6.11
CA ALA A 62 -6.47 -7.21 5.05
C ALA A 62 -6.85 -7.75 3.68
N ALA A 63 -6.67 -9.06 3.48
CA ALA A 63 -6.99 -9.69 2.22
C ALA A 63 -8.46 -9.50 1.86
N SER A 64 -9.29 -9.25 2.87
CA SER A 64 -10.71 -9.04 2.66
C SER A 64 -11.05 -7.56 2.58
N ASP A 65 -10.01 -6.72 2.65
CA ASP A 65 -10.19 -5.28 2.59
C ASP A 65 -9.68 -4.72 1.28
N GLY A 66 -10.60 -4.38 0.38
CA GLY A 66 -10.23 -3.83 -0.92
C GLY A 66 -9.49 -2.51 -0.79
N ILE A 67 -9.47 -1.95 0.42
CA ILE A 67 -8.80 -0.68 0.65
C ILE A 67 -7.28 -0.86 0.71
N LEU A 68 -6.83 -1.73 1.62
CA LEU A 68 -5.40 -2.00 1.77
C LEU A 68 -4.90 -2.92 0.66
N GLN A 69 -3.80 -2.52 0.03
CA GLN A 69 -3.21 -3.31 -1.05
C GLN A 69 -1.77 -3.70 -0.72
N PRO A 70 -1.32 -4.83 -1.28
CA PRO A 70 0.03 -5.33 -1.06
C PRO A 70 1.10 -4.46 -1.72
N GLY A 71 1.46 -3.37 -1.04
CA GLY A 71 2.46 -2.47 -1.57
C GLY A 71 2.35 -1.08 -1.00
N ASP A 72 1.96 -0.99 0.27
CA ASP A 72 1.81 0.31 0.93
C ASP A 72 2.90 0.49 1.99
N VAL A 73 2.75 1.54 2.80
CA VAL A 73 3.71 1.84 3.85
C VAL A 73 3.01 2.22 5.15
N LEU A 74 2.79 1.24 6.02
CA LEU A 74 2.13 1.48 7.29
C LEU A 74 2.88 2.54 8.11
N ILE A 75 2.13 3.34 8.85
CA ILE A 75 2.71 4.39 9.67
C ILE A 75 2.05 4.46 11.04
N SER A 76 1.41 3.36 11.44
CA SER A 76 0.72 3.30 12.72
C SER A 76 -0.30 2.17 12.73
N VAL A 77 0.19 0.94 12.85
CA VAL A 77 -0.69 -0.24 12.87
C VAL A 77 -1.05 -0.61 14.31
N GLY A 78 -2.31 -0.39 14.67
CA GLY A 78 -2.76 -0.72 16.01
C GLY A 78 -2.13 0.17 17.07
N HIS A 79 -2.41 1.47 16.99
CA HIS A 79 -1.86 2.43 17.94
C HIS A 79 -0.39 2.14 18.22
N ALA A 80 0.26 1.47 17.27
CA ALA A 80 1.68 1.14 17.40
C ALA A 80 2.49 1.72 16.26
N ASN A 81 3.13 2.85 16.50
CA ASN A 81 3.94 3.51 15.49
C ASN A 81 4.90 2.52 14.84
N VAL A 82 4.44 1.86 13.79
CA VAL A 82 5.25 0.89 13.07
C VAL A 82 6.12 1.58 12.01
N LEU A 83 6.04 2.90 11.95
CA LEU A 83 6.80 3.67 10.98
C LEU A 83 8.22 3.12 10.85
N GLY A 84 8.95 3.09 11.96
CA GLY A 84 10.31 2.58 11.95
C GLY A 84 10.41 1.18 12.51
N TYR A 85 9.36 0.38 12.32
CA TYR A 85 9.34 -0.99 12.83
C TYR A 85 9.95 -1.95 11.82
N THR A 86 10.84 -2.81 12.30
CA THR A 86 11.51 -3.78 11.44
C THR A 86 10.56 -4.93 11.08
N LEU A 87 10.97 -5.74 10.11
CA LEU A 87 10.16 -6.87 9.67
C LEU A 87 10.05 -7.92 10.77
N ARG A 88 11.10 -8.04 11.57
CA ARG A 88 11.12 -9.02 12.66
C ARG A 88 10.29 -8.52 13.84
N GLU A 89 10.06 -7.21 13.90
CA GLU A 89 9.29 -6.61 14.97
C GLU A 89 7.81 -6.51 14.58
N PHE A 90 7.55 -5.97 13.40
CA PHE A 90 6.19 -5.82 12.91
C PHE A 90 5.40 -7.11 13.08
N LEU A 91 6.09 -8.23 12.97
CA LEU A 91 5.46 -9.54 13.11
C LEU A 91 5.22 -9.88 14.58
N LYS A 92 6.25 -9.68 15.40
CA LYS A 92 6.14 -9.96 16.82
C LYS A 92 5.16 -9.01 17.50
N LEU A 93 4.76 -7.97 16.78
CA LEU A 93 3.82 -6.98 17.30
C LEU A 93 2.38 -7.38 16.99
N LEU A 94 2.10 -7.58 15.70
CA LEU A 94 0.76 -7.97 15.27
C LEU A 94 0.39 -9.35 15.80
N GLN A 95 1.39 -10.07 16.30
CA GLN A 95 1.17 -11.40 16.85
C GLN A 95 0.62 -11.34 18.26
N ASN A 96 1.06 -10.34 19.02
CA ASN A 96 0.61 -10.16 20.39
C ASN A 96 -0.81 -9.60 20.43
N ILE A 97 -1.43 -9.48 19.26
CA ILE A 97 -2.78 -8.95 19.16
C ILE A 97 -3.83 -10.06 19.36
N THR A 98 -5.00 -9.69 19.85
CA THR A 98 -6.07 -10.64 20.08
C THR A 98 -7.12 -10.57 18.98
N ILE A 99 -7.88 -11.65 18.82
CA ILE A 99 -8.92 -11.71 17.80
C ILE A 99 -10.01 -10.68 18.07
N GLY A 100 -10.56 -10.10 17.01
CA GLY A 100 -11.60 -9.11 17.15
C GLY A 100 -11.09 -7.81 17.75
N THR A 101 -10.03 -7.27 17.15
CA THR A 101 -9.45 -6.02 17.63
C THR A 101 -9.45 -4.95 16.55
N VAL A 102 -10.16 -3.86 16.81
CA VAL A 102 -10.26 -2.76 15.85
C VAL A 102 -9.01 -1.88 15.90
N LEU A 103 -8.19 -1.97 14.87
CA LEU A 103 -6.96 -1.18 14.81
C LEU A 103 -6.96 -0.28 13.57
N GLN A 104 -6.27 0.85 13.67
CA GLN A 104 -6.18 1.79 12.56
C GLN A 104 -4.91 1.58 11.75
N ILE A 105 -5.06 1.01 10.56
CA ILE A 105 -3.93 0.74 9.69
C ILE A 105 -3.74 1.86 8.67
N LYS A 106 -2.84 2.78 8.99
CA LYS A 106 -2.56 3.90 8.11
C LYS A 106 -1.34 3.62 7.22
N ALA A 107 -1.56 3.55 5.92
CA ALA A 107 -0.49 3.29 4.97
C ALA A 107 -0.53 4.28 3.81
N TYR A 108 0.60 4.42 3.12
CA TYR A 108 0.71 5.34 1.99
C TYR A 108 0.61 4.58 0.67
N ARG A 109 -0.20 5.10 -0.25
CA ARG A 109 -0.39 4.48 -1.55
C ARG A 109 0.39 5.23 -2.63
N GLY A 110 1.53 5.78 -2.26
CA GLY A 110 2.35 6.51 -3.19
C GLY A 110 3.63 7.02 -2.57
N PHE A 111 4.16 6.29 -1.60
CA PHE A 111 5.40 6.67 -0.93
C PHE A 111 6.56 5.81 -1.40
N LEU A 112 6.53 4.53 -1.02
CA LEU A 112 7.59 3.60 -1.39
C LEU A 112 7.16 2.75 -2.58
N GLU A 113 7.95 2.80 -3.66
CA GLU A 113 7.65 2.04 -4.86
C GLU A 113 7.79 0.54 -4.60
N ILE A 114 7.18 -0.26 -5.47
CA ILE A 114 7.25 -1.71 -5.34
C ILE A 114 8.34 -2.31 -6.23
N PRO A 115 9.15 -3.20 -5.66
CA PRO A 115 10.24 -3.86 -6.38
C PRO A 115 9.73 -4.85 -7.42
N GLN A 116 9.83 -4.47 -8.70
CA GLN A 116 9.37 -5.34 -9.78
C GLN A 116 9.91 -6.75 -9.62
N GLU A 117 11.18 -6.85 -9.24
CA GLU A 117 11.82 -8.15 -9.05
C GLU A 117 10.86 -9.13 -8.36
N TRP A 118 10.20 -8.67 -7.31
CA TRP A 118 9.26 -9.50 -6.57
C TRP A 118 8.17 -10.03 -7.48
N GLN A 119 7.29 -9.14 -7.94
CA GLN A 119 6.21 -9.52 -8.83
C GLN A 119 6.72 -10.34 -10.00
N ASP A 120 6.23 -11.57 -10.13
CA ASP A 120 6.65 -12.46 -11.21
C ASP A 120 5.44 -12.86 -12.07
N SER A 121 4.35 -13.22 -11.41
CA SER A 121 3.14 -13.63 -12.10
C SER A 121 2.05 -12.56 -12.00
N GLY A 122 2.10 -11.59 -12.90
CA GLY A 122 1.11 -10.52 -12.90
C GLY A 122 -0.23 -10.97 -13.41
N PRO A 123 -1.11 -9.99 -13.72
CA PRO A 123 -2.45 -10.28 -14.22
C PRO A 123 -2.43 -10.84 -15.65
N SER A 124 -1.26 -10.79 -16.27
CA SER A 124 -1.11 -11.30 -17.63
C SER A 124 -1.96 -10.49 -18.61
N SER A 125 -1.39 -10.21 -19.79
CA SER A 125 -2.09 -9.45 -20.81
C SER A 125 -2.37 -10.31 -22.04
N GLY A 126 -1.35 -11.04 -22.49
CA GLY A 126 -1.49 -11.89 -23.65
C GLY A 126 -1.60 -13.36 -23.28
N GLY A 1 -21.72 -12.73 -23.71
CA GLY A 1 -20.57 -11.86 -23.67
C GLY A 1 -20.95 -10.39 -23.64
N SER A 2 -20.26 -9.62 -22.80
CA SER A 2 -20.54 -8.20 -22.66
C SER A 2 -19.26 -7.43 -22.32
N SER A 3 -19.35 -6.11 -22.37
CA SER A 3 -18.21 -5.25 -22.07
C SER A 3 -18.58 -3.77 -22.16
N GLY A 4 -17.75 -2.92 -21.56
CA GLY A 4 -18.02 -1.49 -21.59
C GLY A 4 -16.76 -0.67 -21.42
N SER A 5 -16.85 0.38 -20.61
CA SER A 5 -15.72 1.26 -20.37
C SER A 5 -15.26 1.93 -21.67
N SER A 6 -14.27 2.81 -21.55
CA SER A 6 -13.75 3.52 -22.71
C SER A 6 -12.25 3.80 -22.55
N GLY A 7 -11.62 4.23 -23.63
CA GLY A 7 -10.20 4.53 -23.60
C GLY A 7 -9.38 3.42 -22.97
N SER A 8 -8.14 3.71 -22.65
CA SER A 8 -7.25 2.72 -22.04
C SER A 8 -7.42 1.36 -22.71
N LYS A 9 -6.91 0.32 -22.06
CA LYS A 9 -7.01 -1.04 -22.60
C LYS A 9 -8.45 -1.37 -22.97
N ASN A 10 -8.61 -2.04 -24.10
CA ASN A 10 -9.94 -2.42 -24.59
C ASN A 10 -10.78 -1.19 -24.92
N GLU A 11 -11.39 -1.21 -26.10
CA GLU A 11 -12.22 -0.09 -26.54
C GLU A 11 -11.38 1.17 -26.73
N LYS A 12 -11.23 1.59 -27.98
CA LYS A 12 -10.46 2.79 -28.29
C LYS A 12 -11.36 4.00 -28.46
N GLU A 13 -11.67 4.66 -27.34
CA GLU A 13 -12.52 5.83 -27.37
C GLU A 13 -12.06 6.86 -26.33
N GLN A 14 -11.31 7.85 -26.80
CA GLN A 14 -10.80 8.91 -25.91
C GLN A 14 -9.92 8.31 -24.82
N LEU A 15 -8.71 8.83 -24.70
CA LEU A 15 -7.77 8.35 -23.69
C LEU A 15 -7.59 9.38 -22.57
N SER A 16 -7.29 10.61 -22.96
CA SER A 16 -7.10 11.69 -22.00
C SER A 16 -8.04 12.84 -22.27
N LYS A 17 -8.15 13.77 -21.32
CA LYS A 17 -9.03 14.92 -21.46
C LYS A 17 -8.22 16.18 -21.78
N ALA A 18 -8.89 17.18 -22.33
CA ALA A 18 -8.22 18.44 -22.67
C ALA A 18 -8.44 19.49 -21.58
N LYS A 19 -7.50 19.57 -20.65
CA LYS A 19 -7.59 20.53 -19.56
C LYS A 19 -6.41 20.37 -18.60
N ALA A 20 -6.08 21.45 -17.89
CA ALA A 20 -4.97 21.42 -16.95
C ALA A 20 -4.90 20.07 -16.23
N SER A 21 -3.67 19.56 -16.09
CA SER A 21 -3.46 18.28 -15.44
C SER A 21 -2.89 18.47 -14.03
N VAL A 22 -3.41 19.47 -13.32
CA VAL A 22 -2.95 19.76 -11.97
C VAL A 22 -3.44 18.70 -10.99
N SER A 23 -2.65 18.47 -9.94
CA SER A 23 -2.98 17.47 -8.93
C SER A 23 -1.81 17.26 -7.97
N SER A 24 -1.63 18.19 -7.06
CA SER A 24 -0.55 18.11 -6.08
C SER A 24 -1.09 17.74 -4.71
N LEU A 25 -2.13 16.91 -4.69
CA LEU A 25 -2.73 16.47 -3.44
C LEU A 25 -2.19 15.11 -3.01
N ASN A 26 -2.03 14.93 -1.71
CA ASN A 26 -1.52 13.67 -1.17
C ASN A 26 -2.50 13.06 -0.18
N LYS A 27 -3.12 11.96 -0.57
CA LYS A 27 -4.08 11.27 0.30
C LYS A 27 -3.59 9.89 0.66
N VAL A 28 -3.51 9.60 1.96
CA VAL A 28 -3.06 8.30 2.44
C VAL A 28 -4.23 7.35 2.61
N ILE A 29 -3.91 6.08 2.88
CA ILE A 29 -4.95 5.06 3.07
C ILE A 29 -5.06 4.68 4.54
N GLN A 30 -6.29 4.41 4.97
CA GLN A 30 -6.54 4.03 6.35
C GLN A 30 -7.86 3.27 6.48
N THR A 31 -7.78 2.03 6.96
CA THR A 31 -8.96 1.20 7.13
C THR A 31 -8.85 0.32 8.37
N LYS A 32 -10.00 -0.06 8.92
CA LYS A 32 -10.03 -0.90 10.12
C LYS A 32 -10.32 -2.35 9.76
N LEU A 33 -9.32 -3.21 9.95
CA LEU A 33 -9.47 -4.63 9.65
C LEU A 33 -9.97 -5.40 10.87
N THR A 34 -10.78 -6.41 10.62
CA THR A 34 -11.33 -7.24 11.69
C THR A 34 -10.43 -8.43 12.00
N VAL A 35 -9.54 -8.26 12.96
CA VAL A 35 -8.62 -9.33 13.34
C VAL A 35 -9.32 -10.68 13.35
N GLY A 36 -8.73 -11.66 12.68
CA GLY A 36 -9.31 -12.99 12.62
C GLY A 36 -8.60 -13.97 13.52
N ASN A 37 -9.14 -15.18 13.63
CA ASN A 37 -8.55 -16.21 14.46
C ASN A 37 -7.04 -16.30 14.26
N LEU A 38 -6.62 -16.29 12.99
CA LEU A 38 -5.20 -16.36 12.66
C LEU A 38 -4.59 -14.97 12.60
N GLY A 39 -5.44 -13.95 12.65
CA GLY A 39 -4.96 -12.58 12.61
C GLY A 39 -4.33 -12.23 11.27
N LEU A 40 -4.46 -10.97 10.86
CA LEU A 40 -3.90 -10.51 9.60
C LEU A 40 -2.47 -11.00 9.43
N GLY A 41 -2.30 -12.06 8.65
CA GLY A 41 -0.97 -12.61 8.41
C GLY A 41 -0.28 -11.97 7.23
N LEU A 42 -0.76 -10.79 6.82
CA LEU A 42 -0.18 -10.08 5.69
C LEU A 42 1.28 -10.46 5.51
N VAL A 43 1.64 -10.83 4.29
CA VAL A 43 3.02 -11.21 3.98
C VAL A 43 3.85 -9.99 3.62
N VAL A 44 4.12 -9.15 4.61
CA VAL A 44 4.92 -7.95 4.40
C VAL A 44 6.41 -8.27 4.39
N ILE A 45 7.20 -7.36 3.82
CA ILE A 45 8.64 -7.54 3.76
C ILE A 45 9.38 -6.28 4.18
N GLN A 46 10.70 -6.36 4.22
CA GLN A 46 11.53 -5.22 4.61
C GLN A 46 12.00 -4.44 3.39
N ASN A 47 11.20 -3.48 2.95
CA ASN A 47 11.53 -2.67 1.79
C ASN A 47 11.64 -1.19 2.17
N GLY A 48 12.87 -0.68 2.23
CA GLY A 48 13.08 0.71 2.58
C GLY A 48 12.92 0.96 4.06
N PRO A 49 12.76 2.23 4.44
CA PRO A 49 12.59 2.64 5.84
C PRO A 49 11.24 2.21 6.41
N TYR A 50 10.37 1.70 5.54
CA TYR A 50 9.05 1.25 5.96
C TYR A 50 8.79 -0.18 5.50
N LEU A 51 7.78 -0.81 6.08
CA LEU A 51 7.42 -2.17 5.74
C LEU A 51 6.33 -2.21 4.66
N GLN A 52 6.74 -2.48 3.43
CA GLN A 52 5.81 -2.54 2.31
C GLN A 52 5.10 -3.89 2.27
N ILE A 53 3.77 -3.86 2.28
CA ILE A 53 2.98 -5.09 2.25
C ILE A 53 3.16 -5.81 0.92
N SER A 54 4.14 -6.72 0.87
CA SER A 54 4.42 -7.47 -0.34
C SER A 54 3.19 -8.27 -0.78
N HIS A 55 2.48 -8.83 0.19
CA HIS A 55 1.28 -9.61 -0.09
C HIS A 55 0.37 -9.69 1.13
N LEU A 56 -0.91 -9.90 0.90
CA LEU A 56 -1.88 -9.99 1.99
C LEU A 56 -2.47 -11.39 2.09
N ILE A 57 -2.61 -11.88 3.31
CA ILE A 57 -3.16 -13.22 3.54
C ILE A 57 -4.65 -13.26 3.20
N ASN A 58 -4.98 -13.97 2.11
CA ASN A 58 -6.36 -14.09 1.67
C ASN A 58 -7.27 -14.45 2.84
N LYS A 59 -6.81 -15.36 3.69
CA LYS A 59 -7.59 -15.79 4.85
C LYS A 59 -7.28 -14.91 6.06
N GLY A 60 -7.27 -13.60 5.85
CA GLY A 60 -6.98 -12.67 6.94
C GLY A 60 -7.94 -11.50 6.96
N ALA A 61 -7.51 -10.41 7.59
CA ALA A 61 -8.34 -9.21 7.69
C ALA A 61 -7.97 -8.20 6.61
N ALA A 62 -6.67 -8.09 6.34
CA ALA A 62 -6.18 -7.15 5.32
C ALA A 62 -6.64 -7.57 3.93
N ALA A 63 -6.37 -8.82 3.57
CA ALA A 63 -6.75 -9.35 2.27
C ALA A 63 -8.27 -9.29 2.08
N SER A 64 -9.00 -9.39 3.19
CA SER A 64 -10.46 -9.36 3.15
C SER A 64 -10.97 -7.92 3.12
N ASP A 65 -10.04 -6.97 3.14
CA ASP A 65 -10.40 -5.55 3.11
C ASP A 65 -10.07 -4.93 1.77
N GLY A 66 -11.10 -4.50 1.05
CA GLY A 66 -10.91 -3.89 -0.25
C GLY A 66 -10.43 -2.45 -0.15
N ILE A 67 -9.48 -2.20 0.73
CA ILE A 67 -8.94 -0.87 0.92
C ILE A 67 -7.42 -0.90 0.98
N LEU A 68 -6.86 -1.90 1.64
CA LEU A 68 -5.42 -2.04 1.77
C LEU A 68 -4.86 -2.90 0.65
N GLN A 69 -3.84 -2.39 -0.05
CA GLN A 69 -3.22 -3.11 -1.14
C GLN A 69 -1.78 -3.51 -0.79
N PRO A 70 -1.32 -4.62 -1.36
CA PRO A 70 0.04 -5.12 -1.13
C PRO A 70 1.11 -4.23 -1.76
N GLY A 71 1.48 -3.17 -1.05
CA GLY A 71 2.49 -2.26 -1.55
C GLY A 71 2.35 -0.86 -0.97
N ASP A 72 1.96 -0.79 0.30
CA ASP A 72 1.80 0.49 0.97
C ASP A 72 2.93 0.74 1.97
N VAL A 73 2.73 1.71 2.84
CA VAL A 73 3.73 2.05 3.85
C VAL A 73 3.08 2.31 5.20
N LEU A 74 2.90 1.24 5.97
CA LEU A 74 2.29 1.35 7.30
C LEU A 74 2.98 2.41 8.13
N ILE A 75 2.18 3.20 8.85
CA ILE A 75 2.72 4.26 9.68
C ILE A 75 2.03 4.28 11.06
N SER A 76 1.41 3.16 11.41
CA SER A 76 0.73 3.05 12.69
C SER A 76 -0.29 1.90 12.66
N VAL A 77 0.21 0.68 12.75
CA VAL A 77 -0.64 -0.50 12.73
C VAL A 77 -1.03 -0.91 14.14
N GLY A 78 -2.17 -0.42 14.61
CA GLY A 78 -2.64 -0.75 15.94
C GLY A 78 -2.13 0.22 16.99
N HIS A 79 -2.27 1.52 16.72
CA HIS A 79 -1.82 2.54 17.65
C HIS A 79 -0.34 2.36 17.97
N ALA A 80 0.35 1.56 17.17
CA ALA A 80 1.77 1.31 17.37
C ALA A 80 2.59 1.81 16.19
N ASN A 81 3.09 3.04 16.30
CA ASN A 81 3.89 3.63 15.23
C ASN A 81 4.90 2.63 14.69
N VAL A 82 4.56 2.02 13.55
CA VAL A 82 5.43 1.04 12.92
C VAL A 82 6.16 1.63 11.71
N LEU A 83 6.31 2.96 11.72
CA LEU A 83 6.97 3.65 10.63
C LEU A 83 8.30 2.99 10.29
N GLY A 84 9.19 2.91 11.28
CA GLY A 84 10.49 2.30 11.06
C GLY A 84 10.56 0.90 11.64
N TYR A 85 9.41 0.34 11.99
CA TYR A 85 9.35 -1.00 12.56
C TYR A 85 9.91 -2.04 11.58
N THR A 86 10.75 -2.93 12.09
CA THR A 86 11.36 -3.97 11.25
C THR A 86 10.38 -5.12 11.03
N LEU A 87 10.75 -6.02 10.13
CA LEU A 87 9.91 -7.18 9.83
C LEU A 87 9.72 -8.06 11.06
N ARG A 88 10.82 -8.32 11.76
CA ARG A 88 10.76 -9.15 12.96
C ARG A 88 9.93 -8.48 14.05
N GLU A 89 10.35 -7.30 14.47
CA GLU A 89 9.64 -6.55 15.51
C GLU A 89 8.17 -6.36 15.13
N PHE A 90 7.90 -6.35 13.83
CA PHE A 90 6.54 -6.18 13.33
C PHE A 90 5.72 -7.45 13.56
N LEU A 91 6.18 -8.56 13.00
CA LEU A 91 5.49 -9.84 13.15
C LEU A 91 5.27 -10.17 14.61
N LYS A 92 6.20 -9.76 15.46
CA LYS A 92 6.11 -10.02 16.89
C LYS A 92 5.09 -9.09 17.55
N LEU A 93 4.93 -7.90 16.97
CA LEU A 93 3.99 -6.92 17.51
C LEU A 93 2.55 -7.36 17.25
N LEU A 94 2.19 -7.50 15.99
CA LEU A 94 0.84 -7.91 15.61
C LEU A 94 0.48 -9.23 16.28
N GLN A 95 1.49 -9.95 16.76
CA GLN A 95 1.27 -11.23 17.43
C GLN A 95 0.68 -11.02 18.82
N ASN A 96 0.52 -9.76 19.21
CA ASN A 96 -0.03 -9.43 20.52
C ASN A 96 -1.48 -8.97 20.40
N ILE A 97 -2.00 -8.99 19.17
CA ILE A 97 -3.37 -8.57 18.91
C ILE A 97 -4.35 -9.70 19.23
N THR A 98 -5.56 -9.32 19.66
CA THR A 98 -6.58 -10.30 19.99
C THR A 98 -7.64 -10.39 18.88
N ILE A 99 -8.34 -11.51 18.84
CA ILE A 99 -9.36 -11.74 17.83
C ILE A 99 -10.51 -10.74 17.99
N GLY A 100 -10.99 -10.21 16.88
CA GLY A 100 -12.07 -9.25 16.91
C GLY A 100 -11.65 -7.92 17.50
N THR A 101 -10.59 -7.35 16.95
CA THR A 101 -10.08 -6.06 17.43
C THR A 101 -10.04 -5.03 16.31
N VAL A 102 -10.45 -3.81 16.62
CA VAL A 102 -10.47 -2.73 15.63
C VAL A 102 -9.20 -1.90 15.72
N LEU A 103 -8.43 -1.88 14.64
CA LEU A 103 -7.18 -1.12 14.59
C LEU A 103 -7.15 -0.21 13.36
N GLN A 104 -6.46 0.91 13.48
CA GLN A 104 -6.35 1.87 12.39
C GLN A 104 -5.04 1.66 11.62
N ILE A 105 -5.12 1.00 10.47
CA ILE A 105 -3.95 0.75 9.65
C ILE A 105 -3.75 1.85 8.61
N LYS A 106 -2.85 2.78 8.92
CA LYS A 106 -2.56 3.89 8.02
C LYS A 106 -1.32 3.60 7.18
N ALA A 107 -1.46 3.69 5.85
CA ALA A 107 -0.35 3.44 4.95
C ALA A 107 -0.31 4.48 3.83
N TYR A 108 0.89 4.74 3.31
CA TYR A 108 1.06 5.71 2.24
C TYR A 108 1.07 5.02 0.88
N ARG A 109 0.16 5.45 0.00
CA ARG A 109 0.06 4.88 -1.33
C ARG A 109 0.76 5.76 -2.36
N GLY A 110 2.07 5.93 -2.20
CA GLY A 110 2.83 6.76 -3.12
C GLY A 110 4.19 7.14 -2.55
N PHE A 111 4.32 7.08 -1.24
CA PHE A 111 5.58 7.44 -0.57
C PHE A 111 6.75 6.76 -1.27
N LEU A 112 6.86 5.44 -1.09
CA LEU A 112 7.94 4.67 -1.69
C LEU A 112 7.40 3.72 -2.76
N GLU A 113 8.29 3.27 -3.65
CA GLU A 113 7.90 2.36 -4.71
C GLU A 113 8.27 0.93 -4.35
N ILE A 114 7.67 -0.03 -5.07
CA ILE A 114 7.93 -1.44 -4.83
C ILE A 114 9.07 -1.95 -5.70
N PRO A 115 9.95 -2.77 -5.12
CA PRO A 115 11.09 -3.34 -5.83
C PRO A 115 10.68 -4.37 -6.88
N GLN A 116 10.81 -4.00 -8.15
CA GLN A 116 10.44 -4.90 -9.24
C GLN A 116 11.06 -6.28 -9.05
N GLU A 117 12.34 -6.29 -8.67
CA GLU A 117 13.06 -7.54 -8.47
C GLU A 117 12.13 -8.60 -7.85
N TRP A 118 11.30 -8.18 -6.91
CA TRP A 118 10.37 -9.09 -6.26
C TRP A 118 9.34 -9.63 -7.24
N GLN A 119 8.46 -8.76 -7.71
CA GLN A 119 7.43 -9.15 -8.67
C GLN A 119 8.02 -10.00 -9.79
N ASP A 120 7.51 -11.21 -9.95
CA ASP A 120 7.98 -12.12 -10.99
C ASP A 120 8.16 -11.39 -12.32
N SER A 121 7.07 -10.78 -12.80
CA SER A 121 7.11 -10.06 -14.06
C SER A 121 5.95 -9.05 -14.13
N GLY A 122 6.13 -8.02 -14.95
CA GLY A 122 5.11 -7.01 -15.10
C GLY A 122 4.78 -6.72 -16.55
N PRO A 123 3.79 -5.85 -16.77
CA PRO A 123 3.35 -5.48 -18.13
C PRO A 123 4.38 -4.62 -18.85
N SER A 124 5.25 -3.97 -18.07
CA SER A 124 6.29 -3.12 -18.64
C SER A 124 6.93 -3.78 -19.85
N SER A 125 6.96 -3.06 -20.97
CA SER A 125 7.55 -3.58 -22.20
C SER A 125 7.54 -2.52 -23.29
N GLY A 126 8.73 -2.08 -23.70
CA GLY A 126 8.83 -1.07 -24.74
C GLY A 126 9.72 0.09 -24.33
N GLY A 1 -18.04 -28.45 -10.21
CA GLY A 1 -16.88 -27.86 -10.86
C GLY A 1 -16.47 -26.56 -10.20
N SER A 2 -15.46 -25.91 -10.78
CA SER A 2 -14.96 -24.65 -10.25
C SER A 2 -13.97 -24.00 -11.22
N SER A 3 -13.95 -22.68 -11.24
CA SER A 3 -13.05 -21.94 -12.12
C SER A 3 -12.70 -20.58 -11.52
N GLY A 4 -11.64 -19.97 -12.04
CA GLY A 4 -11.22 -18.67 -11.55
C GLY A 4 -11.26 -17.60 -12.62
N SER A 5 -10.55 -16.50 -12.38
CA SER A 5 -10.51 -15.40 -13.33
C SER A 5 -9.48 -14.35 -12.92
N SER A 6 -9.04 -13.54 -13.87
CA SER A 6 -8.05 -12.52 -13.62
C SER A 6 -7.89 -11.58 -14.82
N GLY A 7 -7.80 -10.29 -14.55
CA GLY A 7 -7.64 -9.32 -15.62
C GLY A 7 -6.69 -9.80 -16.70
N SER A 8 -6.80 -9.21 -17.90
CA SER A 8 -5.94 -9.59 -19.02
C SER A 8 -6.20 -11.03 -19.43
N LYS A 9 -7.46 -11.34 -19.76
CA LYS A 9 -7.83 -12.68 -20.18
C LYS A 9 -8.87 -12.63 -21.30
N ASN A 10 -9.39 -13.80 -21.66
CA ASN A 10 -10.40 -13.88 -22.72
C ASN A 10 -11.45 -12.80 -22.55
N GLU A 11 -12.09 -12.42 -23.66
CA GLU A 11 -13.12 -11.39 -23.62
C GLU A 11 -12.56 -10.06 -23.14
N LYS A 12 -12.96 -8.98 -23.79
CA LYS A 12 -12.50 -7.64 -23.43
C LYS A 12 -13.23 -7.14 -22.18
N GLU A 13 -12.60 -7.35 -21.02
CA GLU A 13 -13.18 -6.92 -19.76
C GLU A 13 -12.21 -7.12 -18.61
N GLN A 14 -12.33 -6.29 -17.57
CA GLN A 14 -11.45 -6.37 -16.42
C GLN A 14 -10.03 -5.97 -16.78
N LEU A 15 -9.86 -5.47 -18.00
CA LEU A 15 -8.54 -5.03 -18.47
C LEU A 15 -8.25 -3.60 -18.04
N SER A 16 -7.07 -3.11 -18.40
CA SER A 16 -6.67 -1.75 -18.06
C SER A 16 -6.36 -0.94 -19.31
N LYS A 17 -6.48 0.38 -19.20
CA LYS A 17 -6.22 1.27 -20.32
C LYS A 17 -4.74 1.61 -20.41
N ALA A 18 -4.32 2.14 -21.55
CA ALA A 18 -2.92 2.51 -21.77
C ALA A 18 -2.78 4.02 -21.95
N LYS A 19 -3.14 4.78 -20.92
CA LYS A 19 -3.05 6.23 -20.96
C LYS A 19 -2.52 6.78 -19.64
N ALA A 20 -2.21 8.07 -19.62
CA ALA A 20 -1.71 8.72 -18.42
C ALA A 20 -2.58 9.91 -18.02
N SER A 21 -2.71 10.14 -16.72
CA SER A 21 -3.52 11.25 -16.22
C SER A 21 -3.08 11.63 -14.80
N VAL A 22 -1.77 11.74 -14.60
CA VAL A 22 -1.23 12.11 -13.30
C VAL A 22 -1.40 13.60 -13.03
N SER A 23 -1.51 13.95 -11.75
CA SER A 23 -1.69 15.35 -11.37
C SER A 23 -1.16 15.59 -9.96
N SER A 24 0.01 15.02 -9.66
CA SER A 24 0.63 15.17 -8.35
C SER A 24 -0.42 15.11 -7.25
N LEU A 25 -0.75 13.89 -6.82
CA LEU A 25 -1.74 13.69 -5.77
C LEU A 25 -1.17 12.83 -4.64
N ASN A 26 -1.37 13.29 -3.41
CA ASN A 26 -0.88 12.56 -2.24
C ASN A 26 -2.00 12.30 -1.25
N LYS A 27 -2.43 11.05 -1.15
CA LYS A 27 -3.50 10.66 -0.23
C LYS A 27 -3.03 9.55 0.71
N VAL A 28 -3.54 9.58 1.94
CA VAL A 28 -3.18 8.57 2.93
C VAL A 28 -4.29 7.55 3.10
N ILE A 29 -3.93 6.27 3.03
CA ILE A 29 -4.90 5.20 3.18
C ILE A 29 -5.04 4.78 4.64
N GLN A 30 -6.28 4.68 5.11
CA GLN A 30 -6.55 4.28 6.49
C GLN A 30 -7.87 3.54 6.60
N THR A 31 -7.81 2.30 7.07
CA THR A 31 -9.01 1.47 7.21
C THR A 31 -8.91 0.58 8.45
N LYS A 32 -10.06 0.19 8.98
CA LYS A 32 -10.11 -0.67 10.16
C LYS A 32 -10.37 -2.12 9.76
N LEU A 33 -9.43 -3.00 10.11
CA LEU A 33 -9.57 -4.42 9.80
C LEU A 33 -10.07 -5.20 11.01
N THR A 34 -10.77 -6.30 10.74
CA THR A 34 -11.30 -7.14 11.81
C THR A 34 -10.45 -8.38 12.01
N VAL A 35 -9.52 -8.31 12.95
CA VAL A 35 -8.64 -9.44 13.24
C VAL A 35 -9.40 -10.75 13.21
N GLY A 36 -8.78 -11.79 12.64
CA GLY A 36 -9.41 -13.09 12.56
C GLY A 36 -8.73 -14.13 13.43
N ASN A 37 -9.28 -15.33 13.44
CA ASN A 37 -8.72 -16.42 14.24
C ASN A 37 -7.19 -16.41 14.18
N LEU A 38 -6.66 -16.42 12.96
CA LEU A 38 -5.21 -16.42 12.76
C LEU A 38 -4.67 -14.99 12.75
N GLY A 39 -5.57 -14.02 12.79
CA GLY A 39 -5.17 -12.63 12.79
C GLY A 39 -4.45 -12.24 11.51
N LEU A 40 -4.72 -11.02 11.04
CA LEU A 40 -4.11 -10.52 9.81
C LEU A 40 -2.60 -10.77 9.82
N GLY A 41 -2.17 -11.81 9.11
CA GLY A 41 -0.76 -12.14 9.05
C GLY A 41 -0.11 -11.67 7.77
N LEU A 42 -0.67 -10.62 7.17
CA LEU A 42 -0.14 -10.08 5.92
C LEU A 42 1.35 -10.40 5.78
N VAL A 43 1.75 -10.81 4.58
CA VAL A 43 3.14 -11.15 4.31
C VAL A 43 3.92 -9.92 3.84
N VAL A 44 4.48 -9.18 4.78
CA VAL A 44 5.25 -7.98 4.46
C VAL A 44 6.72 -8.33 4.19
N ILE A 45 7.46 -7.35 3.70
CA ILE A 45 8.88 -7.55 3.40
C ILE A 45 9.71 -6.36 3.86
N GLN A 46 10.96 -6.61 4.21
CA GLN A 46 11.86 -5.56 4.68
C GLN A 46 12.39 -4.75 3.50
N ASN A 47 11.65 -3.70 3.13
CA ASN A 47 12.06 -2.84 2.03
C ASN A 47 12.28 -1.41 2.50
N GLY A 48 13.50 -1.11 2.92
CA GLY A 48 13.82 0.23 3.39
C GLY A 48 13.46 0.43 4.85
N PRO A 49 13.47 1.69 5.30
CA PRO A 49 13.14 2.04 6.68
C PRO A 49 11.66 1.84 7.00
N TYR A 50 10.90 1.38 6.00
CA TYR A 50 9.48 1.15 6.18
C TYR A 50 9.10 -0.26 5.73
N LEU A 51 7.93 -0.72 6.16
CA LEU A 51 7.44 -2.04 5.80
C LEU A 51 6.47 -1.97 4.63
N GLN A 52 6.88 -2.56 3.49
CA GLN A 52 6.04 -2.55 2.30
C GLN A 52 5.32 -3.89 2.14
N ILE A 53 4.01 -3.87 2.30
CA ILE A 53 3.21 -5.08 2.17
C ILE A 53 3.47 -5.78 0.84
N SER A 54 4.03 -6.98 0.91
CA SER A 54 4.33 -7.75 -0.29
C SER A 54 3.15 -8.66 -0.67
N HIS A 55 2.41 -9.09 0.33
CA HIS A 55 1.26 -9.97 0.10
C HIS A 55 0.33 -9.95 1.32
N LEU A 56 -0.97 -10.07 1.05
CA LEU A 56 -1.97 -10.08 2.11
C LEU A 56 -2.50 -11.48 2.37
N ILE A 57 -2.55 -11.86 3.64
CA ILE A 57 -3.03 -13.18 4.02
C ILE A 57 -4.52 -13.34 3.72
N ASN A 58 -4.83 -14.06 2.65
CA ASN A 58 -6.21 -14.28 2.26
C ASN A 58 -7.09 -14.57 3.47
N LYS A 59 -6.68 -15.55 4.27
CA LYS A 59 -7.42 -15.93 5.47
C LYS A 59 -7.15 -14.94 6.60
N GLY A 60 -7.20 -13.65 6.28
CA GLY A 60 -6.96 -12.63 7.28
C GLY A 60 -7.92 -11.46 7.16
N ALA A 61 -7.54 -10.31 7.70
CA ALA A 61 -8.38 -9.12 7.65
C ALA A 61 -7.97 -8.21 6.50
N ALA A 62 -6.66 -8.02 6.34
CA ALA A 62 -6.14 -7.17 5.28
C ALA A 62 -6.48 -7.73 3.91
N ALA A 63 -6.23 -9.02 3.71
CA ALA A 63 -6.52 -9.68 2.45
C ALA A 63 -8.01 -9.62 2.12
N SER A 64 -8.82 -9.30 3.13
CA SER A 64 -10.26 -9.22 2.96
C SER A 64 -10.70 -7.76 2.85
N ASP A 65 -9.75 -6.84 2.90
CA ASP A 65 -10.04 -5.41 2.80
C ASP A 65 -9.60 -4.86 1.45
N GLY A 66 -10.57 -4.55 0.61
CA GLY A 66 -10.27 -4.01 -0.70
C GLY A 66 -9.58 -2.67 -0.63
N ILE A 67 -9.51 -2.10 0.56
CA ILE A 67 -8.87 -0.80 0.76
C ILE A 67 -7.35 -0.94 0.80
N LEU A 68 -6.87 -1.81 1.68
CA LEU A 68 -5.43 -2.03 1.81
C LEU A 68 -4.94 -3.04 0.78
N GLN A 69 -3.97 -2.62 -0.03
CA GLN A 69 -3.42 -3.49 -1.07
C GLN A 69 -1.96 -3.84 -0.75
N PRO A 70 -1.48 -4.94 -1.35
CA PRO A 70 -0.11 -5.41 -1.15
C PRO A 70 0.92 -4.49 -1.80
N GLY A 71 1.24 -3.38 -1.13
CA GLY A 71 2.20 -2.44 -1.65
C GLY A 71 2.08 -1.07 -1.01
N ASP A 72 1.73 -1.05 0.27
CA ASP A 72 1.58 0.20 1.01
C ASP A 72 2.66 0.33 2.07
N VAL A 73 2.68 1.49 2.74
CA VAL A 73 3.67 1.74 3.79
C VAL A 73 2.98 2.07 5.12
N LEU A 74 2.83 1.07 5.97
CA LEU A 74 2.19 1.26 7.26
C LEU A 74 2.92 2.32 8.08
N ILE A 75 2.16 3.17 8.76
CA ILE A 75 2.74 4.23 9.58
C ILE A 75 2.01 4.35 10.91
N SER A 76 1.39 3.26 11.34
CA SER A 76 0.65 3.23 12.60
C SER A 76 -0.34 2.07 12.64
N VAL A 77 0.19 0.87 12.84
CA VAL A 77 -0.65 -0.32 12.90
C VAL A 77 -0.96 -0.71 14.33
N GLY A 78 -2.24 -0.62 14.70
CA GLY A 78 -2.64 -0.97 16.05
C GLY A 78 -2.21 0.07 17.07
N HIS A 79 -2.34 1.34 16.70
CA HIS A 79 -1.96 2.43 17.60
C HIS A 79 -0.48 2.36 17.95
N ALA A 80 0.28 1.63 17.14
CA ALA A 80 1.71 1.47 17.37
C ALA A 80 2.52 2.00 16.18
N ASN A 81 3.08 3.20 16.34
CA ASN A 81 3.88 3.81 15.28
C ASN A 81 4.85 2.80 14.69
N VAL A 82 4.41 2.11 13.63
CA VAL A 82 5.24 1.11 12.96
C VAL A 82 6.04 1.73 11.83
N LEU A 83 6.16 3.06 11.85
CA LEU A 83 6.89 3.79 10.83
C LEU A 83 8.29 3.19 10.64
N GLY A 84 8.98 2.94 11.74
CA GLY A 84 10.31 2.37 11.68
C GLY A 84 10.35 0.92 12.13
N TYR A 85 9.18 0.29 12.17
CA TYR A 85 9.08 -1.11 12.58
C TYR A 85 9.58 -2.04 11.48
N THR A 86 10.45 -2.97 11.87
CA THR A 86 11.01 -3.93 10.91
C THR A 86 10.11 -5.15 10.77
N LEU A 87 10.49 -6.06 9.89
CA LEU A 87 9.73 -7.28 9.66
C LEU A 87 9.58 -8.08 10.95
N ARG A 88 10.67 -8.20 11.69
CA ARG A 88 10.66 -8.94 12.96
C ARG A 88 9.86 -8.20 14.02
N GLU A 89 10.17 -6.91 14.19
CA GLU A 89 9.48 -6.09 15.17
C GLU A 89 8.00 -5.93 14.82
N PHE A 90 7.69 -6.07 13.53
CA PHE A 90 6.32 -5.95 13.06
C PHE A 90 5.54 -7.24 13.31
N LEU A 91 5.94 -8.30 12.63
CA LEU A 91 5.26 -9.59 12.78
C LEU A 91 5.05 -9.93 14.25
N LYS A 92 6.00 -9.54 15.08
CA LYS A 92 5.91 -9.79 16.52
C LYS A 92 4.81 -8.95 17.16
N LEU A 93 4.59 -7.76 16.61
CA LEU A 93 3.56 -6.86 17.12
C LEU A 93 2.17 -7.45 16.91
N LEU A 94 1.76 -7.58 15.66
CA LEU A 94 0.46 -8.13 15.32
C LEU A 94 0.26 -9.49 15.98
N GLN A 95 1.35 -10.24 16.14
CA GLN A 95 1.30 -11.56 16.75
C GLN A 95 0.80 -11.46 18.19
N ASN A 96 0.68 -10.25 18.69
CA ASN A 96 0.22 -10.01 20.05
C ASN A 96 -1.22 -9.50 20.07
N ILE A 97 -1.82 -9.41 18.89
CA ILE A 97 -3.19 -8.94 18.77
C ILE A 97 -4.18 -10.08 18.96
N THR A 98 -5.31 -9.77 19.60
CA THR A 98 -6.34 -10.75 19.86
C THR A 98 -7.42 -10.72 18.78
N ILE A 99 -8.13 -11.84 18.63
CA ILE A 99 -9.19 -11.93 17.64
C ILE A 99 -10.31 -10.93 17.93
N GLY A 100 -10.95 -10.44 16.89
CA GLY A 100 -12.04 -9.50 17.05
C GLY A 100 -11.58 -8.18 17.65
N THR A 101 -10.49 -7.63 17.09
CA THR A 101 -9.95 -6.37 17.58
C THR A 101 -9.92 -5.32 16.47
N VAL A 102 -10.34 -4.11 16.81
CA VAL A 102 -10.35 -3.02 15.84
C VAL A 102 -9.08 -2.19 15.91
N LEU A 103 -8.37 -2.11 14.79
CA LEU A 103 -7.12 -1.35 14.73
C LEU A 103 -7.13 -0.39 13.55
N GLN A 104 -6.37 0.70 13.68
CA GLN A 104 -6.30 1.70 12.62
C GLN A 104 -5.00 1.56 11.83
N ILE A 105 -5.10 1.00 10.63
CA ILE A 105 -3.95 0.81 9.77
C ILE A 105 -3.79 1.96 8.79
N LYS A 106 -2.79 2.82 9.03
CA LYS A 106 -2.54 3.95 8.15
C LYS A 106 -1.35 3.70 7.24
N ALA A 107 -1.61 3.53 5.95
CA ALA A 107 -0.56 3.27 4.99
C ALA A 107 -0.67 4.23 3.79
N TYR A 108 0.46 4.49 3.15
CA TYR A 108 0.50 5.39 2.00
C TYR A 108 0.24 4.63 0.71
N ARG A 109 -0.38 5.31 -0.26
CA ARG A 109 -0.69 4.70 -1.54
C ARG A 109 0.01 5.44 -2.69
N GLY A 110 1.21 5.93 -2.41
CA GLY A 110 1.96 6.66 -3.42
C GLY A 110 3.27 7.21 -2.89
N PHE A 111 3.86 6.49 -1.94
CA PHE A 111 5.12 6.92 -1.34
C PHE A 111 6.26 5.98 -1.75
N LEU A 112 6.21 4.75 -1.26
CA LEU A 112 7.24 3.76 -1.58
C LEU A 112 6.81 2.88 -2.74
N GLU A 113 7.58 2.91 -3.82
CA GLU A 113 7.28 2.11 -5.00
C GLU A 113 7.48 0.62 -4.71
N ILE A 114 7.03 -0.22 -5.65
CA ILE A 114 7.16 -1.66 -5.50
C ILE A 114 8.27 -2.21 -6.38
N PRO A 115 9.11 -3.07 -5.80
CA PRO A 115 10.24 -3.69 -6.51
C PRO A 115 9.78 -4.69 -7.57
N GLN A 116 9.89 -4.31 -8.83
CA GLN A 116 9.49 -5.18 -9.93
C GLN A 116 9.84 -6.63 -9.63
N GLU A 117 11.08 -6.86 -9.20
CA GLU A 117 11.54 -8.21 -8.89
C GLU A 117 10.46 -8.99 -8.14
N TRP A 118 9.83 -8.34 -7.18
CA TRP A 118 8.78 -8.98 -6.39
C TRP A 118 7.51 -9.17 -7.22
N GLN A 119 6.79 -8.07 -7.46
CA GLN A 119 5.57 -8.12 -8.24
C GLN A 119 4.64 -9.23 -7.73
N ASP A 120 3.58 -9.48 -8.47
CA ASP A 120 2.62 -10.52 -8.11
C ASP A 120 3.23 -11.90 -8.24
N SER A 121 3.99 -12.11 -9.31
CA SER A 121 4.63 -13.40 -9.56
C SER A 121 3.60 -14.51 -9.62
N GLY A 122 3.38 -15.05 -10.82
CA GLY A 122 2.42 -16.13 -10.99
C GLY A 122 2.94 -17.22 -11.90
N PRO A 123 2.02 -17.99 -12.49
CA PRO A 123 2.36 -19.10 -13.39
C PRO A 123 2.93 -18.61 -14.71
N SER A 124 3.00 -17.29 -14.88
CA SER A 124 3.52 -16.68 -16.10
C SER A 124 2.46 -16.69 -17.20
N SER A 125 2.40 -15.60 -17.95
CA SER A 125 1.42 -15.48 -19.03
C SER A 125 1.67 -14.21 -19.84
N GLY A 126 1.25 -14.23 -21.10
CA GLY A 126 1.44 -13.07 -21.96
C GLY A 126 0.13 -12.36 -22.27
N GLY A 1 12.68 -0.23 -52.69
CA GLY A 1 12.31 0.46 -51.47
C GLY A 1 13.10 1.72 -51.23
N SER A 2 12.76 2.45 -50.19
CA SER A 2 13.44 3.69 -49.86
C SER A 2 13.26 4.05 -48.38
N SER A 3 13.90 5.13 -47.95
CA SER A 3 13.81 5.57 -46.57
C SER A 3 13.87 7.09 -46.48
N GLY A 4 13.72 7.61 -45.27
CA GLY A 4 13.76 9.05 -45.07
C GLY A 4 13.92 9.43 -43.61
N SER A 5 13.54 10.66 -43.27
CA SER A 5 13.66 11.15 -41.91
C SER A 5 12.46 12.01 -41.53
N SER A 6 12.21 12.14 -40.23
CA SER A 6 11.08 12.92 -39.74
C SER A 6 11.40 13.53 -38.37
N GLY A 7 11.75 12.67 -37.42
CA GLY A 7 12.08 13.13 -36.09
C GLY A 7 13.28 14.05 -36.07
N SER A 8 13.35 14.92 -35.06
CA SER A 8 14.46 15.85 -34.94
C SER A 8 14.81 16.47 -36.29
N LYS A 9 13.80 16.60 -37.14
CA LYS A 9 14.00 17.17 -38.47
C LYS A 9 15.38 16.81 -39.02
N ASN A 10 15.85 15.62 -38.69
CA ASN A 10 17.16 15.17 -39.14
C ASN A 10 17.45 13.75 -38.65
N GLU A 11 18.25 13.01 -39.42
CA GLU A 11 18.59 11.64 -39.06
C GLU A 11 17.34 10.84 -38.67
N LYS A 12 17.55 9.61 -38.25
CA LYS A 12 16.45 8.74 -37.85
C LYS A 12 15.50 9.47 -36.89
N GLU A 13 14.33 8.88 -36.67
CA GLU A 13 13.34 9.49 -35.78
C GLU A 13 13.89 9.62 -34.37
N GLN A 14 14.61 10.71 -34.12
CA GLN A 14 15.19 10.96 -32.81
C GLN A 14 14.39 12.02 -32.06
N LEU A 15 13.26 12.41 -32.62
CA LEU A 15 12.40 13.41 -32.00
C LEU A 15 12.27 13.17 -30.50
N SER A 16 11.94 14.22 -29.75
CA SER A 16 11.79 14.12 -28.31
C SER A 16 10.31 14.11 -27.92
N LYS A 17 10.04 13.78 -26.66
CA LYS A 17 8.68 13.74 -26.16
C LYS A 17 8.21 15.12 -25.71
N ALA A 18 6.89 15.31 -25.68
CA ALA A 18 6.32 16.59 -25.28
C ALA A 18 5.21 16.38 -24.24
N LYS A 19 5.60 16.23 -22.98
CA LYS A 19 4.64 16.02 -21.91
C LYS A 19 5.16 16.59 -20.59
N ALA A 20 4.30 16.62 -19.58
CA ALA A 20 4.69 17.13 -18.27
C ALA A 20 4.97 15.99 -17.29
N SER A 21 6.11 16.08 -16.61
CA SER A 21 6.50 15.05 -15.64
C SER A 21 6.25 15.53 -14.22
N VAL A 22 5.07 16.12 -13.99
CA VAL A 22 4.71 16.63 -12.67
C VAL A 22 3.70 15.70 -12.01
N SER A 23 3.73 15.67 -10.67
CA SER A 23 2.81 14.83 -9.92
C SER A 23 3.19 14.80 -8.44
N SER A 24 2.88 15.88 -7.74
CA SER A 24 3.19 16.00 -6.31
C SER A 24 1.97 15.72 -5.47
N LEU A 25 1.19 14.71 -5.86
CA LEU A 25 -0.02 14.35 -5.13
C LEU A 25 0.30 13.44 -3.96
N ASN A 26 -0.34 13.68 -2.83
CA ASN A 26 -0.12 12.88 -1.62
C ASN A 26 -1.44 12.34 -1.09
N LYS A 27 -1.63 11.03 -1.22
CA LYS A 27 -2.85 10.38 -0.74
C LYS A 27 -2.54 9.39 0.38
N VAL A 28 -3.30 9.46 1.46
CA VAL A 28 -3.11 8.57 2.59
C VAL A 28 -4.25 7.57 2.71
N ILE A 29 -3.92 6.34 3.10
CA ILE A 29 -4.93 5.29 3.25
C ILE A 29 -5.08 4.87 4.71
N GLN A 30 -6.32 4.63 5.11
CA GLN A 30 -6.60 4.22 6.49
C GLN A 30 -7.91 3.46 6.57
N THR A 31 -7.84 2.21 7.04
CA THR A 31 -9.02 1.37 7.17
C THR A 31 -8.93 0.48 8.39
N LYS A 32 -10.08 0.08 8.93
CA LYS A 32 -10.13 -0.77 10.11
C LYS A 32 -10.36 -2.22 9.71
N LEU A 33 -9.39 -3.08 10.01
CA LEU A 33 -9.48 -4.50 9.69
C LEU A 33 -9.98 -5.29 10.89
N THR A 34 -10.71 -6.37 10.62
CA THR A 34 -11.24 -7.22 11.68
C THR A 34 -10.30 -8.39 11.95
N VAL A 35 -9.41 -8.23 12.91
CA VAL A 35 -8.46 -9.28 13.27
C VAL A 35 -9.15 -10.63 13.34
N GLY A 36 -8.61 -11.61 12.62
CA GLY A 36 -9.18 -12.94 12.61
C GLY A 36 -8.51 -13.87 13.61
N ASN A 37 -9.03 -15.09 13.71
CA ASN A 37 -8.47 -16.07 14.64
C ASN A 37 -6.95 -16.12 14.54
N LEU A 38 -6.44 -16.24 13.32
CA LEU A 38 -5.01 -16.30 13.09
C LEU A 38 -4.41 -14.90 13.01
N GLY A 39 -5.27 -13.89 12.98
CA GLY A 39 -4.82 -12.52 12.92
C GLY A 39 -4.18 -12.19 11.58
N LEU A 40 -4.33 -10.95 11.15
CA LEU A 40 -3.76 -10.50 9.87
C LEU A 40 -2.32 -10.96 9.73
N GLY A 41 -2.12 -12.02 8.95
CA GLY A 41 -0.77 -12.54 8.75
C GLY A 41 -0.13 -11.98 7.50
N LEU A 42 -0.65 -10.88 7.00
CA LEU A 42 -0.11 -10.25 5.80
C LEU A 42 1.36 -10.59 5.61
N VAL A 43 1.71 -11.03 4.41
CA VAL A 43 3.08 -11.40 4.10
C VAL A 43 3.90 -10.17 3.70
N VAL A 44 4.35 -9.41 4.69
CA VAL A 44 5.14 -8.22 4.44
C VAL A 44 6.60 -8.57 4.17
N ILE A 45 7.39 -7.57 3.81
CA ILE A 45 8.80 -7.77 3.53
C ILE A 45 9.65 -6.63 4.10
N GLN A 46 10.93 -6.91 4.34
CA GLN A 46 11.84 -5.91 4.87
C GLN A 46 12.43 -5.05 3.76
N ASN A 47 11.73 -3.97 3.42
CA ASN A 47 12.18 -3.06 2.37
C ASN A 47 12.42 -1.66 2.92
N GLY A 48 13.64 -1.42 3.40
CA GLY A 48 13.97 -0.12 3.95
C GLY A 48 13.49 0.05 5.39
N PRO A 49 13.55 1.28 5.89
CA PRO A 49 13.14 1.60 7.26
C PRO A 49 11.62 1.51 7.43
N TYR A 50 10.94 1.10 6.38
CA TYR A 50 9.49 0.96 6.41
C TYR A 50 9.05 -0.42 5.94
N LEU A 51 7.96 -0.93 6.50
CA LEU A 51 7.44 -2.24 6.14
C LEU A 51 6.42 -2.12 5.02
N GLN A 52 6.81 -2.50 3.81
CA GLN A 52 5.93 -2.44 2.66
C GLN A 52 5.22 -3.78 2.45
N ILE A 53 3.89 -3.76 2.56
CA ILE A 53 3.09 -4.97 2.39
C ILE A 53 3.36 -5.61 1.03
N SER A 54 3.78 -6.87 1.04
CA SER A 54 4.08 -7.59 -0.18
C SER A 54 2.89 -8.45 -0.60
N HIS A 55 2.24 -9.07 0.38
CA HIS A 55 1.09 -9.92 0.11
C HIS A 55 0.16 -9.97 1.32
N LEU A 56 -1.13 -10.12 1.06
CA LEU A 56 -2.13 -10.18 2.14
C LEU A 56 -2.65 -11.61 2.31
N ILE A 57 -2.69 -12.07 3.55
CA ILE A 57 -3.17 -13.41 3.85
C ILE A 57 -4.67 -13.52 3.61
N ASN A 58 -5.05 -14.30 2.60
CA ASN A 58 -6.45 -14.50 2.27
C ASN A 58 -7.28 -14.80 3.52
N LYS A 59 -6.79 -15.73 4.33
CA LYS A 59 -7.48 -16.12 5.55
C LYS A 59 -7.17 -15.14 6.68
N GLY A 60 -7.23 -13.84 6.37
CA GLY A 60 -6.95 -12.83 7.36
C GLY A 60 -7.91 -11.66 7.28
N ALA A 61 -7.52 -10.52 7.85
CA ALA A 61 -8.35 -9.33 7.83
C ALA A 61 -7.96 -8.39 6.70
N ALA A 62 -6.66 -8.11 6.59
CA ALA A 62 -6.16 -7.23 5.53
C ALA A 62 -6.56 -7.74 4.16
N ALA A 63 -6.21 -8.99 3.87
CA ALA A 63 -6.54 -9.60 2.58
C ALA A 63 -8.03 -9.56 2.32
N SER A 64 -8.82 -9.70 3.38
CA SER A 64 -10.27 -9.69 3.26
C SER A 64 -10.81 -8.25 3.20
N ASP A 65 -9.89 -7.29 3.14
CA ASP A 65 -10.26 -5.88 3.07
C ASP A 65 -9.91 -5.30 1.70
N GLY A 66 -10.92 -4.82 0.99
CA GLY A 66 -10.69 -4.24 -0.31
C GLY A 66 -10.23 -2.80 -0.25
N ILE A 67 -9.59 -2.45 0.86
CA ILE A 67 -9.09 -1.09 1.05
C ILE A 67 -7.56 -1.07 1.09
N LEU A 68 -6.97 -2.07 1.74
CA LEU A 68 -5.52 -2.15 1.84
C LEU A 68 -4.95 -3.05 0.74
N GLN A 69 -3.90 -2.57 0.08
CA GLN A 69 -3.26 -3.32 -0.99
C GLN A 69 -1.81 -3.64 -0.64
N PRO A 70 -1.30 -4.76 -1.18
CA PRO A 70 0.07 -5.20 -0.94
C PRO A 70 1.10 -4.30 -1.61
N GLY A 71 1.40 -3.17 -0.96
CA GLY A 71 2.36 -2.24 -1.50
C GLY A 71 2.26 -0.86 -0.88
N ASP A 72 1.89 -0.82 0.40
CA ASP A 72 1.75 0.44 1.11
C ASP A 72 2.70 0.51 2.30
N VAL A 73 2.93 1.72 2.81
CA VAL A 73 3.81 1.91 3.95
C VAL A 73 3.04 2.28 5.20
N LEU A 74 2.82 1.30 6.07
CA LEU A 74 2.08 1.52 7.31
C LEU A 74 2.70 2.67 8.11
N ILE A 75 1.88 3.28 8.97
CA ILE A 75 2.35 4.40 9.79
C ILE A 75 1.78 4.30 11.20
N SER A 76 1.23 3.14 11.53
CA SER A 76 0.66 2.92 12.86
C SER A 76 -0.31 1.74 12.84
N VAL A 77 0.23 0.54 12.79
CA VAL A 77 -0.58 -0.68 12.77
C VAL A 77 -1.05 -1.05 14.18
N GLY A 78 -2.23 -0.57 14.55
CA GLY A 78 -2.77 -0.85 15.86
C GLY A 78 -2.39 0.18 16.89
N HIS A 79 -2.45 1.45 16.50
CA HIS A 79 -2.10 2.55 17.41
C HIS A 79 -0.61 2.51 17.74
N ALA A 80 0.14 1.67 17.04
CA ALA A 80 1.57 1.55 17.26
C ALA A 80 2.36 2.01 16.05
N ASN A 81 2.84 3.24 16.08
CA ASN A 81 3.61 3.81 14.98
C ASN A 81 4.72 2.84 14.55
N VAL A 82 4.44 2.07 13.50
CA VAL A 82 5.40 1.11 12.98
C VAL A 82 6.47 1.79 12.14
N LEU A 83 6.50 3.12 12.20
CA LEU A 83 7.47 3.91 11.43
C LEU A 83 8.89 3.59 11.87
N GLY A 84 9.54 2.69 11.14
CA GLY A 84 10.90 2.32 11.47
C GLY A 84 11.00 0.92 12.05
N TYR A 85 9.90 0.17 11.97
CA TYR A 85 9.86 -1.19 12.49
C TYR A 85 10.41 -2.18 11.46
N THR A 86 11.17 -3.15 11.95
CA THR A 86 11.76 -4.17 11.07
C THR A 86 10.80 -5.35 10.87
N LEU A 87 10.80 -5.90 9.67
CA LEU A 87 9.93 -7.03 9.35
C LEU A 87 9.73 -7.92 10.58
N ARG A 88 10.82 -8.24 11.26
CA ARG A 88 10.75 -9.08 12.45
C ARG A 88 10.04 -8.34 13.60
N GLU A 89 10.45 -7.11 13.84
CA GLU A 89 9.86 -6.30 14.91
C GLU A 89 8.42 -5.94 14.56
N PHE A 90 8.05 -6.11 13.31
CA PHE A 90 6.69 -5.80 12.84
C PHE A 90 5.74 -6.95 13.15
N LEU A 91 5.91 -8.06 12.42
CA LEU A 91 5.07 -9.24 12.61
C LEU A 91 4.90 -9.56 14.09
N LYS A 92 6.00 -9.46 14.84
CA LYS A 92 5.98 -9.74 16.27
C LYS A 92 4.97 -8.86 16.98
N LEU A 93 4.77 -7.65 16.45
CA LEU A 93 3.84 -6.70 17.03
C LEU A 93 2.39 -7.13 16.78
N LEU A 94 2.02 -7.22 15.51
CA LEU A 94 0.67 -7.63 15.13
C LEU A 94 0.29 -8.95 15.80
N GLN A 95 1.27 -9.84 15.94
CA GLN A 95 1.03 -11.14 16.57
C GLN A 95 0.48 -10.96 17.98
N ASN A 96 0.76 -9.81 18.59
CA ASN A 96 0.30 -9.52 19.94
C ASN A 96 -1.13 -8.97 19.91
N ILE A 97 -1.72 -8.92 18.72
CA ILE A 97 -3.07 -8.42 18.57
C ILE A 97 -4.11 -9.49 18.90
N THR A 98 -5.17 -9.10 19.56
CA THR A 98 -6.23 -10.03 19.94
C THR A 98 -7.28 -10.15 18.83
N ILE A 99 -7.98 -11.28 18.82
CA ILE A 99 -9.02 -11.52 17.81
C ILE A 99 -10.17 -10.54 17.96
N GLY A 100 -10.75 -10.13 16.84
CA GLY A 100 -11.86 -9.20 16.87
C GLY A 100 -11.48 -7.87 17.46
N THR A 101 -10.42 -7.27 16.94
CA THR A 101 -9.95 -5.98 17.43
C THR A 101 -9.96 -4.93 16.31
N VAL A 102 -10.61 -3.80 16.58
CA VAL A 102 -10.70 -2.72 15.61
C VAL A 102 -9.46 -1.84 15.65
N LEU A 103 -8.54 -2.05 14.72
CA LEU A 103 -7.31 -1.27 14.65
C LEU A 103 -7.28 -0.41 13.40
N GLN A 104 -6.59 0.73 13.49
CA GLN A 104 -6.48 1.65 12.36
C GLN A 104 -5.15 1.47 11.64
N ILE A 105 -5.21 0.93 10.43
CA ILE A 105 -4.01 0.71 9.63
C ILE A 105 -3.79 1.84 8.63
N LYS A 106 -2.94 2.79 9.00
CA LYS A 106 -2.64 3.93 8.13
C LYS A 106 -1.42 3.65 7.27
N ALA A 107 -1.58 3.77 5.96
CA ALA A 107 -0.49 3.54 5.03
C ALA A 107 -0.50 4.56 3.90
N TYR A 108 0.68 4.90 3.40
CA TYR A 108 0.80 5.87 2.31
C TYR A 108 0.62 5.20 0.96
N ARG A 109 0.13 5.94 -0.01
CA ARG A 109 -0.09 5.42 -1.35
C ARG A 109 0.98 5.92 -2.32
N GLY A 110 1.69 6.97 -1.91
CA GLY A 110 2.74 7.53 -2.75
C GLY A 110 4.01 7.79 -1.97
N PHE A 111 4.30 6.95 -0.98
CA PHE A 111 5.50 7.11 -0.17
C PHE A 111 6.62 6.20 -0.67
N LEU A 112 6.45 4.90 -0.50
CA LEU A 112 7.45 3.93 -0.94
C LEU A 112 6.94 3.11 -2.12
N GLU A 113 7.49 3.38 -3.30
CA GLU A 113 7.08 2.67 -4.51
C GLU A 113 7.42 1.18 -4.40
N ILE A 114 6.63 0.35 -5.08
CA ILE A 114 6.84 -1.09 -5.06
C ILE A 114 8.03 -1.48 -5.91
N PRO A 115 8.89 -2.35 -5.37
CA PRO A 115 10.09 -2.84 -6.07
C PRO A 115 9.75 -3.74 -7.24
N GLN A 116 10.17 -3.34 -8.43
CA GLN A 116 9.91 -4.13 -9.64
C GLN A 116 10.41 -5.57 -9.47
N GLU A 117 11.60 -5.70 -8.91
CA GLU A 117 12.19 -7.02 -8.69
C GLU A 117 11.15 -8.00 -8.17
N TRP A 118 10.24 -7.49 -7.34
CA TRP A 118 9.19 -8.33 -6.76
C TRP A 118 8.07 -8.58 -7.76
N GLN A 119 7.18 -7.61 -7.89
CA GLN A 119 6.06 -7.72 -8.82
C GLN A 119 5.60 -9.17 -8.95
N ASP A 120 4.72 -9.59 -8.04
CA ASP A 120 4.21 -10.96 -8.05
C ASP A 120 5.33 -11.96 -7.80
N SER A 121 6.18 -12.16 -8.81
CA SER A 121 7.28 -13.10 -8.71
C SER A 121 8.16 -13.05 -9.96
N GLY A 122 9.47 -12.93 -9.76
CA GLY A 122 10.39 -12.88 -10.87
C GLY A 122 11.16 -11.58 -10.93
N PRO A 123 12.50 -11.67 -10.97
CA PRO A 123 13.39 -10.51 -11.02
C PRO A 123 13.30 -9.78 -12.35
N SER A 124 13.06 -10.53 -13.42
CA SER A 124 12.97 -9.95 -14.75
C SER A 124 14.33 -9.47 -15.24
N SER A 125 14.40 -9.08 -16.51
CA SER A 125 15.65 -8.61 -17.10
C SER A 125 15.37 -7.76 -18.34
N GLY A 126 16.17 -6.73 -18.54
CA GLY A 126 16.01 -5.86 -19.69
C GLY A 126 15.08 -4.70 -19.41
N GLY A 1 -29.84 0.26 -2.55
CA GLY A 1 -29.43 1.65 -2.60
C GLY A 1 -29.51 2.24 -3.99
N SER A 2 -29.18 3.51 -4.12
CA SER A 2 -29.21 4.19 -5.41
C SER A 2 -28.78 5.64 -5.27
N SER A 3 -27.47 5.87 -5.34
CA SER A 3 -26.92 7.22 -5.22
C SER A 3 -26.38 7.70 -6.57
N GLY A 4 -26.03 8.98 -6.62
CA GLY A 4 -25.50 9.55 -7.85
C GLY A 4 -24.92 10.94 -7.64
N SER A 5 -24.42 11.53 -8.72
CA SER A 5 -23.84 12.87 -8.66
C SER A 5 -23.60 13.42 -10.05
N SER A 6 -23.59 14.75 -10.16
CA SER A 6 -23.38 15.41 -11.44
C SER A 6 -23.07 16.90 -11.24
N GLY A 7 -22.65 17.56 -12.33
CA GLY A 7 -22.34 18.97 -12.25
C GLY A 7 -23.55 19.82 -11.93
N SER A 8 -23.50 21.09 -12.32
CA SER A 8 -24.61 22.01 -12.07
C SER A 8 -25.95 21.29 -12.15
N LYS A 9 -26.53 21.00 -11.00
CA LYS A 9 -27.82 20.31 -10.94
C LYS A 9 -28.95 21.30 -10.71
N ASN A 10 -30.16 20.78 -10.54
CA ASN A 10 -31.34 21.61 -10.31
C ASN A 10 -31.65 21.70 -8.83
N GLU A 11 -30.65 21.40 -8.00
CA GLU A 11 -30.82 21.46 -6.55
C GLU A 11 -29.47 21.49 -5.84
N LYS A 12 -28.44 21.92 -6.56
CA LYS A 12 -27.10 21.99 -6.00
C LYS A 12 -26.37 23.25 -6.49
N GLU A 13 -25.36 23.67 -5.74
CA GLU A 13 -24.59 24.86 -6.10
C GLU A 13 -23.29 24.47 -6.80
N GLN A 14 -22.49 25.47 -7.15
CA GLN A 14 -21.22 25.24 -7.83
C GLN A 14 -21.44 24.54 -9.17
N LEU A 15 -20.84 25.09 -10.22
CA LEU A 15 -20.97 24.53 -11.55
C LEU A 15 -19.63 24.07 -12.09
N SER A 16 -18.69 25.01 -12.20
CA SER A 16 -17.35 24.70 -12.70
C SER A 16 -16.28 25.16 -11.71
N LYS A 17 -15.05 24.69 -11.92
CA LYS A 17 -13.94 25.06 -11.04
C LYS A 17 -13.10 26.17 -11.66
N ALA A 18 -12.40 26.92 -10.82
CA ALA A 18 -11.56 28.01 -11.29
C ALA A 18 -10.44 28.30 -10.30
N LYS A 19 -9.38 27.51 -10.35
CA LYS A 19 -8.24 27.68 -9.45
C LYS A 19 -6.95 27.83 -10.24
N ALA A 20 -5.83 27.93 -9.52
CA ALA A 20 -4.53 28.08 -10.15
C ALA A 20 -4.03 26.75 -10.71
N SER A 21 -2.83 26.76 -11.28
CA SER A 21 -2.24 25.55 -11.85
C SER A 21 -1.85 24.57 -10.75
N VAL A 22 -2.87 23.99 -10.10
CA VAL A 22 -2.63 23.02 -9.03
C VAL A 22 -2.91 21.61 -9.50
N SER A 23 -2.29 20.63 -8.84
CA SER A 23 -2.48 19.23 -9.19
C SER A 23 -1.42 18.36 -8.52
N SER A 24 -1.58 18.14 -7.22
CA SER A 24 -0.64 17.33 -6.46
C SER A 24 -1.22 16.94 -5.11
N LEU A 25 -2.48 16.53 -5.11
CA LEU A 25 -3.17 16.12 -3.89
C LEU A 25 -2.52 14.88 -3.29
N ASN A 26 -2.57 14.78 -1.97
CA ASN A 26 -1.99 13.64 -1.27
C ASN A 26 -3.01 12.98 -0.35
N LYS A 27 -3.42 11.76 -0.71
CA LYS A 27 -4.40 11.02 0.08
C LYS A 27 -3.74 9.86 0.82
N VAL A 28 -4.08 9.70 2.09
CA VAL A 28 -3.53 8.63 2.91
C VAL A 28 -4.52 7.48 3.07
N ILE A 29 -3.99 6.26 3.14
CA ILE A 29 -4.84 5.08 3.28
C ILE A 29 -5.03 4.73 4.75
N GLN A 30 -6.29 4.55 5.15
CA GLN A 30 -6.62 4.21 6.53
C GLN A 30 -7.94 3.45 6.61
N THR A 31 -7.89 2.23 7.11
CA THR A 31 -9.08 1.40 7.24
C THR A 31 -9.02 0.53 8.48
N LYS A 32 -10.18 0.12 8.97
CA LYS A 32 -10.26 -0.72 10.16
C LYS A 32 -10.40 -2.20 9.78
N LEU A 33 -9.37 -2.98 10.07
CA LEU A 33 -9.38 -4.41 9.75
C LEU A 33 -9.91 -5.22 10.93
N THR A 34 -10.67 -6.27 10.63
CA THR A 34 -11.23 -7.12 11.66
C THR A 34 -10.34 -8.34 11.91
N VAL A 35 -9.45 -8.22 12.89
CA VAL A 35 -8.54 -9.31 13.23
C VAL A 35 -9.26 -10.66 13.19
N GLY A 36 -8.56 -11.68 12.72
CA GLY A 36 -9.15 -13.01 12.64
C GLY A 36 -8.50 -13.99 13.59
N ASN A 37 -8.97 -15.23 13.56
CA ASN A 37 -8.42 -16.27 14.44
C ASN A 37 -6.90 -16.34 14.31
N LEU A 38 -6.42 -16.29 13.07
CA LEU A 38 -4.98 -16.35 12.82
C LEU A 38 -4.39 -14.95 12.72
N GLY A 39 -5.25 -13.95 12.74
CA GLY A 39 -4.79 -12.57 12.66
C GLY A 39 -4.15 -12.25 11.33
N LEU A 40 -4.28 -11.00 10.89
CA LEU A 40 -3.72 -10.57 9.62
C LEU A 40 -2.28 -11.06 9.47
N GLY A 41 -2.10 -12.12 8.70
CA GLY A 41 -0.77 -12.66 8.48
C GLY A 41 -0.06 -12.04 7.29
N LEU A 42 -0.69 -11.02 6.72
CA LEU A 42 -0.12 -10.33 5.56
C LEU A 42 1.38 -10.60 5.45
N VAL A 43 1.82 -11.05 4.28
CA VAL A 43 3.22 -11.34 4.04
C VAL A 43 3.99 -10.07 3.66
N VAL A 44 4.48 -9.37 4.68
CA VAL A 44 5.23 -8.14 4.46
C VAL A 44 6.70 -8.44 4.16
N ILE A 45 7.43 -7.42 3.74
CA ILE A 45 8.86 -7.58 3.43
C ILE A 45 9.67 -6.39 3.94
N GLN A 46 10.92 -6.65 4.29
CA GLN A 46 11.80 -5.60 4.81
C GLN A 46 12.36 -4.76 3.66
N ASN A 47 11.65 -3.69 3.33
CA ASN A 47 12.06 -2.80 2.26
C ASN A 47 12.30 -1.38 2.78
N GLY A 48 13.52 -1.12 3.23
CA GLY A 48 13.85 0.19 3.75
C GLY A 48 13.45 0.36 5.20
N PRO A 49 13.51 1.61 5.70
CA PRO A 49 13.15 1.93 7.07
C PRO A 49 11.65 1.80 7.33
N TYR A 50 10.91 1.46 6.28
CA TYR A 50 9.46 1.31 6.39
C TYR A 50 9.03 -0.09 5.97
N LEU A 51 7.98 -0.59 6.62
CA LEU A 51 7.46 -1.92 6.31
C LEU A 51 6.53 -1.88 5.09
N GLN A 52 7.00 -2.43 3.98
CA GLN A 52 6.21 -2.47 2.75
C GLN A 52 5.59 -3.84 2.54
N ILE A 53 4.27 -3.88 2.45
CA ILE A 53 3.55 -5.13 2.23
C ILE A 53 3.99 -5.81 0.94
N SER A 54 3.82 -7.12 0.88
CA SER A 54 4.21 -7.88 -0.30
C SER A 54 3.05 -8.77 -0.77
N HIS A 55 2.21 -9.17 0.17
CA HIS A 55 1.07 -10.02 -0.15
C HIS A 55 0.11 -10.11 1.04
N LEU A 56 -1.19 -10.07 0.75
CA LEU A 56 -2.20 -10.13 1.80
C LEU A 56 -2.69 -11.57 1.98
N ILE A 57 -2.66 -12.04 3.22
CA ILE A 57 -3.11 -13.40 3.54
C ILE A 57 -4.61 -13.55 3.29
N ASN A 58 -4.95 -14.22 2.20
CA ASN A 58 -6.35 -14.45 1.85
C ASN A 58 -7.18 -14.76 3.10
N LYS A 59 -6.67 -15.66 3.94
CA LYS A 59 -7.35 -16.04 5.17
C LYS A 59 -7.04 -15.07 6.30
N GLY A 60 -6.92 -13.78 5.95
CA GLY A 60 -6.62 -12.78 6.95
C GLY A 60 -7.60 -11.62 6.93
N ALA A 61 -7.24 -10.54 7.60
CA ALA A 61 -8.10 -9.35 7.65
C ALA A 61 -7.85 -8.43 6.45
N ALA A 62 -6.58 -8.16 6.18
CA ALA A 62 -6.21 -7.30 5.07
C ALA A 62 -6.80 -7.80 3.75
N ALA A 63 -6.65 -9.10 3.51
CA ALA A 63 -7.17 -9.71 2.29
C ALA A 63 -8.68 -9.52 2.18
N SER A 64 -9.32 -9.27 3.31
CA SER A 64 -10.76 -9.06 3.34
C SER A 64 -11.11 -7.58 3.25
N ASP A 65 -10.08 -6.74 3.24
CA ASP A 65 -10.27 -5.30 3.14
C ASP A 65 -9.78 -4.77 1.79
N GLY A 66 -10.67 -4.11 1.07
CA GLY A 66 -10.31 -3.57 -0.23
C GLY A 66 -9.90 -2.11 -0.16
N ILE A 67 -9.12 -1.77 0.87
CA ILE A 67 -8.66 -0.40 1.05
C ILE A 67 -7.13 -0.33 1.06
N LEU A 68 -6.50 -1.46 1.37
CA LEU A 68 -5.05 -1.53 1.41
C LEU A 68 -4.49 -2.22 0.17
N GLN A 69 -3.19 -2.47 0.16
CA GLN A 69 -2.54 -3.14 -0.96
C GLN A 69 -1.30 -3.90 -0.50
N PRO A 70 -0.97 -4.97 -1.23
CA PRO A 70 0.19 -5.81 -0.92
C PRO A 70 1.51 -5.09 -1.18
N GLY A 71 1.46 -3.76 -1.25
CA GLY A 71 2.66 -2.98 -1.50
C GLY A 71 2.58 -1.60 -0.88
N ASP A 72 1.82 -1.48 0.20
CA ASP A 72 1.67 -0.21 0.89
C ASP A 72 2.58 -0.13 2.11
N VAL A 73 2.89 1.09 2.53
CA VAL A 73 3.76 1.31 3.69
C VAL A 73 2.96 1.77 4.90
N LEU A 74 2.85 0.90 5.89
CA LEU A 74 2.11 1.21 7.11
C LEU A 74 2.83 2.31 7.91
N ILE A 75 2.08 2.99 8.77
CA ILE A 75 2.64 4.05 9.59
C ILE A 75 2.12 3.98 11.02
N SER A 76 1.46 2.88 11.35
CA SER A 76 0.90 2.68 12.68
C SER A 76 -0.18 1.61 12.68
N VAL A 77 0.25 0.35 12.59
CA VAL A 77 -0.69 -0.77 12.56
C VAL A 77 -1.10 -1.17 13.97
N GLY A 78 -2.26 -0.67 14.41
CA GLY A 78 -2.75 -0.98 15.74
C GLY A 78 -2.22 -0.03 16.80
N HIS A 79 -2.29 1.27 16.51
CA HIS A 79 -1.81 2.28 17.43
C HIS A 79 -0.31 2.13 17.68
N ALA A 80 0.33 1.31 16.87
CA ALA A 80 1.77 1.08 16.99
C ALA A 80 2.52 1.62 15.79
N ASN A 81 2.99 2.86 15.89
CA ASN A 81 3.73 3.49 14.80
C ASN A 81 4.80 2.55 14.24
N VAL A 82 4.42 1.74 13.27
CA VAL A 82 5.35 0.80 12.65
C VAL A 82 6.20 1.47 11.59
N LEU A 83 6.13 2.80 11.55
CA LEU A 83 6.90 3.58 10.57
C LEU A 83 8.37 3.20 10.62
N GLY A 84 8.92 3.11 11.83
CA GLY A 84 10.32 2.75 11.99
C GLY A 84 10.50 1.36 12.56
N TYR A 85 9.65 0.43 12.14
CA TYR A 85 9.71 -0.94 12.61
C TYR A 85 10.42 -1.84 11.59
N THR A 86 10.67 -3.07 11.98
CA THR A 86 11.33 -4.03 11.10
C THR A 86 10.47 -5.27 10.89
N LEU A 87 10.62 -5.89 9.72
CA LEU A 87 9.85 -7.09 9.39
C LEU A 87 9.76 -8.02 10.59
N ARG A 88 10.79 -8.02 11.43
CA ARG A 88 10.82 -8.86 12.62
C ARG A 88 10.02 -8.23 13.75
N GLU A 89 10.40 -7.01 14.12
CA GLU A 89 9.72 -6.30 15.20
C GLU A 89 8.28 -5.98 14.81
N PHE A 90 7.96 -6.18 13.54
CA PHE A 90 6.62 -5.90 13.05
C PHE A 90 5.72 -7.13 13.19
N LEU A 91 6.21 -8.27 12.69
CA LEU A 91 5.46 -9.52 12.76
C LEU A 91 5.13 -9.88 14.21
N LYS A 92 6.03 -9.50 15.12
CA LYS A 92 5.84 -9.79 16.53
C LYS A 92 4.86 -8.80 17.16
N LEU A 93 4.82 -7.58 16.62
CA LEU A 93 3.93 -6.55 17.12
C LEU A 93 2.47 -6.99 16.99
N LEU A 94 1.97 -7.03 15.77
CA LEU A 94 0.60 -7.43 15.50
C LEU A 94 0.29 -8.78 16.15
N GLN A 95 1.32 -9.62 16.26
CA GLN A 95 1.16 -10.94 16.85
C GLN A 95 0.64 -10.83 18.29
N ASN A 96 0.67 -9.63 18.83
CA ASN A 96 0.20 -9.39 20.19
C ASN A 96 -1.23 -8.86 20.19
N ILE A 97 -1.88 -8.93 19.03
CA ILE A 97 -3.26 -8.46 18.90
C ILE A 97 -4.25 -9.60 19.16
N THR A 98 -5.45 -9.23 19.60
CA THR A 98 -6.49 -10.22 19.88
C THR A 98 -7.51 -10.27 18.76
N ILE A 99 -8.22 -11.39 18.66
CA ILE A 99 -9.23 -11.58 17.63
C ILE A 99 -10.36 -10.57 17.79
N GLY A 100 -10.96 -10.18 16.67
CA GLY A 100 -12.05 -9.22 16.70
C GLY A 100 -11.64 -7.90 17.33
N THR A 101 -10.56 -7.31 16.82
CA THR A 101 -10.07 -6.05 17.34
C THR A 101 -10.04 -4.98 16.24
N VAL A 102 -10.62 -3.82 16.54
CA VAL A 102 -10.67 -2.72 15.59
C VAL A 102 -9.40 -1.87 15.67
N LEU A 103 -8.55 -2.00 14.66
CA LEU A 103 -7.30 -1.23 14.61
C LEU A 103 -7.28 -0.29 13.41
N GLN A 104 -6.54 0.80 13.53
CA GLN A 104 -6.44 1.78 12.47
C GLN A 104 -5.12 1.61 11.70
N ILE A 105 -5.21 1.01 10.52
CA ILE A 105 -4.03 0.78 9.69
C ILE A 105 -3.82 1.94 8.71
N LYS A 106 -2.88 2.83 9.05
CA LYS A 106 -2.58 3.97 8.20
C LYS A 106 -1.35 3.70 7.34
N ALA A 107 -1.55 3.70 6.02
CA ALA A 107 -0.46 3.45 5.09
C ALA A 107 -0.44 4.50 3.98
N TYR A 108 0.71 4.65 3.34
CA TYR A 108 0.87 5.63 2.27
C TYR A 108 0.69 4.97 0.90
N ARG A 109 0.20 5.74 -0.06
CA ARG A 109 -0.01 5.24 -1.41
C ARG A 109 1.02 5.81 -2.38
N GLY A 110 2.28 5.81 -1.96
CA GLY A 110 3.34 6.33 -2.80
C GLY A 110 4.66 6.47 -2.06
N PHE A 111 4.58 6.69 -0.76
CA PHE A 111 5.77 6.84 0.06
C PHE A 111 6.89 5.94 -0.44
N LEU A 112 6.58 4.67 -0.66
CA LEU A 112 7.56 3.71 -1.14
C LEU A 112 7.00 2.91 -2.32
N GLU A 113 7.50 3.19 -3.52
CA GLU A 113 7.06 2.49 -4.72
C GLU A 113 7.34 1.00 -4.62
N ILE A 114 6.58 0.20 -5.37
CA ILE A 114 6.76 -1.24 -5.37
C ILE A 114 7.91 -1.67 -6.28
N PRO A 115 8.77 -2.54 -5.76
CA PRO A 115 9.93 -3.05 -6.51
C PRO A 115 9.52 -3.98 -7.64
N GLN A 116 9.66 -3.50 -8.88
CA GLN A 116 9.31 -4.28 -10.04
C GLN A 116 9.85 -5.70 -9.93
N GLU A 117 11.13 -5.82 -9.58
CA GLU A 117 11.76 -7.13 -9.44
C GLU A 117 10.78 -8.15 -8.86
N TRP A 118 10.09 -7.77 -7.79
CA TRP A 118 9.13 -8.65 -7.14
C TRP A 118 8.05 -9.08 -8.12
N GLN A 119 7.13 -8.16 -8.42
CA GLN A 119 6.04 -8.45 -9.34
C GLN A 119 6.56 -9.14 -10.59
N ASP A 120 6.09 -10.37 -10.82
CA ASP A 120 6.50 -11.14 -11.98
C ASP A 120 6.36 -10.33 -13.26
N SER A 121 5.25 -9.60 -13.38
CA SER A 121 4.99 -8.77 -14.54
C SER A 121 6.30 -8.19 -15.10
N GLY A 122 6.87 -7.25 -14.36
CA GLY A 122 8.10 -6.62 -14.79
C GLY A 122 8.09 -6.26 -16.26
N PRO A 123 9.25 -6.39 -16.92
CA PRO A 123 9.40 -6.07 -18.34
C PRO A 123 8.67 -7.08 -19.23
N SER A 124 7.97 -8.01 -18.61
CA SER A 124 7.23 -9.03 -19.34
C SER A 124 8.18 -9.96 -20.09
N SER A 125 7.67 -11.12 -20.49
CA SER A 125 8.47 -12.10 -21.21
C SER A 125 8.01 -12.21 -22.67
N GLY A 126 8.77 -12.95 -23.47
CA GLY A 126 8.43 -13.11 -24.87
C GLY A 126 9.56 -12.69 -25.80
N GLY A 1 27.52 35.54 -45.47
CA GLY A 1 26.76 34.61 -44.67
C GLY A 1 25.28 34.62 -45.00
N SER A 2 24.57 35.63 -44.50
CA SER A 2 23.14 35.75 -44.75
C SER A 2 22.41 34.46 -44.34
N SER A 3 21.09 34.48 -44.47
CA SER A 3 20.28 33.32 -44.11
C SER A 3 20.41 32.99 -42.63
N GLY A 4 19.32 32.54 -42.03
CA GLY A 4 19.34 32.20 -40.61
C GLY A 4 18.36 31.10 -40.26
N SER A 5 17.82 31.15 -39.06
CA SER A 5 16.86 30.15 -38.61
C SER A 5 16.38 30.46 -37.19
N SER A 6 15.34 29.75 -36.76
CA SER A 6 14.77 29.96 -35.43
C SER A 6 14.11 28.68 -34.93
N GLY A 7 13.80 28.66 -33.63
CA GLY A 7 13.17 27.49 -33.03
C GLY A 7 14.18 26.44 -32.60
N SER A 8 13.68 25.34 -32.07
CA SER A 8 14.55 24.26 -31.61
C SER A 8 14.54 23.10 -32.60
N LYS A 9 15.72 22.54 -32.85
CA LYS A 9 15.84 21.42 -33.78
C LYS A 9 16.18 20.13 -33.03
N ASN A 10 15.74 19.01 -33.58
CA ASN A 10 15.99 17.71 -32.97
C ASN A 10 15.29 16.59 -33.75
N GLU A 11 15.29 16.71 -35.07
CA GLU A 11 14.66 15.72 -35.93
C GLU A 11 13.15 15.75 -35.78
N LYS A 12 12.65 16.68 -34.97
CA LYS A 12 11.23 16.83 -34.73
C LYS A 12 10.82 18.29 -34.69
N GLU A 13 9.52 18.55 -34.80
CA GLU A 13 9.00 19.91 -34.77
C GLU A 13 8.84 20.40 -33.34
N GLN A 14 7.88 21.30 -33.14
CA GLN A 14 7.62 21.86 -31.82
C GLN A 14 8.81 22.67 -31.33
N LEU A 15 8.54 23.71 -30.53
CA LEU A 15 9.58 24.57 -30.00
C LEU A 15 9.72 24.38 -28.49
N SER A 16 8.61 24.53 -27.77
CA SER A 16 8.61 24.38 -26.32
C SER A 16 8.42 22.92 -25.93
N LYS A 17 8.57 22.64 -24.63
CA LYS A 17 8.41 21.28 -24.13
C LYS A 17 6.97 20.81 -24.24
N ALA A 18 6.74 19.53 -24.04
CA ALA A 18 5.40 18.95 -24.11
C ALA A 18 5.23 17.82 -23.11
N LYS A 19 5.20 18.16 -21.83
CA LYS A 19 5.05 17.17 -20.77
C LYS A 19 3.90 17.53 -19.84
N ALA A 20 3.70 16.73 -18.81
CA ALA A 20 2.63 16.97 -17.84
C ALA A 20 3.10 17.90 -16.72
N SER A 21 2.18 18.23 -15.81
CA SER A 21 2.51 19.11 -14.69
C SER A 21 2.22 18.42 -13.37
N VAL A 22 2.42 17.10 -13.33
CA VAL A 22 2.19 16.32 -12.12
C VAL A 22 3.18 16.69 -11.03
N SER A 23 2.70 16.76 -9.79
CA SER A 23 3.55 17.10 -8.66
C SER A 23 3.57 15.98 -7.62
N SER A 24 3.76 14.74 -8.10
CA SER A 24 3.79 13.59 -7.22
C SER A 24 2.81 13.75 -6.07
N LEU A 25 1.58 13.29 -6.28
CA LEU A 25 0.54 13.38 -5.26
C LEU A 25 0.72 12.30 -4.19
N ASN A 26 0.33 12.62 -2.97
CA ASN A 26 0.46 11.68 -1.86
C ASN A 26 -0.89 11.47 -1.17
N LYS A 27 -1.45 10.27 -1.32
CA LYS A 27 -2.73 9.94 -0.72
C LYS A 27 -2.56 8.94 0.41
N VAL A 28 -2.90 9.35 1.63
CA VAL A 28 -2.78 8.50 2.80
C VAL A 28 -4.01 7.59 2.93
N ILE A 29 -3.76 6.29 3.08
CA ILE A 29 -4.84 5.31 3.22
C ILE A 29 -5.00 4.88 4.67
N GLN A 30 -6.24 4.61 5.07
CA GLN A 30 -6.53 4.18 6.44
C GLN A 30 -7.85 3.43 6.51
N THR A 31 -7.79 2.18 6.96
CA THR A 31 -8.98 1.35 7.07
C THR A 31 -8.91 0.44 8.28
N LYS A 32 -10.06 0.06 8.81
CA LYS A 32 -10.13 -0.81 9.97
C LYS A 32 -10.36 -2.26 9.56
N LEU A 33 -9.41 -3.13 9.88
CA LEU A 33 -9.52 -4.54 9.54
C LEU A 33 -9.97 -5.36 10.76
N THR A 34 -10.83 -6.34 10.51
CA THR A 34 -11.33 -7.20 11.58
C THR A 34 -10.43 -8.41 11.78
N VAL A 35 -9.48 -8.28 12.71
CA VAL A 35 -8.55 -9.37 13.01
C VAL A 35 -9.27 -10.71 13.05
N GLY A 36 -8.72 -11.69 12.35
CA GLY A 36 -9.32 -13.01 12.31
C GLY A 36 -8.67 -13.96 13.30
N ASN A 37 -9.21 -15.18 13.38
CA ASN A 37 -8.67 -16.19 14.29
C ASN A 37 -7.16 -16.30 14.16
N LEU A 38 -6.68 -16.26 12.92
CA LEU A 38 -5.25 -16.35 12.66
C LEU A 38 -4.61 -14.97 12.59
N GLY A 39 -5.44 -13.94 12.70
CA GLY A 39 -4.95 -12.57 12.66
C GLY A 39 -4.27 -12.24 11.34
N LEU A 40 -4.54 -11.05 10.83
CA LEU A 40 -3.94 -10.62 9.56
C LEU A 40 -2.46 -10.97 9.51
N GLY A 41 -2.13 -12.00 8.73
CA GLY A 41 -0.75 -12.41 8.60
C GLY A 41 -0.11 -11.92 7.32
N LEU A 42 -0.66 -10.84 6.77
CA LEU A 42 -0.13 -10.27 5.53
C LEU A 42 1.34 -10.62 5.34
N VAL A 43 1.69 -11.07 4.14
CA VAL A 43 3.05 -11.44 3.83
C VAL A 43 3.89 -10.22 3.48
N VAL A 44 4.21 -9.42 4.50
CA VAL A 44 5.01 -8.22 4.30
C VAL A 44 6.50 -8.54 4.24
N ILE A 45 7.26 -7.68 3.58
CA ILE A 45 8.70 -7.87 3.45
C ILE A 45 9.48 -6.76 4.15
N GLN A 46 10.80 -6.86 4.09
CA GLN A 46 11.66 -5.86 4.73
C GLN A 46 12.34 -4.98 3.68
N ASN A 47 11.67 -3.88 3.32
CA ASN A 47 12.21 -2.97 2.32
C ASN A 47 12.45 -1.59 2.94
N GLY A 48 13.64 -1.40 3.51
CA GLY A 48 13.97 -0.13 4.12
C GLY A 48 13.44 -0.01 5.54
N PRO A 49 13.55 1.20 6.11
CA PRO A 49 13.09 1.46 7.48
C PRO A 49 11.56 1.44 7.59
N TYR A 50 10.90 1.11 6.48
CA TYR A 50 9.44 1.05 6.46
C TYR A 50 8.97 -0.31 5.96
N LEU A 51 7.88 -0.79 6.53
CA LEU A 51 7.31 -2.09 6.15
C LEU A 51 6.28 -1.92 5.04
N GLN A 52 6.48 -2.62 3.93
CA GLN A 52 5.57 -2.55 2.80
C GLN A 52 4.88 -3.89 2.57
N ILE A 53 3.55 -3.89 2.54
CA ILE A 53 2.79 -5.10 2.32
C ILE A 53 3.05 -5.67 0.93
N SER A 54 3.66 -6.85 0.88
CA SER A 54 3.96 -7.51 -0.39
C SER A 54 2.80 -8.38 -0.84
N HIS A 55 2.12 -9.00 0.12
CA HIS A 55 0.99 -9.87 -0.18
C HIS A 55 0.06 -9.98 1.03
N LEU A 56 -1.24 -10.07 0.77
CA LEU A 56 -2.23 -10.19 1.82
C LEU A 56 -2.69 -11.64 1.99
N ILE A 57 -2.69 -12.11 3.22
CA ILE A 57 -3.12 -13.49 3.51
C ILE A 57 -4.60 -13.67 3.21
N ASN A 58 -4.89 -14.43 2.16
CA ASN A 58 -6.27 -14.70 1.76
C ASN A 58 -7.14 -14.97 2.98
N LYS A 59 -6.66 -15.85 3.85
CA LYS A 59 -7.40 -16.21 5.06
C LYS A 59 -7.13 -15.19 6.18
N GLY A 60 -7.23 -13.91 5.84
CA GLY A 60 -7.00 -12.86 6.82
C GLY A 60 -8.02 -11.75 6.73
N ALA A 61 -7.70 -10.61 7.33
CA ALA A 61 -8.59 -9.47 7.32
C ALA A 61 -8.28 -8.54 6.15
N ALA A 62 -7.02 -8.11 6.06
CA ALA A 62 -6.59 -7.22 4.99
C ALA A 62 -6.95 -7.79 3.62
N ALA A 63 -6.68 -9.09 3.44
CA ALA A 63 -6.99 -9.74 2.18
C ALA A 63 -8.48 -9.70 1.87
N SER A 64 -9.28 -9.58 2.92
CA SER A 64 -10.74 -9.53 2.77
C SER A 64 -11.23 -8.08 2.73
N ASP A 65 -10.29 -7.15 2.75
CA ASP A 65 -10.63 -5.72 2.72
C ASP A 65 -10.20 -5.09 1.40
N GLY A 66 -11.17 -4.57 0.66
CA GLY A 66 -10.88 -3.95 -0.62
C GLY A 66 -10.38 -2.53 -0.46
N ILE A 67 -9.61 -2.27 0.59
CA ILE A 67 -9.07 -0.94 0.85
C ILE A 67 -7.54 -0.96 0.85
N LEU A 68 -6.98 -1.85 1.66
CA LEU A 68 -5.52 -1.97 1.76
C LEU A 68 -4.97 -2.86 0.65
N GLN A 69 -3.95 -2.36 -0.04
CA GLN A 69 -3.34 -3.11 -1.14
C GLN A 69 -1.90 -3.49 -0.79
N PRO A 70 -1.43 -4.60 -1.37
CA PRO A 70 -0.07 -5.10 -1.14
C PRO A 70 0.99 -4.20 -1.77
N GLY A 71 1.36 -3.15 -1.05
CA GLY A 71 2.37 -2.22 -1.56
C GLY A 71 2.23 -0.84 -0.95
N ASP A 72 1.85 -0.79 0.32
CA ASP A 72 1.69 0.49 1.02
C ASP A 72 2.62 0.57 2.21
N VAL A 73 2.93 1.79 2.64
CA VAL A 73 3.82 2.02 3.78
C VAL A 73 3.03 2.38 5.02
N LEU A 74 2.92 1.44 5.94
CA LEU A 74 2.19 1.66 7.19
C LEU A 74 2.90 2.70 8.05
N ILE A 75 2.14 3.35 8.93
CA ILE A 75 2.70 4.36 9.82
C ILE A 75 2.05 4.31 11.19
N SER A 76 1.42 3.18 11.51
CA SER A 76 0.76 2.99 12.79
C SER A 76 -0.26 1.86 12.72
N VAL A 77 0.24 0.62 12.73
CA VAL A 77 -0.63 -0.54 12.65
C VAL A 77 -1.08 -0.98 14.05
N GLY A 78 -2.25 -0.48 14.46
CA GLY A 78 -2.77 -0.82 15.77
C GLY A 78 -2.21 0.07 16.87
N HIS A 79 -2.41 1.37 16.72
CA HIS A 79 -1.91 2.33 17.71
C HIS A 79 -0.43 2.14 17.96
N ALA A 80 0.23 1.42 17.05
CA ALA A 80 1.66 1.16 17.19
C ALA A 80 2.42 1.73 16.00
N ASN A 81 3.02 2.91 16.19
CA ASN A 81 3.78 3.56 15.14
C ASN A 81 4.83 2.62 14.55
N VAL A 82 4.45 1.88 13.52
CA VAL A 82 5.34 0.94 12.87
C VAL A 82 6.19 1.63 11.79
N LEU A 83 6.05 2.95 11.71
CA LEU A 83 6.79 3.74 10.73
C LEU A 83 8.25 3.29 10.66
N GLY A 84 8.88 3.14 11.81
CA GLY A 84 10.26 2.72 11.86
C GLY A 84 10.42 1.32 12.43
N TYR A 85 9.49 0.43 12.10
CA TYR A 85 9.51 -0.93 12.59
C TYR A 85 10.13 -1.87 11.55
N THR A 86 10.90 -2.85 12.03
CA THR A 86 11.55 -3.80 11.14
C THR A 86 10.68 -5.05 10.95
N LEU A 87 10.72 -5.61 9.75
CA LEU A 87 9.95 -6.81 9.43
C LEU A 87 9.89 -7.75 10.63
N ARG A 88 10.94 -7.72 11.45
CA ARG A 88 11.01 -8.57 12.63
C ARG A 88 10.17 -7.99 13.76
N GLU A 89 10.44 -6.75 14.12
CA GLU A 89 9.71 -6.09 15.19
C GLU A 89 8.22 -5.96 14.85
N PHE A 90 7.92 -5.98 13.56
CA PHE A 90 6.54 -5.88 13.09
C PHE A 90 5.79 -7.19 13.30
N LEU A 91 6.44 -8.30 12.98
CA LEU A 91 5.84 -9.62 13.14
C LEU A 91 5.57 -9.92 14.60
N LYS A 92 6.52 -9.56 15.47
CA LYS A 92 6.37 -9.78 16.90
C LYS A 92 5.32 -8.85 17.50
N LEU A 93 5.15 -7.68 16.89
CA LEU A 93 4.17 -6.71 17.36
C LEU A 93 2.75 -7.22 17.16
N LEU A 94 2.38 -7.46 15.91
CA LEU A 94 1.04 -7.95 15.60
C LEU A 94 0.74 -9.24 16.36
N GLN A 95 1.79 -9.94 16.77
CA GLN A 95 1.63 -11.17 17.52
C GLN A 95 1.01 -10.91 18.89
N ASN A 96 0.90 -9.64 19.24
CA ASN A 96 0.32 -9.26 20.52
C ASN A 96 -1.13 -8.78 20.35
N ILE A 97 -1.64 -8.89 19.13
CA ILE A 97 -3.00 -8.49 18.83
C ILE A 97 -3.99 -9.63 19.07
N THR A 98 -5.19 -9.29 19.51
CA THR A 98 -6.22 -10.28 19.76
C THR A 98 -7.22 -10.36 18.61
N ILE A 99 -7.93 -11.48 18.52
CA ILE A 99 -8.91 -11.68 17.47
C ILE A 99 -10.07 -10.72 17.61
N GLY A 100 -10.67 -10.33 16.49
CA GLY A 100 -11.80 -9.42 16.51
C GLY A 100 -11.45 -8.09 17.16
N THR A 101 -10.38 -7.45 16.67
CA THR A 101 -9.95 -6.17 17.20
C THR A 101 -9.95 -5.09 16.12
N VAL A 102 -10.54 -3.95 16.44
CA VAL A 102 -10.61 -2.84 15.50
C VAL A 102 -9.38 -1.94 15.63
N LEU A 103 -8.48 -2.04 14.66
CA LEU A 103 -7.26 -1.24 14.66
C LEU A 103 -7.24 -0.28 13.48
N GLN A 104 -6.52 0.83 13.63
CA GLN A 104 -6.42 1.82 12.57
C GLN A 104 -5.12 1.66 11.78
N ILE A 105 -5.22 1.02 10.63
CA ILE A 105 -4.05 0.80 9.78
C ILE A 105 -3.86 1.94 8.79
N LYS A 106 -2.97 2.86 9.12
CA LYS A 106 -2.70 4.01 8.26
C LYS A 106 -1.43 3.77 7.43
N ALA A 107 -1.61 3.62 6.12
CA ALA A 107 -0.49 3.39 5.23
C ALA A 107 -0.49 4.39 4.08
N TYR A 108 0.60 4.42 3.32
CA TYR A 108 0.73 5.34 2.20
C TYR A 108 0.51 4.62 0.88
N ARG A 109 -0.08 5.32 -0.09
CA ARG A 109 -0.34 4.76 -1.40
C ARG A 109 0.53 5.40 -2.46
N GLY A 110 1.68 5.94 -2.04
CA GLY A 110 2.59 6.58 -2.97
C GLY A 110 3.83 7.13 -2.28
N PHE A 111 4.27 6.43 -1.24
CA PHE A 111 5.45 6.86 -0.50
C PHE A 111 6.68 6.09 -0.94
N LEU A 112 6.75 4.81 -0.55
CA LEU A 112 7.88 3.96 -0.91
C LEU A 112 7.57 3.13 -2.14
N GLU A 113 8.20 3.49 -3.26
CA GLU A 113 7.99 2.77 -4.52
C GLU A 113 8.19 1.27 -4.34
N ILE A 114 7.45 0.48 -5.10
CA ILE A 114 7.56 -0.97 -5.03
C ILE A 114 8.66 -1.50 -5.95
N PRO A 115 9.46 -2.44 -5.42
CA PRO A 115 10.56 -3.04 -6.18
C PRO A 115 10.07 -3.94 -7.30
N GLN A 116 10.38 -3.56 -8.54
CA GLN A 116 9.97 -4.34 -9.70
C GLN A 116 10.44 -5.78 -9.58
N GLU A 117 11.71 -5.96 -9.25
CA GLU A 117 12.29 -7.30 -9.11
C GLU A 117 11.26 -8.28 -8.58
N TRP A 118 10.51 -7.86 -7.56
CA TRP A 118 9.49 -8.71 -6.96
C TRP A 118 8.43 -9.10 -7.99
N GLN A 119 7.51 -8.18 -8.27
CA GLN A 119 6.46 -8.42 -9.24
C GLN A 119 7.02 -9.00 -10.53
N ASP A 120 6.15 -9.62 -11.33
CA ASP A 120 6.57 -10.21 -12.59
C ASP A 120 5.48 -10.04 -13.66
N SER A 121 4.25 -10.38 -13.30
CA SER A 121 3.13 -10.28 -14.21
C SER A 121 2.22 -9.11 -13.83
N GLY A 122 2.18 -8.10 -14.68
CA GLY A 122 1.36 -6.93 -14.41
C GLY A 122 1.25 -6.01 -15.61
N PRO A 123 1.01 -4.71 -15.35
CA PRO A 123 0.89 -3.70 -16.39
C PRO A 123 2.22 -3.41 -17.09
N SER A 124 2.44 -4.08 -18.22
CA SER A 124 3.67 -3.91 -18.98
C SER A 124 3.43 -3.04 -20.21
N SER A 125 4.40 -2.18 -20.53
CA SER A 125 4.29 -1.29 -21.68
C SER A 125 4.80 -1.97 -22.94
N GLY A 126 3.94 -2.78 -23.56
CA GLY A 126 4.33 -3.48 -24.77
C GLY A 126 3.33 -4.56 -25.15
N GLY A 1 23.60 20.19 -52.61
CA GLY A 1 22.58 20.61 -51.67
C GLY A 1 22.10 19.49 -50.77
N SER A 2 21.33 19.82 -49.76
CA SER A 2 20.81 18.83 -48.82
C SER A 2 19.60 19.37 -48.07
N SER A 3 19.02 18.53 -47.22
CA SER A 3 17.85 18.92 -46.43
C SER A 3 18.19 18.97 -44.95
N GLY A 4 17.22 19.38 -44.14
CA GLY A 4 17.43 19.47 -42.71
C GLY A 4 16.20 19.10 -41.91
N SER A 5 16.30 19.19 -40.59
CA SER A 5 15.17 18.86 -39.72
C SER A 5 15.46 19.31 -38.28
N SER A 6 14.81 18.65 -37.33
CA SER A 6 14.98 18.99 -35.92
C SER A 6 15.88 17.97 -35.23
N GLY A 7 16.83 18.47 -34.44
CA GLY A 7 17.74 17.59 -33.73
C GLY A 7 19.19 17.80 -34.16
N SER A 8 19.92 18.57 -33.37
CA SER A 8 21.33 18.85 -33.67
C SER A 8 21.56 18.92 -35.18
N LYS A 9 20.69 19.66 -35.86
CA LYS A 9 20.80 19.81 -37.31
C LYS A 9 20.10 21.10 -37.77
N ASN A 10 20.31 22.17 -37.02
CA ASN A 10 19.70 23.46 -37.35
C ASN A 10 20.24 24.57 -36.45
N GLU A 11 20.26 25.78 -36.96
CA GLU A 11 20.74 26.93 -36.19
C GLU A 11 19.58 27.70 -35.57
N LYS A 12 18.68 26.98 -34.92
CA LYS A 12 17.52 27.58 -34.28
C LYS A 12 17.27 26.97 -32.90
N GLU A 13 16.18 27.37 -32.27
CA GLU A 13 15.83 26.87 -30.95
C GLU A 13 15.36 25.42 -31.02
N GLN A 14 15.10 24.95 -32.24
CA GLN A 14 14.66 23.58 -32.46
C GLN A 14 15.80 22.60 -32.27
N LEU A 15 15.49 21.41 -31.76
CA LEU A 15 16.49 20.37 -31.54
C LEU A 15 15.90 19.20 -30.78
N SER A 16 14.90 19.47 -29.95
CA SER A 16 14.24 18.43 -29.17
C SER A 16 13.02 18.99 -28.44
N LYS A 17 12.27 18.09 -27.79
CA LYS A 17 11.08 18.50 -27.06
C LYS A 17 11.38 18.66 -25.58
N ALA A 18 10.45 19.27 -24.85
CA ALA A 18 10.62 19.49 -23.42
C ALA A 18 9.33 20.02 -22.79
N LYS A 19 8.51 19.12 -22.28
CA LYS A 19 7.24 19.50 -21.65
C LYS A 19 7.33 19.35 -20.13
N ALA A 20 6.26 19.74 -19.45
CA ALA A 20 6.22 19.65 -17.99
C ALA A 20 6.10 18.20 -17.54
N SER A 21 6.06 17.99 -16.23
CA SER A 21 5.95 16.65 -15.68
C SER A 21 5.59 16.71 -14.19
N VAL A 22 4.61 17.55 -13.86
CA VAL A 22 4.17 17.70 -12.48
C VAL A 22 3.18 16.60 -12.09
N SER A 23 3.12 16.30 -10.80
CA SER A 23 2.22 15.26 -10.31
C SER A 23 2.57 14.88 -8.87
N SER A 24 2.20 15.76 -7.93
CA SER A 24 2.48 15.52 -6.52
C SER A 24 1.26 14.94 -5.82
N LEU A 25 0.56 14.04 -6.50
CA LEU A 25 -0.63 13.41 -5.95
C LEU A 25 -0.26 12.39 -4.86
N ASN A 26 -0.53 12.76 -3.61
CA ASN A 26 -0.21 11.89 -2.48
C ASN A 26 -1.45 11.65 -1.63
N LYS A 27 -1.98 10.44 -1.68
CA LYS A 27 -3.16 10.08 -0.91
C LYS A 27 -2.84 9.02 0.13
N VAL A 28 -3.29 9.25 1.37
CA VAL A 28 -3.04 8.31 2.46
C VAL A 28 -4.21 7.36 2.64
N ILE A 29 -3.91 6.08 2.85
CA ILE A 29 -4.94 5.06 3.03
C ILE A 29 -5.06 4.66 4.50
N GLN A 30 -6.29 4.51 4.97
CA GLN A 30 -6.54 4.13 6.36
C GLN A 30 -7.86 3.38 6.48
N THR A 31 -7.79 2.14 6.96
CA THR A 31 -8.98 1.32 7.14
C THR A 31 -8.87 0.44 8.36
N LYS A 32 -10.00 0.03 8.91
CA LYS A 32 -10.03 -0.82 10.09
C LYS A 32 -10.20 -2.29 9.70
N LEU A 33 -9.17 -3.09 9.95
CA LEU A 33 -9.19 -4.51 9.63
C LEU A 33 -9.65 -5.33 10.82
N THR A 34 -10.59 -6.24 10.58
CA THR A 34 -11.13 -7.09 11.64
C THR A 34 -10.26 -8.33 11.83
N VAL A 35 -9.30 -8.25 12.75
CA VAL A 35 -8.41 -9.37 13.04
C VAL A 35 -9.17 -10.70 13.01
N GLY A 36 -8.50 -11.74 12.55
CA GLY A 36 -9.12 -13.06 12.50
C GLY A 36 -8.45 -14.06 13.42
N ASN A 37 -9.04 -15.24 13.52
CA ASN A 37 -8.49 -16.29 14.37
C ASN A 37 -6.98 -16.44 14.17
N LEU A 38 -6.54 -16.28 12.93
CA LEU A 38 -5.12 -16.39 12.60
C LEU A 38 -4.48 -15.01 12.54
N GLY A 39 -5.30 -13.97 12.61
CA GLY A 39 -4.79 -12.61 12.55
C GLY A 39 -4.13 -12.29 11.23
N LEU A 40 -4.36 -11.09 10.73
CA LEU A 40 -3.78 -10.65 9.46
C LEU A 40 -2.31 -11.05 9.37
N GLY A 41 -2.02 -12.08 8.58
CA GLY A 41 -0.66 -12.54 8.43
C GLY A 41 -0.01 -12.00 7.17
N LEU A 42 -0.53 -10.88 6.66
CA LEU A 42 0.01 -10.27 5.46
C LEU A 42 1.49 -10.58 5.29
N VAL A 43 1.87 -11.02 4.10
CA VAL A 43 3.27 -11.35 3.82
C VAL A 43 4.08 -10.09 3.53
N VAL A 44 4.34 -9.30 4.58
CA VAL A 44 5.12 -8.08 4.44
C VAL A 44 6.61 -8.36 4.41
N ILE A 45 7.36 -7.51 3.72
CA ILE A 45 8.80 -7.68 3.62
C ILE A 45 9.54 -6.52 4.29
N GLN A 46 10.87 -6.58 4.26
CA GLN A 46 11.68 -5.53 4.87
C GLN A 46 12.36 -4.68 3.81
N ASN A 47 11.67 -3.63 3.37
CA ASN A 47 12.21 -2.73 2.35
C ASN A 47 12.34 -1.32 2.89
N GLY A 48 13.47 -1.02 3.51
CA GLY A 48 13.70 0.31 4.06
C GLY A 48 13.25 0.42 5.50
N PRO A 49 13.29 1.64 6.04
CA PRO A 49 12.88 1.91 7.42
C PRO A 49 11.38 1.77 7.63
N TYR A 50 10.68 1.37 6.56
CA TYR A 50 9.24 1.20 6.62
C TYR A 50 8.83 -0.17 6.09
N LEU A 51 7.80 -0.75 6.69
CA LEU A 51 7.31 -2.07 6.27
C LEU A 51 6.28 -1.93 5.15
N GLN A 52 6.58 -2.55 4.01
CA GLN A 52 5.68 -2.49 2.87
C GLN A 52 5.03 -3.85 2.63
N ILE A 53 3.71 -3.87 2.57
CA ILE A 53 2.97 -5.11 2.34
C ILE A 53 3.27 -5.68 0.97
N SER A 54 3.87 -6.87 0.95
CA SER A 54 4.21 -7.53 -0.32
C SER A 54 3.07 -8.43 -0.78
N HIS A 55 2.29 -8.93 0.17
CA HIS A 55 1.17 -9.81 -0.14
C HIS A 55 0.24 -9.94 1.06
N LEU A 56 -1.05 -10.12 0.77
CA LEU A 56 -2.05 -10.26 1.83
C LEU A 56 -2.49 -11.72 1.97
N ILE A 57 -2.54 -12.21 3.20
CA ILE A 57 -2.95 -13.57 3.47
C ILE A 57 -4.46 -13.75 3.24
N ASN A 58 -4.80 -14.45 2.15
CA ASN A 58 -6.20 -14.68 1.82
C ASN A 58 -7.04 -14.85 3.09
N LYS A 59 -6.58 -15.72 3.99
CA LYS A 59 -7.29 -15.97 5.23
C LYS A 59 -6.89 -14.96 6.29
N GLY A 60 -7.15 -13.68 6.02
CA GLY A 60 -6.81 -12.63 6.96
C GLY A 60 -7.84 -11.51 6.98
N ALA A 61 -7.53 -10.44 7.71
CA ALA A 61 -8.43 -9.30 7.80
C ALA A 61 -8.26 -8.36 6.61
N ALA A 62 -7.00 -8.06 6.27
CA ALA A 62 -6.70 -7.18 5.16
C ALA A 62 -7.19 -7.77 3.83
N ALA A 63 -6.96 -9.07 3.65
CA ALA A 63 -7.39 -9.74 2.43
C ALA A 63 -8.90 -9.65 2.25
N SER A 64 -9.60 -9.30 3.31
CA SER A 64 -11.05 -9.18 3.27
C SER A 64 -11.47 -7.71 3.20
N ASP A 65 -10.48 -6.82 3.19
CA ASP A 65 -10.74 -5.39 3.12
C ASP A 65 -10.32 -4.83 1.77
N GLY A 66 -11.29 -4.35 0.99
CA GLY A 66 -10.99 -3.80 -0.31
C GLY A 66 -10.52 -2.36 -0.23
N ILE A 67 -9.67 -2.08 0.76
CA ILE A 67 -9.13 -0.73 0.94
C ILE A 67 -7.60 -0.75 0.96
N LEU A 68 -7.04 -1.76 1.60
CA LEU A 68 -5.59 -1.89 1.70
C LEU A 68 -5.05 -2.83 0.61
N GLN A 69 -4.02 -2.38 -0.09
CA GLN A 69 -3.42 -3.18 -1.16
C GLN A 69 -2.00 -3.59 -0.79
N PRO A 70 -1.53 -4.70 -1.37
CA PRO A 70 -0.18 -5.22 -1.14
C PRO A 70 0.90 -4.33 -1.73
N GLY A 71 1.23 -3.25 -1.03
CA GLY A 71 2.25 -2.34 -1.51
C GLY A 71 2.14 -0.96 -0.89
N ASP A 72 1.74 -0.92 0.39
CA ASP A 72 1.59 0.34 1.10
C ASP A 72 2.57 0.42 2.26
N VAL A 73 2.89 1.65 2.69
CA VAL A 73 3.80 1.87 3.79
C VAL A 73 3.06 2.24 5.07
N LEU A 74 2.93 1.28 5.99
CA LEU A 74 2.24 1.51 7.25
C LEU A 74 2.95 2.57 8.07
N ILE A 75 2.20 3.22 8.97
CA ILE A 75 2.76 4.26 9.82
C ILE A 75 2.16 4.20 11.22
N SER A 76 1.47 3.10 11.52
CA SER A 76 0.84 2.93 12.82
C SER A 76 -0.26 1.86 12.75
N VAL A 77 0.16 0.60 12.72
CA VAL A 77 -0.78 -0.51 12.65
C VAL A 77 -1.26 -0.91 14.04
N GLY A 78 -2.39 -0.35 14.45
CA GLY A 78 -2.94 -0.66 15.76
C GLY A 78 -2.32 0.19 16.85
N HIS A 79 -2.51 1.51 16.76
CA HIS A 79 -1.97 2.43 17.74
C HIS A 79 -0.49 2.16 18.00
N ALA A 80 0.14 1.44 17.07
CA ALA A 80 1.56 1.12 17.18
C ALA A 80 2.34 1.70 16.02
N ASN A 81 2.96 2.86 16.25
CA ASN A 81 3.75 3.52 15.21
C ASN A 81 4.78 2.58 14.63
N VAL A 82 4.37 1.81 13.62
CA VAL A 82 5.26 0.85 12.96
C VAL A 82 6.09 1.54 11.88
N LEU A 83 6.01 2.86 11.83
CA LEU A 83 6.76 3.64 10.84
C LEU A 83 8.21 3.16 10.76
N GLY A 84 8.89 3.18 11.91
CA GLY A 84 10.28 2.75 11.94
C GLY A 84 10.43 1.35 12.51
N TYR A 85 9.48 0.47 12.20
CA TYR A 85 9.52 -0.90 12.68
C TYR A 85 10.15 -1.83 11.64
N THR A 86 10.85 -2.84 12.12
CA THR A 86 11.51 -3.81 11.23
C THR A 86 10.60 -4.99 10.92
N LEU A 87 11.05 -5.86 10.04
CA LEU A 87 10.27 -7.03 9.65
C LEU A 87 10.17 -8.02 10.81
N ARG A 88 11.22 -8.09 11.61
CA ARG A 88 11.25 -8.99 12.75
C ARG A 88 10.47 -8.40 13.94
N GLU A 89 10.31 -7.08 13.94
CA GLU A 89 9.59 -6.40 15.00
C GLU A 89 8.11 -6.26 14.65
N PHE A 90 7.83 -6.03 13.38
CA PHE A 90 6.46 -5.87 12.91
C PHE A 90 5.68 -7.18 13.06
N LEU A 91 6.26 -8.27 12.58
CA LEU A 91 5.63 -9.58 12.66
C LEU A 91 5.33 -9.96 14.10
N LYS A 92 6.21 -9.54 15.01
CA LYS A 92 6.04 -9.82 16.43
C LYS A 92 5.05 -8.85 17.07
N LEU A 93 4.94 -7.66 16.49
CA LEU A 93 4.01 -6.65 17.00
C LEU A 93 2.57 -7.15 16.94
N LEU A 94 2.04 -7.29 15.72
CA LEU A 94 0.68 -7.75 15.52
C LEU A 94 0.45 -9.06 16.28
N GLN A 95 1.50 -9.85 16.44
CA GLN A 95 1.40 -11.12 17.14
C GLN A 95 0.96 -10.92 18.58
N ASN A 96 0.90 -9.66 19.01
CA ASN A 96 0.49 -9.33 20.36
C ASN A 96 -0.98 -8.91 20.41
N ILE A 97 -1.58 -8.80 19.23
CA ILE A 97 -2.98 -8.41 19.13
C ILE A 97 -3.90 -9.62 19.26
N THR A 98 -5.16 -9.38 19.63
CA THR A 98 -6.13 -10.45 19.78
C THR A 98 -7.08 -10.50 18.59
N ILE A 99 -7.78 -11.62 18.46
CA ILE A 99 -8.73 -11.80 17.37
C ILE A 99 -9.93 -10.85 17.51
N GLY A 100 -10.43 -10.36 16.39
CA GLY A 100 -11.56 -9.45 16.41
C GLY A 100 -11.23 -8.14 17.09
N THR A 101 -10.20 -7.46 16.59
CA THR A 101 -9.78 -6.18 17.16
C THR A 101 -9.81 -5.08 16.12
N VAL A 102 -10.47 -3.98 16.44
CA VAL A 102 -10.57 -2.84 15.53
C VAL A 102 -9.35 -1.93 15.64
N LEU A 103 -8.46 -2.01 14.65
CA LEU A 103 -7.25 -1.20 14.65
C LEU A 103 -7.25 -0.25 13.45
N GLN A 104 -6.50 0.85 13.58
CA GLN A 104 -6.41 1.83 12.51
C GLN A 104 -5.10 1.68 11.74
N ILE A 105 -5.17 1.00 10.61
CA ILE A 105 -3.99 0.79 9.77
C ILE A 105 -3.84 1.90 8.74
N LYS A 106 -2.94 2.84 9.02
CA LYS A 106 -2.70 3.95 8.12
C LYS A 106 -1.43 3.73 7.29
N ALA A 107 -1.60 3.50 5.99
CA ALA A 107 -0.48 3.26 5.11
C ALA A 107 -0.46 4.26 3.96
N TYR A 108 0.71 4.44 3.34
CA TYR A 108 0.84 5.38 2.24
C TYR A 108 0.71 4.66 0.89
N ARG A 109 0.21 5.37 -0.11
CA ARG A 109 0.02 4.81 -1.44
C ARG A 109 0.82 5.58 -2.48
N GLY A 110 2.15 5.61 -2.31
CA GLY A 110 3.00 6.33 -3.23
C GLY A 110 4.37 6.61 -2.66
N PHE A 111 4.47 6.61 -1.33
CA PHE A 111 5.73 6.87 -0.66
C PHE A 111 6.82 5.92 -1.15
N LEU A 112 6.68 4.65 -0.84
CA LEU A 112 7.65 3.64 -1.26
C LEU A 112 7.14 2.85 -2.46
N GLU A 113 7.84 2.96 -3.59
CA GLU A 113 7.45 2.26 -4.80
C GLU A 113 7.69 0.76 -4.65
N ILE A 114 6.95 -0.03 -5.43
CA ILE A 114 7.07 -1.48 -5.39
C ILE A 114 8.19 -1.96 -6.31
N PRO A 115 9.08 -2.81 -5.75
CA PRO A 115 10.21 -3.35 -6.50
C PRO A 115 9.77 -4.36 -7.57
N GLN A 116 9.88 -3.96 -8.83
CA GLN A 116 9.50 -4.82 -9.94
C GLN A 116 10.13 -6.20 -9.80
N GLU A 117 11.40 -6.23 -9.42
CA GLU A 117 12.12 -7.49 -9.25
C GLU A 117 11.22 -8.55 -8.63
N TRP A 118 10.46 -8.15 -7.62
CA TRP A 118 9.55 -9.07 -6.94
C TRP A 118 8.55 -9.67 -7.91
N GLN A 119 7.60 -8.83 -8.35
CA GLN A 119 6.57 -9.28 -9.29
C GLN A 119 7.18 -10.06 -10.44
N ASP A 120 6.64 -11.24 -10.70
CA ASP A 120 7.14 -12.09 -11.78
C ASP A 120 7.29 -11.29 -13.07
N SER A 121 6.26 -10.54 -13.43
CA SER A 121 6.28 -9.73 -14.64
C SER A 121 7.40 -8.70 -14.59
N GLY A 122 8.53 -9.02 -15.21
CA GLY A 122 9.66 -8.11 -15.22
C GLY A 122 9.83 -7.41 -16.56
N PRO A 123 11.06 -6.91 -16.81
CA PRO A 123 11.37 -6.21 -18.06
C PRO A 123 11.40 -7.14 -19.27
N SER A 124 10.31 -7.15 -20.03
CA SER A 124 10.20 -8.00 -21.21
C SER A 124 9.29 -7.37 -22.26
N SER A 125 9.80 -7.24 -23.48
CA SER A 125 9.03 -6.65 -24.57
C SER A 125 8.54 -7.73 -25.52
N GLY A 126 7.44 -8.38 -25.15
CA GLY A 126 6.88 -9.43 -26.00
C GLY A 126 5.36 -9.39 -26.04
N GLY A 1 -11.68 50.68 -42.63
CA GLY A 1 -11.02 50.54 -41.35
C GLY A 1 -11.43 49.26 -40.63
N SER A 2 -10.86 49.04 -39.45
CA SER A 2 -11.17 47.86 -38.66
C SER A 2 -10.30 47.80 -37.41
N SER A 3 -10.64 46.88 -36.50
CA SER A 3 -9.88 46.73 -35.26
C SER A 3 -9.86 45.26 -34.82
N GLY A 4 -9.09 44.98 -33.78
CA GLY A 4 -8.99 43.62 -33.28
C GLY A 4 -8.20 43.54 -31.98
N SER A 5 -8.29 42.38 -31.32
CA SER A 5 -7.59 42.18 -30.06
C SER A 5 -7.45 40.69 -29.75
N SER A 6 -6.45 40.35 -28.95
CA SER A 6 -6.20 38.96 -28.58
C SER A 6 -6.34 38.77 -27.07
N GLY A 7 -6.74 37.56 -26.67
CA GLY A 7 -6.90 37.27 -25.26
C GLY A 7 -8.32 37.50 -24.78
N SER A 8 -8.74 36.73 -23.79
CA SER A 8 -10.09 36.84 -23.24
C SER A 8 -10.56 38.30 -23.26
N LYS A 9 -11.69 38.53 -23.93
CA LYS A 9 -12.25 39.87 -24.03
C LYS A 9 -13.49 39.89 -24.91
N ASN A 10 -14.32 38.85 -24.76
CA ASN A 10 -15.54 38.74 -25.55
C ASN A 10 -16.22 37.39 -25.31
N GLU A 11 -16.14 36.90 -24.07
CA GLU A 11 -16.75 35.63 -23.71
C GLU A 11 -16.14 34.49 -24.53
N LYS A 12 -15.52 33.54 -23.83
CA LYS A 12 -14.89 32.39 -24.48
C LYS A 12 -14.37 32.78 -25.87
N GLU A 13 -13.15 33.29 -25.91
CA GLU A 13 -12.52 33.70 -27.17
C GLU A 13 -11.05 33.29 -27.21
N GLN A 14 -10.27 34.04 -27.96
CA GLN A 14 -8.84 33.77 -28.09
C GLN A 14 -8.12 34.00 -26.77
N LEU A 15 -7.26 33.06 -26.39
CA LEU A 15 -6.51 33.16 -25.15
C LEU A 15 -5.08 32.63 -25.32
N SER A 16 -4.17 33.15 -24.51
CA SER A 16 -2.77 32.74 -24.58
C SER A 16 -2.29 32.20 -23.23
N LYS A 17 -3.21 32.14 -22.28
CA LYS A 17 -2.89 31.65 -20.94
C LYS A 17 -2.96 30.13 -20.89
N ALA A 18 -2.34 29.53 -19.88
CA ALA A 18 -2.34 28.08 -19.71
C ALA A 18 -1.49 27.66 -18.53
N LYS A 19 -1.58 28.42 -17.44
CA LYS A 19 -0.81 28.13 -16.23
C LYS A 19 -0.87 26.64 -15.89
N ALA A 20 0.25 26.08 -15.46
CA ALA A 20 0.31 24.68 -15.09
C ALA A 20 -0.90 24.26 -14.26
N SER A 21 -1.42 23.07 -14.53
CA SER A 21 -2.58 22.57 -13.81
C SER A 21 -2.29 21.19 -13.22
N VAL A 22 -1.08 21.02 -12.69
CA VAL A 22 -0.69 19.75 -12.09
C VAL A 22 -1.57 19.41 -10.89
N SER A 23 -1.69 18.11 -10.61
CA SER A 23 -2.49 17.66 -9.49
C SER A 23 -2.09 16.24 -9.07
N SER A 24 -0.91 16.13 -8.47
CA SER A 24 -0.40 14.84 -8.03
C SER A 24 -0.67 14.64 -6.54
N LEU A 25 -1.91 14.92 -6.13
CA LEU A 25 -2.29 14.77 -4.73
C LEU A 25 -2.29 13.30 -4.32
N ASN A 26 -1.73 13.02 -3.15
CA ASN A 26 -1.66 11.65 -2.64
C ASN A 26 -2.39 11.53 -1.30
N LYS A 27 -3.56 10.91 -1.31
CA LYS A 27 -4.35 10.72 -0.11
C LYS A 27 -3.84 9.52 0.69
N VAL A 28 -3.86 9.65 2.01
CA VAL A 28 -3.42 8.57 2.89
C VAL A 28 -4.51 7.54 3.09
N ILE A 29 -4.14 6.26 3.02
CA ILE A 29 -5.09 5.18 3.19
C ILE A 29 -5.15 4.72 4.65
N GLN A 30 -6.36 4.59 5.18
CA GLN A 30 -6.56 4.16 6.55
C GLN A 30 -7.87 3.42 6.72
N THR A 31 -7.79 2.17 7.15
CA THR A 31 -8.97 1.34 7.34
C THR A 31 -8.81 0.41 8.55
N LYS A 32 -9.93 0.00 9.12
CA LYS A 32 -9.92 -0.89 10.28
C LYS A 32 -10.11 -2.33 9.86
N LEU A 33 -9.09 -3.16 10.09
CA LEU A 33 -9.15 -4.57 9.73
C LEU A 33 -9.70 -5.39 10.89
N THR A 34 -10.49 -6.41 10.55
CA THR A 34 -11.08 -7.28 11.56
C THR A 34 -10.16 -8.45 11.89
N VAL A 35 -9.36 -8.30 12.95
CA VAL A 35 -8.44 -9.34 13.37
C VAL A 35 -9.15 -10.68 13.51
N GLY A 36 -8.53 -11.73 12.98
CA GLY A 36 -9.12 -13.05 13.06
C GLY A 36 -8.45 -13.94 14.10
N ASN A 37 -8.60 -15.24 13.95
CA ASN A 37 -8.00 -16.19 14.89
C ASN A 37 -6.52 -16.38 14.60
N LEU A 38 -6.16 -16.31 13.33
CA LEU A 38 -4.76 -16.47 12.91
C LEU A 38 -4.07 -15.12 12.81
N GLY A 39 -4.83 -14.05 13.04
CA GLY A 39 -4.26 -12.71 12.96
C GLY A 39 -3.71 -12.39 11.59
N LEU A 40 -3.85 -11.14 11.17
CA LEU A 40 -3.37 -10.71 9.86
C LEU A 40 -1.94 -11.20 9.63
N GLY A 41 -1.82 -12.24 8.80
CA GLY A 41 -0.50 -12.79 8.51
C GLY A 41 0.17 -12.09 7.34
N LEU A 42 -0.51 -11.09 6.79
CA LEU A 42 0.02 -10.33 5.66
C LEU A 42 1.51 -10.62 5.47
N VAL A 43 1.87 -11.11 4.29
CA VAL A 43 3.25 -11.43 3.98
C VAL A 43 4.04 -10.17 3.61
N VAL A 44 4.43 -9.42 4.64
CA VAL A 44 5.18 -8.18 4.43
C VAL A 44 6.67 -8.48 4.22
N ILE A 45 7.43 -7.45 3.89
CA ILE A 45 8.86 -7.59 3.66
C ILE A 45 9.64 -6.44 4.26
N GLN A 46 10.96 -6.50 4.15
CA GLN A 46 11.83 -5.45 4.69
C GLN A 46 12.44 -4.62 3.57
N ASN A 47 11.75 -3.56 3.16
CA ASN A 47 12.23 -2.69 2.10
C ASN A 47 12.50 -1.29 2.62
N GLY A 48 13.76 -1.01 2.93
CA GLY A 48 14.13 0.30 3.45
C GLY A 48 13.76 0.48 4.90
N PRO A 49 13.77 1.73 5.37
CA PRO A 49 13.43 2.07 6.76
C PRO A 49 11.96 1.85 7.06
N TYR A 50 11.18 1.53 6.03
CA TYR A 50 9.75 1.30 6.19
C TYR A 50 9.37 -0.12 5.79
N LEU A 51 8.11 -0.47 6.00
CA LEU A 51 7.62 -1.81 5.65
C LEU A 51 6.64 -1.74 4.48
N GLN A 52 6.76 -2.70 3.57
CA GLN A 52 5.89 -2.75 2.40
C GLN A 52 5.20 -4.11 2.30
N ILE A 53 3.87 -4.10 2.29
CA ILE A 53 3.09 -5.33 2.20
C ILE A 53 3.31 -6.01 0.85
N SER A 54 4.09 -7.08 0.86
CA SER A 54 4.38 -7.83 -0.36
C SER A 54 3.19 -8.70 -0.76
N HIS A 55 2.42 -9.13 0.23
CA HIS A 55 1.25 -9.96 -0.02
C HIS A 55 0.39 -10.07 1.22
N LEU A 56 -0.93 -10.22 1.02
CA LEU A 56 -1.87 -10.32 2.13
C LEU A 56 -2.40 -11.75 2.25
N ILE A 57 -2.49 -12.24 3.48
CA ILE A 57 -2.99 -13.59 3.74
C ILE A 57 -4.48 -13.68 3.46
N ASN A 58 -4.84 -14.32 2.36
CA ASN A 58 -6.24 -14.48 1.99
C ASN A 58 -7.11 -14.75 3.22
N LYS A 59 -6.70 -15.72 4.02
CA LYS A 59 -7.44 -16.07 5.23
C LYS A 59 -7.07 -15.12 6.37
N GLY A 60 -6.93 -13.85 6.06
CA GLY A 60 -6.59 -12.86 7.07
C GLY A 60 -7.58 -11.71 7.12
N ALA A 61 -7.19 -10.63 7.78
CA ALA A 61 -8.06 -9.45 7.89
C ALA A 61 -7.79 -8.46 6.76
N ALA A 62 -6.51 -8.19 6.50
CA ALA A 62 -6.13 -7.27 5.45
C ALA A 62 -6.53 -7.80 4.08
N ALA A 63 -6.29 -9.09 3.86
CA ALA A 63 -6.62 -9.73 2.59
C ALA A 63 -8.11 -9.60 2.29
N SER A 64 -8.91 -9.39 3.34
CA SER A 64 -10.35 -9.27 3.19
C SER A 64 -10.76 -7.80 3.09
N ASP A 65 -9.76 -6.92 3.07
CA ASP A 65 -10.02 -5.48 2.99
C ASP A 65 -9.62 -4.94 1.62
N GLY A 66 -10.61 -4.57 0.82
CA GLY A 66 -10.33 -4.04 -0.50
C GLY A 66 -9.61 -2.71 -0.45
N ILE A 67 -9.53 -2.13 0.74
CA ILE A 67 -8.86 -0.84 0.92
C ILE A 67 -7.35 -1.02 0.98
N LEU A 68 -6.90 -1.94 1.81
CA LEU A 68 -5.47 -2.21 1.97
C LEU A 68 -4.96 -3.10 0.85
N GLN A 69 -3.94 -2.63 0.14
CA GLN A 69 -3.36 -3.38 -0.96
C GLN A 69 -1.93 -3.83 -0.63
N PRO A 70 -1.51 -4.94 -1.24
CA PRO A 70 -0.17 -5.50 -1.02
C PRO A 70 0.92 -4.64 -1.64
N GLY A 71 1.32 -3.58 -0.92
CA GLY A 71 2.35 -2.69 -1.42
C GLY A 71 2.24 -1.29 -0.83
N ASP A 72 1.79 -1.21 0.42
CA ASP A 72 1.64 0.07 1.09
C ASP A 72 2.66 0.23 2.22
N VAL A 73 2.81 1.45 2.71
CA VAL A 73 3.75 1.72 3.79
C VAL A 73 3.02 2.10 5.08
N LEU A 74 2.96 1.15 6.01
CA LEU A 74 2.30 1.37 7.29
C LEU A 74 3.02 2.45 8.10
N ILE A 75 2.27 3.19 8.89
CA ILE A 75 2.84 4.24 9.73
C ILE A 75 2.18 4.29 11.10
N SER A 76 1.50 3.20 11.45
CA SER A 76 0.82 3.10 12.74
C SER A 76 -0.24 2.01 12.72
N VAL A 77 0.21 0.75 12.78
CA VAL A 77 -0.70 -0.38 12.76
C VAL A 77 -1.16 -0.73 14.17
N GLY A 78 -2.34 -0.25 14.54
CA GLY A 78 -2.88 -0.52 15.86
C GLY A 78 -2.32 0.40 16.92
N HIS A 79 -2.49 1.71 16.73
CA HIS A 79 -2.00 2.69 17.67
C HIS A 79 -0.51 2.47 17.95
N ALA A 80 0.15 1.73 17.08
CA ALA A 80 1.57 1.45 17.23
C ALA A 80 2.37 1.97 16.05
N ASN A 81 3.04 3.10 16.25
CA ASN A 81 3.85 3.71 15.20
C ASN A 81 4.83 2.70 14.62
N VAL A 82 4.46 2.13 13.47
CA VAL A 82 5.30 1.15 12.80
C VAL A 82 6.13 1.80 11.70
N LEU A 83 6.20 3.12 11.73
CA LEU A 83 6.96 3.87 10.72
C LEU A 83 8.34 3.24 10.51
N GLY A 84 9.08 3.07 11.60
CA GLY A 84 10.40 2.48 11.51
C GLY A 84 10.43 1.03 11.96
N TYR A 85 9.25 0.43 12.07
CA TYR A 85 9.14 -0.96 12.50
C TYR A 85 9.68 -1.90 11.42
N THR A 86 10.39 -2.93 11.86
CA THR A 86 10.97 -3.90 10.94
C THR A 86 10.07 -5.12 10.79
N LEU A 87 10.42 -6.00 9.86
CA LEU A 87 9.63 -7.22 9.62
C LEU A 87 9.43 -8.00 10.91
N ARG A 88 10.52 -8.21 11.65
CA ARG A 88 10.46 -8.95 12.91
C ARG A 88 9.59 -8.21 13.92
N GLU A 89 10.00 -7.00 14.29
CA GLU A 89 9.26 -6.20 15.25
C GLU A 89 7.81 -6.03 14.81
N PHE A 90 7.59 -6.06 13.51
CA PHE A 90 6.25 -5.90 12.95
C PHE A 90 5.41 -7.14 13.20
N LEU A 91 5.73 -8.22 12.49
CA LEU A 91 5.01 -9.48 12.64
C LEU A 91 4.78 -9.80 14.11
N LYS A 92 5.77 -9.55 14.93
CA LYS A 92 5.68 -9.81 16.36
C LYS A 92 4.62 -8.92 17.01
N LEU A 93 4.47 -7.71 16.49
CA LEU A 93 3.50 -6.77 17.01
C LEU A 93 2.07 -7.25 16.75
N LEU A 94 1.72 -7.36 15.47
CA LEU A 94 0.38 -7.81 15.08
C LEU A 94 0.05 -9.14 15.76
N GLN A 95 1.07 -9.95 16.01
CA GLN A 95 0.88 -11.24 16.66
C GLN A 95 0.34 -11.07 18.08
N ASN A 96 0.64 -9.92 18.68
CA ASN A 96 0.20 -9.64 20.04
C ASN A 96 -1.21 -9.02 20.03
N ILE A 97 -1.91 -9.18 18.92
CA ILE A 97 -3.26 -8.65 18.78
C ILE A 97 -4.30 -9.72 19.10
N THR A 98 -5.41 -9.28 19.71
CA THR A 98 -6.49 -10.20 20.06
C THR A 98 -7.53 -10.28 18.95
N ILE A 99 -8.31 -11.35 18.95
CA ILE A 99 -9.35 -11.55 17.96
C ILE A 99 -10.41 -10.46 18.05
N GLY A 100 -11.03 -10.15 16.91
CA GLY A 100 -12.05 -9.13 16.88
C GLY A 100 -11.58 -7.80 17.47
N THR A 101 -10.49 -7.28 16.92
CA THR A 101 -9.93 -6.02 17.40
C THR A 101 -9.86 -4.99 16.28
N VAL A 102 -10.37 -3.78 16.56
CA VAL A 102 -10.37 -2.72 15.57
C VAL A 102 -9.10 -1.87 15.69
N LEU A 103 -8.24 -1.97 14.67
CA LEU A 103 -7.00 -1.21 14.65
C LEU A 103 -6.98 -0.21 13.49
N GLN A 104 -6.31 0.92 13.70
CA GLN A 104 -6.22 1.95 12.67
C GLN A 104 -4.96 1.77 11.83
N ILE A 105 -5.09 1.06 10.72
CA ILE A 105 -3.96 0.82 9.84
C ILE A 105 -3.80 1.95 8.84
N LYS A 106 -2.87 2.87 9.13
CA LYS A 106 -2.61 4.01 8.26
C LYS A 106 -1.40 3.75 7.37
N ALA A 107 -1.63 3.64 6.08
CA ALA A 107 -0.55 3.38 5.12
C ALA A 107 -0.64 4.34 3.94
N TYR A 108 0.50 4.58 3.29
CA TYR A 108 0.54 5.47 2.13
C TYR A 108 0.31 4.70 0.83
N ARG A 109 -0.42 5.31 -0.10
CA ARG A 109 -0.70 4.68 -1.38
C ARG A 109 0.07 5.36 -2.50
N GLY A 110 1.29 5.82 -2.19
CA GLY A 110 2.10 6.48 -3.19
C GLY A 110 3.38 7.05 -2.60
N PHE A 111 3.93 6.36 -1.61
CA PHE A 111 5.16 6.80 -0.95
C PHE A 111 6.35 5.96 -1.40
N LEU A 112 6.30 4.67 -1.09
CA LEU A 112 7.37 3.76 -1.46
C LEU A 112 6.95 2.87 -2.63
N GLU A 113 7.59 3.07 -3.77
CA GLU A 113 7.29 2.29 -4.97
C GLU A 113 7.55 0.80 -4.73
N ILE A 114 6.85 -0.05 -5.46
CA ILE A 114 7.01 -1.49 -5.33
C ILE A 114 8.16 -2.00 -6.18
N PRO A 115 9.03 -2.82 -5.57
CA PRO A 115 10.20 -3.38 -6.26
C PRO A 115 9.81 -4.42 -7.29
N GLN A 116 10.10 -4.13 -8.56
CA GLN A 116 9.79 -5.04 -9.65
C GLN A 116 10.40 -6.42 -9.41
N GLU A 117 11.67 -6.44 -9.04
CA GLU A 117 12.37 -7.69 -8.78
C GLU A 117 11.44 -8.72 -8.14
N TRP A 118 10.70 -8.28 -7.13
CA TRP A 118 9.76 -9.15 -6.43
C TRP A 118 8.78 -9.79 -7.41
N GLN A 119 7.90 -8.98 -7.97
CA GLN A 119 6.90 -9.46 -8.92
C GLN A 119 7.56 -10.33 -9.98
N ASP A 120 7.26 -11.63 -9.96
CA ASP A 120 7.82 -12.56 -10.93
C ASP A 120 7.12 -12.43 -12.27
N SER A 121 5.79 -12.52 -12.26
CA SER A 121 5.01 -12.41 -13.48
C SER A 121 4.70 -10.96 -13.80
N GLY A 122 5.41 -10.41 -14.78
CA GLY A 122 5.20 -9.03 -15.17
C GLY A 122 4.92 -8.88 -16.65
N PRO A 123 4.69 -7.63 -17.09
CA PRO A 123 4.39 -7.33 -18.49
C PRO A 123 5.62 -7.52 -19.38
N SER A 124 6.80 -7.37 -18.80
CA SER A 124 8.05 -7.52 -19.54
C SER A 124 8.64 -8.91 -19.34
N SER A 125 9.56 -9.29 -20.22
CA SER A 125 10.20 -10.60 -20.14
C SER A 125 9.23 -11.71 -20.53
N GLY A 126 9.76 -12.89 -20.83
CA GLY A 126 8.94 -14.01 -21.21
C GLY A 126 8.75 -14.11 -22.71
N GLY A 1 -34.51 29.64 -27.29
CA GLY A 1 -33.12 29.96 -27.04
C GLY A 1 -32.38 30.43 -28.27
N SER A 2 -31.06 30.50 -28.19
CA SER A 2 -30.25 30.93 -29.32
C SER A 2 -28.76 30.86 -28.99
N SER A 3 -27.93 30.76 -30.02
CA SER A 3 -26.49 30.66 -29.83
C SER A 3 -25.77 30.69 -31.17
N GLY A 4 -24.46 30.95 -31.14
CA GLY A 4 -23.68 31.01 -32.36
C GLY A 4 -22.56 32.02 -32.29
N SER A 5 -21.50 31.70 -31.55
CA SER A 5 -20.37 32.59 -31.40
C SER A 5 -19.09 31.81 -31.10
N SER A 6 -18.02 32.16 -31.80
CA SER A 6 -16.74 31.49 -31.63
C SER A 6 -16.31 31.51 -30.16
N GLY A 7 -16.10 30.33 -29.59
CA GLY A 7 -15.69 30.22 -28.21
C GLY A 7 -16.80 30.61 -27.24
N SER A 8 -16.45 30.81 -25.99
CA SER A 8 -17.42 31.18 -24.97
C SER A 8 -18.75 30.47 -25.21
N LYS A 9 -18.69 29.18 -25.53
CA LYS A 9 -19.88 28.39 -25.79
C LYS A 9 -19.97 27.21 -24.84
N ASN A 10 -21.18 26.68 -24.65
CA ASN A 10 -21.38 25.55 -23.76
C ASN A 10 -20.66 24.31 -24.27
N GLU A 11 -20.91 23.17 -23.64
CA GLU A 11 -20.28 21.92 -24.02
C GLU A 11 -18.78 21.97 -23.78
N LYS A 12 -18.02 21.25 -24.60
CA LYS A 12 -16.58 21.20 -24.48
C LYS A 12 -16.02 22.55 -24.01
N GLU A 13 -15.14 22.52 -23.02
CA GLU A 13 -14.55 23.74 -22.49
C GLU A 13 -13.21 24.02 -23.15
N GLN A 14 -13.25 24.53 -24.38
CA GLN A 14 -12.04 24.85 -25.12
C GLN A 14 -11.89 26.36 -25.29
N LEU A 15 -12.74 27.12 -24.61
CA LEU A 15 -12.70 28.58 -24.68
C LEU A 15 -11.27 29.08 -24.86
N SER A 16 -10.37 28.63 -23.97
CA SER A 16 -8.98 29.04 -24.04
C SER A 16 -8.16 28.33 -22.96
N LYS A 17 -6.89 28.08 -23.25
CA LYS A 17 -6.00 27.41 -22.31
C LYS A 17 -6.07 28.08 -20.93
N ALA A 18 -5.68 27.33 -19.91
CA ALA A 18 -5.70 27.84 -18.54
C ALA A 18 -5.30 26.76 -17.54
N LYS A 19 -4.27 26.01 -17.88
CA LYS A 19 -3.79 24.93 -17.01
C LYS A 19 -3.03 25.50 -15.81
N ALA A 20 -2.59 24.61 -14.92
CA ALA A 20 -1.85 25.02 -13.74
C ALA A 20 -1.10 23.85 -13.11
N SER A 21 -0.34 24.13 -12.07
CA SER A 21 0.43 23.08 -11.39
C SER A 21 -0.10 22.86 -9.98
N VAL A 22 -1.43 22.76 -9.85
CA VAL A 22 -2.05 22.53 -8.55
C VAL A 22 -1.91 21.08 -8.11
N SER A 23 -1.95 20.86 -6.80
CA SER A 23 -1.81 19.53 -6.24
C SER A 23 -1.96 19.55 -4.72
N SER A 24 -2.96 20.28 -4.25
CA SER A 24 -3.21 20.39 -2.82
C SER A 24 -4.22 19.34 -2.36
N LEU A 25 -4.02 18.11 -2.80
CA LEU A 25 -4.92 17.01 -2.43
C LEU A 25 -4.14 15.71 -2.25
N ASN A 26 -3.73 15.45 -1.01
CA ASN A 26 -2.98 14.23 -0.69
C ASN A 26 -3.64 13.46 0.43
N LYS A 27 -4.24 12.33 0.09
CA LYS A 27 -4.92 11.49 1.08
C LYS A 27 -4.17 10.18 1.28
N VAL A 28 -4.21 9.65 2.49
CA VAL A 28 -3.54 8.39 2.82
C VAL A 28 -4.55 7.26 2.98
N ILE A 29 -4.05 6.03 2.93
CA ILE A 29 -4.91 4.86 3.08
C ILE A 29 -5.04 4.45 4.54
N GLN A 30 -6.27 4.44 5.05
CA GLN A 30 -6.53 4.07 6.43
C GLN A 30 -7.85 3.33 6.57
N THR A 31 -7.78 2.09 7.05
CA THR A 31 -8.98 1.27 7.22
C THR A 31 -8.88 0.39 8.46
N LYS A 32 -10.02 0.00 9.00
CA LYS A 32 -10.06 -0.85 10.19
C LYS A 32 -10.24 -2.31 9.80
N LEU A 33 -9.19 -3.10 10.06
CA LEU A 33 -9.23 -4.53 9.74
C LEU A 33 -9.66 -5.34 10.95
N THR A 34 -10.64 -6.22 10.75
CA THR A 34 -11.14 -7.07 11.84
C THR A 34 -10.24 -8.28 12.06
N VAL A 35 -9.30 -8.15 12.97
CA VAL A 35 -8.37 -9.23 13.27
C VAL A 35 -9.08 -10.57 13.29
N GLY A 36 -8.39 -11.62 12.85
CA GLY A 36 -8.97 -12.95 12.84
C GLY A 36 -8.31 -13.89 13.82
N ASN A 37 -8.85 -15.11 13.92
CA ASN A 37 -8.31 -16.10 14.83
C ASN A 37 -6.83 -16.35 14.55
N LEU A 38 -6.41 -16.04 13.34
CA LEU A 38 -5.01 -16.23 12.94
C LEU A 38 -4.30 -14.89 12.81
N GLY A 39 -5.04 -13.80 13.02
CA GLY A 39 -4.46 -12.48 12.92
C GLY A 39 -3.89 -12.19 11.54
N LEU A 40 -4.06 -10.95 11.08
CA LEU A 40 -3.55 -10.56 9.77
C LEU A 40 -2.14 -11.07 9.56
N GLY A 41 -2.00 -12.10 8.74
CA GLY A 41 -0.69 -12.66 8.46
C GLY A 41 -0.06 -12.07 7.22
N LEU A 42 -0.59 -10.94 6.76
CA LEU A 42 -0.08 -10.27 5.58
C LEU A 42 1.40 -10.60 5.36
N VAL A 43 1.73 -11.05 4.15
CA VAL A 43 3.10 -11.41 3.82
C VAL A 43 3.92 -10.17 3.48
N VAL A 44 4.18 -9.33 4.48
CA VAL A 44 4.95 -8.12 4.29
C VAL A 44 6.45 -8.41 4.28
N ILE A 45 7.22 -7.54 3.63
CA ILE A 45 8.66 -7.71 3.55
C ILE A 45 9.39 -6.52 4.17
N GLN A 46 10.71 -6.61 4.22
CA GLN A 46 11.52 -5.54 4.79
C GLN A 46 12.15 -4.68 3.69
N ASN A 47 11.43 -3.64 3.29
CA ASN A 47 11.92 -2.74 2.25
C ASN A 47 12.11 -1.33 2.80
N GLY A 48 13.31 -1.05 3.30
CA GLY A 48 13.61 0.25 3.84
C GLY A 48 13.23 0.38 5.30
N PRO A 49 13.24 1.62 5.82
CA PRO A 49 12.89 1.90 7.22
C PRO A 49 11.41 1.68 7.49
N TYR A 50 10.67 1.29 6.46
CA TYR A 50 9.23 1.06 6.61
C TYR A 50 8.87 -0.35 6.14
N LEU A 51 7.72 -0.84 6.60
CA LEU A 51 7.25 -2.17 6.23
C LEU A 51 6.36 -2.11 4.99
N GLN A 52 6.90 -2.58 3.86
CA GLN A 52 6.15 -2.58 2.62
C GLN A 52 5.48 -3.93 2.38
N ILE A 53 4.15 -3.93 2.42
CA ILE A 53 3.38 -5.15 2.22
C ILE A 53 3.65 -5.74 0.83
N SER A 54 3.88 -7.06 0.79
CA SER A 54 4.15 -7.75 -0.47
C SER A 54 2.96 -8.61 -0.87
N HIS A 55 2.20 -9.06 0.11
CA HIS A 55 1.04 -9.90 -0.15
C HIS A 55 0.15 -9.99 1.09
N LEU A 56 -1.15 -10.15 0.87
CA LEU A 56 -2.11 -10.25 1.97
C LEU A 56 -2.58 -11.69 2.14
N ILE A 57 -2.68 -12.13 3.39
CA ILE A 57 -3.13 -13.48 3.69
C ILE A 57 -4.63 -13.63 3.44
N ASN A 58 -4.98 -14.33 2.36
CA ASN A 58 -6.38 -14.55 2.01
C ASN A 58 -7.20 -14.87 3.24
N LYS A 59 -6.64 -15.69 4.12
CA LYS A 59 -7.33 -16.08 5.35
C LYS A 59 -7.11 -15.05 6.45
N GLY A 60 -6.97 -13.79 6.06
CA GLY A 60 -6.76 -12.72 7.02
C GLY A 60 -7.84 -11.65 6.94
N ALA A 61 -7.58 -10.51 7.58
CA ALA A 61 -8.52 -9.41 7.58
C ALA A 61 -8.20 -8.41 6.48
N ALA A 62 -6.91 -8.27 6.16
CA ALA A 62 -6.48 -7.35 5.12
C ALA A 62 -6.91 -7.84 3.74
N ALA A 63 -6.70 -9.13 3.49
CA ALA A 63 -7.07 -9.72 2.21
C ALA A 63 -8.54 -9.49 1.90
N SER A 64 -9.38 -9.55 2.94
CA SER A 64 -10.81 -9.37 2.78
C SER A 64 -11.17 -7.88 2.79
N ASP A 65 -10.15 -7.03 2.81
CA ASP A 65 -10.34 -5.60 2.83
C ASP A 65 -9.98 -4.98 1.47
N GLY A 66 -10.98 -4.42 0.80
CA GLY A 66 -10.75 -3.80 -0.50
C GLY A 66 -10.21 -2.39 -0.38
N ILE A 67 -9.39 -2.15 0.64
CA ILE A 67 -8.81 -0.84 0.86
C ILE A 67 -7.29 -0.91 0.93
N LEU A 68 -6.79 -1.89 1.67
CA LEU A 68 -5.34 -2.08 1.81
C LEU A 68 -4.79 -2.96 0.70
N GLN A 69 -3.76 -2.46 0.03
CA GLN A 69 -3.13 -3.21 -1.06
C GLN A 69 -1.71 -3.60 -0.71
N PRO A 70 -1.25 -4.74 -1.27
CA PRO A 70 0.10 -5.25 -1.03
C PRO A 70 1.18 -4.38 -1.65
N GLY A 71 1.53 -3.29 -0.97
CA GLY A 71 2.54 -2.38 -1.48
C GLY A 71 2.44 -0.99 -0.89
N ASP A 72 2.02 -0.92 0.38
CA ASP A 72 1.87 0.35 1.06
C ASP A 72 2.96 0.53 2.12
N VAL A 73 2.86 1.61 2.89
CA VAL A 73 3.83 1.89 3.93
C VAL A 73 3.14 2.23 5.25
N LEU A 74 2.93 1.21 6.09
CA LEU A 74 2.29 1.41 7.38
C LEU A 74 2.97 2.52 8.17
N ILE A 75 2.18 3.29 8.90
CA ILE A 75 2.70 4.39 9.70
C ILE A 75 2.14 4.35 11.12
N SER A 76 1.49 3.24 11.45
CA SER A 76 0.91 3.07 12.79
C SER A 76 -0.16 1.99 12.77
N VAL A 77 0.28 0.73 12.72
CA VAL A 77 -0.65 -0.40 12.71
C VAL A 77 -1.08 -0.78 14.12
N GLY A 78 -2.29 -0.37 14.49
CA GLY A 78 -2.80 -0.67 15.81
C GLY A 78 -2.21 0.22 16.89
N HIS A 79 -2.37 1.53 16.72
CA HIS A 79 -1.84 2.50 17.68
C HIS A 79 -0.36 2.24 17.94
N ALA A 80 0.28 1.48 17.06
CA ALA A 80 1.69 1.16 17.20
C ALA A 80 2.49 1.71 16.02
N ASN A 81 3.03 2.91 16.18
CA ASN A 81 3.82 3.53 15.11
C ASN A 81 4.82 2.55 14.53
N VAL A 82 4.42 1.85 13.48
CA VAL A 82 5.28 0.88 12.82
C VAL A 82 6.20 1.55 11.81
N LEU A 83 6.19 2.88 11.81
CA LEU A 83 7.02 3.65 10.88
C LEU A 83 8.42 3.05 10.80
N GLY A 84 9.06 2.90 11.95
CA GLY A 84 10.41 2.35 11.98
C GLY A 84 10.44 0.94 12.55
N TYR A 85 9.39 0.17 12.27
CA TYR A 85 9.30 -1.19 12.76
C TYR A 85 9.92 -2.17 11.76
N THR A 86 10.89 -2.95 12.24
CA THR A 86 11.57 -3.92 11.38
C THR A 86 10.69 -5.14 11.13
N LEU A 87 10.76 -5.67 9.92
CA LEU A 87 9.98 -6.85 9.55
C LEU A 87 9.85 -7.82 10.73
N ARG A 88 10.91 -7.91 11.52
CA ARG A 88 10.92 -8.80 12.68
C ARG A 88 10.11 -8.21 13.82
N GLU A 89 10.25 -6.91 14.04
CA GLU A 89 9.53 -6.22 15.11
C GLU A 89 8.05 -6.13 14.78
N PHE A 90 7.72 -6.02 13.50
CA PHE A 90 6.33 -5.92 13.06
C PHE A 90 5.61 -7.25 13.27
N LEU A 91 6.21 -8.34 12.81
CA LEU A 91 5.63 -9.66 12.96
C LEU A 91 5.35 -9.98 14.43
N LYS A 92 6.20 -9.46 15.31
CA LYS A 92 6.07 -9.68 16.74
C LYS A 92 4.97 -8.80 17.32
N LEU A 93 4.76 -7.63 16.71
CA LEU A 93 3.75 -6.70 17.17
C LEU A 93 2.36 -7.31 17.06
N LEU A 94 1.91 -7.56 15.83
CA LEU A 94 0.59 -8.14 15.59
C LEU A 94 0.42 -9.42 16.41
N GLN A 95 1.51 -10.13 16.66
CA GLN A 95 1.47 -11.36 17.43
C GLN A 95 0.99 -11.10 18.86
N ASN A 96 0.83 -9.82 19.20
CA ASN A 96 0.37 -9.44 20.53
C ASN A 96 -1.06 -8.91 20.47
N ILE A 97 -1.59 -8.76 19.27
CA ILE A 97 -2.95 -8.26 19.08
C ILE A 97 -3.98 -9.34 19.42
N THR A 98 -5.19 -8.91 19.74
CA THR A 98 -6.26 -9.84 20.08
C THR A 98 -7.26 -9.97 18.94
N ILE A 99 -7.93 -11.11 18.87
CA ILE A 99 -8.91 -11.36 17.82
C ILE A 99 -10.07 -10.37 17.92
N GLY A 100 -10.69 -10.09 16.78
CA GLY A 100 -11.80 -9.16 16.74
C GLY A 100 -11.44 -7.81 17.33
N THR A 101 -10.33 -7.24 16.88
CA THR A 101 -9.88 -5.95 17.36
C THR A 101 -9.86 -4.92 16.25
N VAL A 102 -10.39 -3.73 16.53
CA VAL A 102 -10.43 -2.65 15.55
C VAL A 102 -9.18 -1.79 15.63
N LEU A 103 -8.31 -1.93 14.63
CA LEU A 103 -7.07 -1.16 14.58
C LEU A 103 -7.05 -0.23 13.38
N GLN A 104 -6.29 0.86 13.48
CA GLN A 104 -6.18 1.82 12.40
C GLN A 104 -4.89 1.63 11.62
N ILE A 105 -4.99 1.04 10.44
CA ILE A 105 -3.83 0.79 9.59
C ILE A 105 -3.63 1.94 8.60
N LYS A 106 -2.75 2.87 8.94
CA LYS A 106 -2.47 4.00 8.08
C LYS A 106 -1.22 3.74 7.23
N ALA A 107 -1.40 3.79 5.91
CA ALA A 107 -0.30 3.56 4.99
C ALA A 107 -0.39 4.48 3.77
N TYR A 108 0.76 4.79 3.19
CA TYR A 108 0.81 5.67 2.02
C TYR A 108 0.74 4.86 0.73
N ARG A 109 -0.12 5.30 -0.19
CA ARG A 109 -0.27 4.61 -1.47
C ARG A 109 0.55 5.29 -2.56
N GLY A 110 1.74 5.76 -2.19
CA GLY A 110 2.61 6.42 -3.14
C GLY A 110 3.87 6.95 -2.49
N PHE A 111 4.34 6.28 -1.45
CA PHE A 111 5.55 6.69 -0.75
C PHE A 111 6.75 5.84 -1.16
N LEU A 112 6.62 4.53 -0.96
CA LEU A 112 7.70 3.61 -1.31
C LEU A 112 7.32 2.78 -2.53
N GLU A 113 8.03 3.01 -3.63
CA GLU A 113 7.78 2.28 -4.87
C GLU A 113 8.00 0.79 -4.68
N ILE A 114 7.28 -0.01 -5.47
CA ILE A 114 7.40 -1.47 -5.39
C ILE A 114 8.54 -1.98 -6.27
N PRO A 115 9.39 -2.84 -5.69
CA PRO A 115 10.52 -3.42 -6.41
C PRO A 115 10.09 -4.41 -7.48
N GLN A 116 10.25 -4.03 -8.74
CA GLN A 116 9.88 -4.89 -9.86
C GLN A 116 10.48 -6.28 -9.70
N GLU A 117 11.74 -6.33 -9.26
CA GLU A 117 12.42 -7.60 -9.07
C GLU A 117 11.48 -8.66 -8.52
N TRP A 118 10.74 -8.30 -7.47
CA TRP A 118 9.79 -9.22 -6.85
C TRP A 118 8.82 -9.76 -7.87
N GLN A 119 7.92 -8.90 -8.35
CA GLN A 119 6.92 -9.29 -9.34
C GLN A 119 7.57 -10.02 -10.50
N ASP A 120 7.00 -11.15 -10.89
CA ASP A 120 7.52 -11.95 -11.99
C ASP A 120 7.58 -11.12 -13.27
N SER A 121 6.45 -10.54 -13.64
CA SER A 121 6.37 -9.73 -14.85
C SER A 121 7.54 -8.74 -14.93
N GLY A 122 7.84 -8.28 -16.13
CA GLY A 122 8.93 -7.34 -16.32
C GLY A 122 9.63 -7.52 -17.65
N PRO A 123 10.87 -7.03 -17.75
CA PRO A 123 11.67 -7.12 -18.98
C PRO A 123 12.10 -8.56 -19.28
N SER A 124 12.83 -8.73 -20.37
CA SER A 124 13.30 -10.05 -20.77
C SER A 124 14.06 -9.97 -22.10
N SER A 125 13.42 -9.41 -23.11
CA SER A 125 14.02 -9.28 -24.43
C SER A 125 15.25 -8.38 -24.38
N GLY A 126 15.95 -8.26 -25.51
CA GLY A 126 17.13 -7.42 -25.57
C GLY A 126 18.16 -7.95 -26.55
N GLY A 1 -12.18 -14.83 -43.05
CA GLY A 1 -11.36 -14.42 -41.93
C GLY A 1 -10.82 -13.01 -42.09
N SER A 2 -11.37 -12.07 -41.32
CA SER A 2 -10.94 -10.68 -41.39
C SER A 2 -10.74 -10.11 -39.98
N SER A 3 -9.61 -9.42 -39.79
CA SER A 3 -9.29 -8.83 -38.49
C SER A 3 -8.61 -7.47 -38.67
N GLY A 4 -8.62 -6.68 -37.61
CA GLY A 4 -8.00 -5.36 -37.66
C GLY A 4 -8.52 -4.43 -36.60
N SER A 5 -7.62 -3.89 -35.78
CA SER A 5 -7.99 -2.99 -34.70
C SER A 5 -6.82 -2.10 -34.30
N SER A 6 -7.13 -1.02 -33.60
CA SER A 6 -6.09 -0.08 -33.17
C SER A 6 -6.38 0.42 -31.75
N GLY A 7 -7.52 1.09 -31.59
CA GLY A 7 -7.90 1.61 -30.29
C GLY A 7 -9.14 0.95 -29.73
N SER A 8 -9.88 1.67 -28.89
CA SER A 8 -11.09 1.14 -28.29
C SER A 8 -12.04 0.60 -29.36
N LYS A 9 -12.66 -0.53 -29.06
CA LYS A 9 -13.60 -1.16 -30.00
C LYS A 9 -15.03 -1.00 -29.50
N ASN A 10 -15.56 0.22 -29.59
CA ASN A 10 -16.92 0.49 -29.16
C ASN A 10 -17.32 1.92 -29.50
N GLU A 11 -18.62 2.14 -29.72
CA GLU A 11 -19.13 3.46 -30.06
C GLU A 11 -18.29 4.10 -31.15
N LYS A 12 -18.60 5.35 -31.47
CA LYS A 12 -17.88 6.08 -32.51
C LYS A 12 -16.37 5.89 -32.36
N GLU A 13 -15.65 6.06 -33.46
CA GLU A 13 -14.19 5.91 -33.43
C GLU A 13 -13.55 6.86 -32.43
N GLN A 14 -13.43 6.39 -31.19
CA GLN A 14 -12.84 7.20 -30.12
C GLN A 14 -12.09 6.32 -29.14
N LEU A 15 -11.02 6.87 -28.55
CA LEU A 15 -10.22 6.14 -27.58
C LEU A 15 -10.45 6.66 -26.17
N SER A 16 -10.03 7.89 -25.91
CA SER A 16 -10.19 8.50 -24.60
C SER A 16 -9.82 9.98 -24.64
N LYS A 17 -10.14 10.70 -23.57
CA LYS A 17 -9.83 12.12 -23.48
C LYS A 17 -8.35 12.34 -23.22
N ALA A 18 -7.87 13.54 -23.52
CA ALA A 18 -6.47 13.87 -23.33
C ALA A 18 -6.32 15.17 -22.53
N LYS A 19 -6.45 15.06 -21.21
CA LYS A 19 -6.33 16.22 -20.33
C LYS A 19 -5.87 15.80 -18.94
N ALA A 20 -5.73 16.78 -18.04
CA ALA A 20 -5.30 16.51 -16.68
C ALA A 20 -5.88 17.54 -15.71
N SER A 21 -5.77 17.25 -14.42
CA SER A 21 -6.28 18.15 -13.39
C SER A 21 -5.75 17.76 -12.02
N VAL A 22 -4.47 17.36 -11.98
CA VAL A 22 -3.84 16.97 -10.72
C VAL A 22 -3.24 18.18 -10.02
N SER A 23 -3.00 18.02 -8.71
CA SER A 23 -2.43 19.11 -7.92
C SER A 23 -1.51 18.56 -6.83
N SER A 24 -0.74 17.52 -7.18
CA SER A 24 0.17 16.90 -6.23
C SER A 24 -0.51 16.65 -4.89
N LEU A 25 -1.82 16.38 -4.95
CA LEU A 25 -2.59 16.12 -3.73
C LEU A 25 -1.95 15.02 -2.90
N ASN A 26 -2.23 15.03 -1.60
CA ASN A 26 -1.68 14.03 -0.69
C ASN A 26 -2.80 13.32 0.08
N LYS A 27 -3.01 12.05 -0.26
CA LYS A 27 -4.05 11.26 0.40
C LYS A 27 -3.44 10.04 1.09
N VAL A 28 -3.87 9.79 2.33
CA VAL A 28 -3.36 8.65 3.09
C VAL A 28 -4.44 7.58 3.25
N ILE A 29 -4.04 6.33 3.08
CA ILE A 29 -4.97 5.21 3.20
C ILE A 29 -5.06 4.73 4.65
N GLN A 30 -6.29 4.61 5.15
CA GLN A 30 -6.52 4.15 6.52
C GLN A 30 -7.84 3.42 6.63
N THR A 31 -7.79 2.15 7.05
CA THR A 31 -8.98 1.34 7.20
C THR A 31 -8.86 0.39 8.37
N LYS A 32 -9.99 0.00 8.94
CA LYS A 32 -10.01 -0.91 10.09
C LYS A 32 -10.28 -2.34 9.64
N LEU A 33 -9.35 -3.24 9.95
CA LEU A 33 -9.49 -4.64 9.58
C LEU A 33 -9.92 -5.47 10.77
N THR A 34 -10.70 -6.52 10.50
CA THR A 34 -11.18 -7.41 11.55
C THR A 34 -10.21 -8.55 11.81
N VAL A 35 -9.40 -8.41 12.85
CA VAL A 35 -8.42 -9.44 13.20
C VAL A 35 -9.08 -10.80 13.35
N GLY A 36 -8.82 -11.69 12.41
CA GLY A 36 -9.40 -13.02 12.46
C GLY A 36 -8.73 -13.91 13.49
N ASN A 37 -9.30 -15.09 13.71
CA ASN A 37 -8.75 -16.03 14.69
C ASN A 37 -7.24 -16.18 14.51
N LEU A 38 -6.82 -16.28 13.26
CA LEU A 38 -5.39 -16.42 12.95
C LEU A 38 -4.71 -15.06 12.88
N GLY A 39 -5.51 -13.99 12.86
CA GLY A 39 -4.97 -12.65 12.80
C GLY A 39 -4.34 -12.35 11.46
N LEU A 40 -4.63 -11.17 10.93
CA LEU A 40 -4.09 -10.75 9.63
C LEU A 40 -2.60 -11.10 9.53
N GLY A 41 -2.31 -12.18 8.81
CA GLY A 41 -0.93 -12.61 8.64
C GLY A 41 -0.30 -12.04 7.39
N LEU A 42 -0.78 -10.88 6.96
CA LEU A 42 -0.25 -10.23 5.76
C LEU A 42 1.22 -10.57 5.55
N VAL A 43 1.57 -10.96 4.33
CA VAL A 43 2.95 -11.31 4.01
C VAL A 43 3.75 -10.07 3.65
N VAL A 44 4.03 -9.24 4.64
CA VAL A 44 4.79 -8.02 4.44
C VAL A 44 6.30 -8.31 4.44
N ILE A 45 7.05 -7.49 3.71
CA ILE A 45 8.50 -7.66 3.65
C ILE A 45 9.22 -6.44 4.21
N GLN A 46 10.55 -6.48 4.20
CA GLN A 46 11.36 -5.39 4.71
C GLN A 46 11.91 -4.54 3.57
N ASN A 47 11.17 -3.51 3.18
CA ASN A 47 11.59 -2.63 2.10
C ASN A 47 11.83 -1.21 2.61
N GLY A 48 13.09 -0.92 2.96
CA GLY A 48 13.42 0.40 3.46
C GLY A 48 13.16 0.54 4.95
N PRO A 49 13.23 1.78 5.45
CA PRO A 49 13.01 2.07 6.87
C PRO A 49 11.55 1.89 7.28
N TYR A 50 10.73 1.46 6.32
CA TYR A 50 9.31 1.25 6.57
C TYR A 50 8.86 -0.12 6.06
N LEU A 51 7.86 -0.70 6.73
CA LEU A 51 7.35 -2.00 6.34
C LEU A 51 6.47 -1.88 5.09
N GLN A 52 6.86 -2.59 4.03
CA GLN A 52 6.12 -2.56 2.77
C GLN A 52 5.44 -3.91 2.52
N ILE A 53 4.10 -3.90 2.49
CA ILE A 53 3.33 -5.12 2.26
C ILE A 53 3.62 -5.69 0.88
N SER A 54 3.77 -7.01 0.82
CA SER A 54 4.05 -7.69 -0.44
C SER A 54 2.91 -8.63 -0.82
N HIS A 55 2.16 -9.08 0.18
CA HIS A 55 1.03 -9.98 -0.06
C HIS A 55 0.14 -10.06 1.18
N LEU A 56 -1.13 -10.37 0.97
CA LEU A 56 -2.09 -10.47 2.06
C LEU A 56 -2.57 -11.91 2.22
N ILE A 57 -2.69 -12.34 3.47
CA ILE A 57 -3.14 -13.70 3.78
C ILE A 57 -4.62 -13.88 3.41
N ASN A 58 -4.86 -14.60 2.32
CA ASN A 58 -6.22 -14.85 1.86
C ASN A 58 -7.14 -15.15 3.04
N LYS A 59 -6.66 -15.96 3.97
CA LYS A 59 -7.43 -16.33 5.14
C LYS A 59 -7.24 -15.32 6.27
N GLY A 60 -7.27 -14.03 5.92
CA GLY A 60 -7.09 -12.98 6.90
C GLY A 60 -8.05 -11.82 6.70
N ALA A 61 -7.78 -10.71 7.37
CA ALA A 61 -8.63 -9.52 7.25
C ALA A 61 -8.16 -8.63 6.11
N ALA A 62 -6.92 -8.17 6.19
CA ALA A 62 -6.36 -7.32 5.15
C ALA A 62 -6.71 -7.83 3.75
N ALA A 63 -6.80 -9.15 3.62
CA ALA A 63 -7.12 -9.77 2.34
C ALA A 63 -8.59 -9.52 1.97
N SER A 64 -9.48 -9.78 2.91
CA SER A 64 -10.91 -9.59 2.69
C SER A 64 -11.27 -8.11 2.72
N ASP A 65 -10.29 -7.27 3.05
CA ASP A 65 -10.50 -5.83 3.12
C ASP A 65 -10.14 -5.16 1.80
N GLY A 66 -11.16 -4.77 1.04
CA GLY A 66 -10.93 -4.12 -0.24
C GLY A 66 -10.49 -2.68 -0.09
N ILE A 67 -9.43 -2.46 0.68
CA ILE A 67 -8.91 -1.13 0.91
C ILE A 67 -7.38 -1.12 0.94
N LEU A 68 -6.81 -2.07 1.68
CA LEU A 68 -5.36 -2.17 1.78
C LEU A 68 -4.80 -3.11 0.72
N GLN A 69 -3.79 -2.65 0.01
CA GLN A 69 -3.16 -3.44 -1.05
C GLN A 69 -1.72 -3.78 -0.69
N PRO A 70 -1.24 -4.93 -1.20
CA PRO A 70 0.13 -5.40 -0.94
C PRO A 70 1.18 -4.53 -1.62
N GLY A 71 1.56 -3.44 -0.96
CA GLY A 71 2.56 -2.55 -1.53
C GLY A 71 2.43 -1.13 -0.99
N ASP A 72 2.05 -1.01 0.28
CA ASP A 72 1.90 0.30 0.91
C ASP A 72 3.03 0.55 1.90
N VAL A 73 2.83 1.54 2.77
CA VAL A 73 3.83 1.89 3.77
C VAL A 73 3.17 2.23 5.10
N LEU A 74 2.97 1.22 5.94
CA LEU A 74 2.35 1.42 7.24
C LEU A 74 3.09 2.50 8.03
N ILE A 75 2.33 3.27 8.81
CA ILE A 75 2.91 4.33 9.62
C ILE A 75 2.29 4.36 11.01
N SER A 76 1.61 3.28 11.37
CA SER A 76 0.97 3.19 12.68
C SER A 76 -0.13 2.12 12.67
N VAL A 77 0.29 0.86 12.70
CA VAL A 77 -0.65 -0.26 12.68
C VAL A 77 -1.06 -0.64 14.11
N GLY A 78 -2.29 -0.33 14.46
CA GLY A 78 -2.79 -0.65 15.79
C GLY A 78 -2.20 0.26 16.86
N HIS A 79 -2.38 1.56 16.70
CA HIS A 79 -1.86 2.53 17.65
C HIS A 79 -0.40 2.24 17.99
N ALA A 80 0.27 1.52 17.09
CA ALA A 80 1.68 1.18 17.29
C ALA A 80 2.54 1.70 16.15
N ASN A 81 3.09 2.90 16.32
CA ASN A 81 3.93 3.52 15.30
C ASN A 81 4.89 2.49 14.71
N VAL A 82 4.47 1.85 13.63
CA VAL A 82 5.30 0.85 12.96
C VAL A 82 6.16 1.49 11.88
N LEU A 83 6.24 2.81 11.89
CA LEU A 83 7.03 3.54 10.92
C LEU A 83 8.43 2.92 10.78
N GLY A 84 9.22 3.01 11.83
CA GLY A 84 10.56 2.46 11.80
C GLY A 84 10.63 1.09 12.43
N TYR A 85 9.60 0.28 12.21
CA TYR A 85 9.54 -1.06 12.77
C TYR A 85 10.11 -2.09 11.78
N THR A 86 11.05 -2.91 12.26
CA THR A 86 11.66 -3.92 11.42
C THR A 86 10.72 -5.10 11.19
N LEU A 87 10.92 -5.79 10.07
CA LEU A 87 10.08 -6.94 9.74
C LEU A 87 10.04 -7.94 10.89
N ARG A 88 11.16 -8.10 11.57
CA ARG A 88 11.26 -9.03 12.70
C ARG A 88 10.47 -8.49 13.90
N GLU A 89 10.14 -7.21 13.86
CA GLU A 89 9.40 -6.58 14.95
C GLU A 89 7.91 -6.52 14.63
N PHE A 90 7.59 -6.01 13.45
CA PHE A 90 6.20 -5.90 13.02
C PHE A 90 5.48 -7.23 13.14
N LEU A 91 6.24 -8.31 13.00
CA LEU A 91 5.68 -9.66 13.08
C LEU A 91 5.38 -10.03 14.53
N LYS A 92 6.25 -9.61 15.44
CA LYS A 92 6.08 -9.89 16.86
C LYS A 92 5.08 -8.92 17.49
N LEU A 93 4.98 -7.73 16.91
CA LEU A 93 4.07 -6.71 17.41
C LEU A 93 2.62 -7.14 17.24
N LEU A 94 2.20 -7.32 16.00
CA LEU A 94 0.83 -7.73 15.69
C LEU A 94 0.47 -9.00 16.47
N GLN A 95 1.47 -9.82 16.76
CA GLN A 95 1.26 -11.05 17.50
C GLN A 95 0.68 -10.78 18.88
N ASN A 96 0.65 -9.50 19.26
CA ASN A 96 0.11 -9.10 20.56
C ASN A 96 -1.31 -8.56 20.42
N ILE A 97 -1.88 -8.69 19.22
CA ILE A 97 -3.23 -8.22 18.95
C ILE A 97 -4.25 -9.32 19.25
N THR A 98 -5.45 -8.90 19.67
CA THR A 98 -6.51 -9.84 19.98
C THR A 98 -7.49 -9.97 18.81
N ILE A 99 -8.23 -11.08 18.79
CA ILE A 99 -9.20 -11.32 17.74
C ILE A 99 -10.22 -10.19 17.65
N GLY A 100 -10.98 -10.18 16.56
CA GLY A 100 -11.99 -9.15 16.37
C GLY A 100 -11.57 -7.81 16.97
N THR A 101 -10.42 -7.31 16.54
CA THR A 101 -9.91 -6.03 17.03
C THR A 101 -9.85 -5.00 15.92
N VAL A 102 -10.41 -3.82 16.18
CA VAL A 102 -10.43 -2.74 15.21
C VAL A 102 -9.18 -1.86 15.35
N LEU A 103 -8.24 -2.02 14.43
CA LEU A 103 -7.01 -1.24 14.45
C LEU A 103 -6.97 -0.27 13.28
N GLN A 104 -6.28 0.86 13.49
CA GLN A 104 -6.16 1.88 12.44
C GLN A 104 -4.89 1.67 11.63
N ILE A 105 -5.03 1.02 10.49
CA ILE A 105 -3.88 0.75 9.62
C ILE A 105 -3.67 1.89 8.62
N LYS A 106 -2.74 2.79 8.94
CA LYS A 106 -2.44 3.92 8.08
C LYS A 106 -1.23 3.63 7.20
N ALA A 107 -1.44 3.58 5.89
CA ALA A 107 -0.36 3.32 4.95
C ALA A 107 -0.40 4.31 3.80
N TYR A 108 0.76 4.51 3.15
CA TYR A 108 0.87 5.43 2.04
C TYR A 108 0.65 4.71 0.71
N ARG A 109 -0.02 5.39 -0.22
CA ARG A 109 -0.30 4.81 -1.53
C ARG A 109 0.54 5.48 -2.61
N GLY A 110 1.76 5.88 -2.24
CA GLY A 110 2.64 6.54 -3.18
C GLY A 110 3.90 7.08 -2.53
N PHE A 111 4.35 6.40 -1.48
CA PHE A 111 5.55 6.81 -0.76
C PHE A 111 6.74 5.95 -1.16
N LEU A 112 6.57 4.64 -1.08
CA LEU A 112 7.63 3.70 -1.43
C LEU A 112 7.26 2.91 -2.67
N GLU A 113 8.26 2.61 -3.50
CA GLU A 113 8.04 1.84 -4.72
C GLU A 113 8.18 0.35 -4.46
N ILE A 114 7.58 -0.46 -5.32
CA ILE A 114 7.63 -1.91 -5.19
C ILE A 114 8.67 -2.52 -6.13
N PRO A 115 9.43 -3.50 -5.60
CA PRO A 115 10.48 -4.17 -6.38
C PRO A 115 9.90 -5.06 -7.47
N GLN A 116 10.24 -4.75 -8.71
CA GLN A 116 9.76 -5.53 -9.85
C GLN A 116 10.13 -7.00 -9.72
N GLU A 117 11.40 -7.25 -9.42
CA GLU A 117 11.89 -8.61 -9.26
C GLU A 117 10.86 -9.49 -8.56
N TRP A 118 10.29 -8.97 -7.47
CA TRP A 118 9.29 -9.70 -6.71
C TRP A 118 8.18 -10.20 -7.61
N GLN A 119 7.40 -9.27 -8.17
CA GLN A 119 6.30 -9.62 -9.05
C GLN A 119 6.78 -10.55 -10.17
N ASP A 120 5.86 -11.37 -10.68
CA ASP A 120 6.18 -12.31 -11.75
C ASP A 120 6.06 -11.64 -13.12
N SER A 121 4.86 -11.18 -13.44
CA SER A 121 4.59 -10.53 -14.72
C SER A 121 5.67 -9.50 -15.02
N GLY A 122 6.40 -9.72 -16.11
CA GLY A 122 7.46 -8.80 -16.50
C GLY A 122 8.17 -9.22 -17.77
N PRO A 123 9.07 -8.37 -18.26
CA PRO A 123 9.84 -8.65 -19.48
C PRO A 123 10.84 -9.77 -19.30
N SER A 124 10.85 -10.71 -20.23
CA SER A 124 11.77 -11.85 -20.17
C SER A 124 12.23 -12.26 -21.56
N SER A 125 11.27 -12.65 -22.40
CA SER A 125 11.58 -13.07 -23.77
C SER A 125 12.47 -14.30 -23.76
N GLY A 126 11.93 -15.41 -24.27
CA GLY A 126 12.69 -16.64 -24.33
C GLY A 126 13.82 -16.59 -25.33
N GLY A 1 21.65 34.70 -46.79
CA GLY A 1 20.81 33.51 -46.84
C GLY A 1 19.80 33.47 -45.71
N SER A 2 19.12 32.33 -45.56
CA SER A 2 18.12 32.17 -44.52
C SER A 2 17.70 30.71 -44.39
N SER A 3 16.90 30.41 -43.38
CA SER A 3 16.43 29.05 -43.13
C SER A 3 15.41 29.02 -42.01
N GLY A 4 14.69 27.91 -41.89
CA GLY A 4 13.69 27.77 -40.85
C GLY A 4 13.93 26.54 -39.97
N SER A 5 13.14 26.43 -38.92
CA SER A 5 13.28 25.30 -37.98
C SER A 5 12.01 25.14 -37.14
N SER A 6 11.95 24.05 -36.40
CA SER A 6 10.80 23.77 -35.55
C SER A 6 11.24 23.24 -34.19
N GLY A 7 10.56 23.70 -33.13
CA GLY A 7 10.90 23.26 -31.80
C GLY A 7 12.12 23.98 -31.23
N SER A 8 11.90 24.79 -30.20
CA SER A 8 12.99 25.54 -29.59
C SER A 8 13.94 26.08 -30.64
N LYS A 9 15.20 26.27 -30.24
CA LYS A 9 16.21 26.80 -31.16
C LYS A 9 17.55 26.07 -30.94
N ASN A 10 17.49 24.92 -30.28
CA ASN A 10 18.70 24.15 -30.02
C ASN A 10 18.35 22.80 -29.38
N GLU A 11 17.14 22.32 -29.67
CA GLU A 11 16.68 21.04 -29.12
C GLU A 11 15.40 20.58 -29.82
N LYS A 12 14.81 19.52 -29.31
CA LYS A 12 13.58 18.97 -29.87
C LYS A 12 12.49 18.87 -28.82
N GLU A 13 12.87 18.58 -27.58
CA GLU A 13 11.92 18.46 -26.49
C GLU A 13 12.05 19.64 -25.53
N GLN A 14 11.81 20.84 -26.05
CA GLN A 14 11.90 22.04 -25.23
C GLN A 14 11.03 23.15 -25.81
N LEU A 15 10.16 22.79 -26.74
CA LEU A 15 9.26 23.75 -27.38
C LEU A 15 8.82 24.82 -26.39
N SER A 16 8.02 24.40 -25.40
CA SER A 16 7.52 25.33 -24.39
C SER A 16 6.74 24.57 -23.31
N LYS A 17 7.08 23.31 -23.12
CA LYS A 17 6.43 22.48 -22.12
C LYS A 17 7.35 22.21 -20.94
N ALA A 18 6.75 22.01 -19.77
CA ALA A 18 7.53 21.74 -18.55
C ALA A 18 6.60 21.48 -17.37
N LYS A 19 6.28 20.21 -17.15
CA LYS A 19 5.41 19.83 -16.04
C LYS A 19 5.93 18.58 -15.33
N ALA A 20 5.16 18.08 -14.37
CA ALA A 20 5.55 16.89 -13.63
C ALA A 20 4.65 15.71 -13.98
N SER A 21 4.77 14.63 -13.21
CA SER A 21 3.97 13.44 -13.45
C SER A 21 2.89 13.28 -12.37
N VAL A 22 2.38 14.40 -11.89
CA VAL A 22 1.35 14.39 -10.86
C VAL A 22 0.02 14.93 -11.41
N SER A 23 -1.07 14.52 -10.77
CA SER A 23 -2.40 14.95 -11.19
C SER A 23 -3.48 14.33 -10.32
N SER A 24 -3.13 14.08 -9.06
CA SER A 24 -4.07 13.48 -8.12
C SER A 24 -3.53 13.55 -6.69
N LEU A 25 -2.59 14.47 -6.46
CA LEU A 25 -1.99 14.64 -5.15
C LEU A 25 -1.67 13.29 -4.52
N ASN A 26 -1.26 13.32 -3.25
CA ASN A 26 -0.92 12.09 -2.54
C ASN A 26 -1.88 11.86 -1.37
N LYS A 27 -2.77 10.89 -1.52
CA LYS A 27 -3.74 10.57 -0.48
C LYS A 27 -3.26 9.39 0.36
N VAL A 28 -3.58 9.42 1.65
CA VAL A 28 -3.19 8.36 2.56
C VAL A 28 -4.30 7.35 2.74
N ILE A 29 -3.94 6.06 2.77
CA ILE A 29 -4.91 5.01 2.94
C ILE A 29 -5.08 4.64 4.41
N GLN A 30 -6.33 4.56 4.87
CA GLN A 30 -6.63 4.21 6.25
C GLN A 30 -7.93 3.43 6.35
N THR A 31 -7.85 2.22 6.87
CA THR A 31 -9.02 1.37 7.03
C THR A 31 -8.92 0.52 8.30
N LYS A 32 -10.07 0.10 8.81
CA LYS A 32 -10.13 -0.70 10.02
C LYS A 32 -10.34 -2.18 9.68
N LEU A 33 -9.34 -3.01 9.98
CA LEU A 33 -9.42 -4.43 9.71
C LEU A 33 -9.93 -5.19 10.92
N THR A 34 -10.63 -6.30 10.69
CA THR A 34 -11.17 -7.11 11.76
C THR A 34 -10.30 -8.33 12.02
N VAL A 35 -9.41 -8.23 12.99
CA VAL A 35 -8.51 -9.32 13.34
C VAL A 35 -9.24 -10.66 13.30
N GLY A 36 -8.57 -11.68 12.75
CA GLY A 36 -9.18 -12.99 12.65
C GLY A 36 -8.51 -14.00 13.57
N ASN A 37 -9.10 -15.19 13.67
CA ASN A 37 -8.55 -16.24 14.52
C ASN A 37 -7.04 -16.35 14.36
N LEU A 38 -6.58 -16.22 13.11
CA LEU A 38 -5.16 -16.31 12.82
C LEU A 38 -4.52 -14.92 12.74
N GLY A 39 -5.38 -13.89 12.74
CA GLY A 39 -4.89 -12.53 12.67
C GLY A 39 -4.24 -12.21 11.34
N LEU A 40 -4.38 -10.97 10.90
CA LEU A 40 -3.81 -10.54 9.63
C LEU A 40 -2.37 -11.01 9.50
N GLY A 41 -2.16 -12.06 8.72
CA GLY A 41 -0.83 -12.59 8.52
C GLY A 41 -0.13 -11.99 7.33
N LEU A 42 -0.71 -10.91 6.79
CA LEU A 42 -0.13 -10.23 5.64
C LEU A 42 1.37 -10.52 5.53
N VAL A 43 1.79 -10.93 4.34
CA VAL A 43 3.20 -11.23 4.10
C VAL A 43 3.97 -9.98 3.74
N VAL A 44 4.50 -9.30 4.75
CA VAL A 44 5.27 -8.07 4.53
C VAL A 44 6.72 -8.39 4.19
N ILE A 45 7.47 -7.37 3.78
CA ILE A 45 8.87 -7.54 3.42
C ILE A 45 9.71 -6.37 3.93
N GLN A 46 10.97 -6.66 4.26
CA GLN A 46 11.87 -5.62 4.76
C GLN A 46 12.41 -4.77 3.62
N ASN A 47 11.69 -3.70 3.29
CA ASN A 47 12.09 -2.81 2.21
C ASN A 47 12.31 -1.40 2.74
N GLY A 48 13.53 -1.12 3.19
CA GLY A 48 13.87 0.19 3.71
C GLY A 48 13.46 0.34 5.16
N PRO A 49 13.54 1.58 5.68
CA PRO A 49 13.19 1.89 7.06
C PRO A 49 11.69 1.78 7.31
N TYR A 50 10.94 1.40 6.29
CA TYR A 50 9.50 1.26 6.40
C TYR A 50 9.05 -0.11 5.91
N LEU A 51 7.96 -0.61 6.48
CA LEU A 51 7.42 -1.91 6.10
C LEU A 51 6.49 -1.79 4.89
N GLN A 52 6.71 -2.65 3.90
CA GLN A 52 5.90 -2.63 2.69
C GLN A 52 5.14 -3.94 2.53
N ILE A 53 3.82 -3.88 2.60
CA ILE A 53 2.98 -5.07 2.47
C ILE A 53 3.21 -5.74 1.12
N SER A 54 4.10 -6.73 1.09
CA SER A 54 4.41 -7.44 -0.14
C SER A 54 3.21 -8.25 -0.61
N HIS A 55 2.63 -9.03 0.30
CA HIS A 55 1.47 -9.86 -0.01
C HIS A 55 0.52 -9.94 1.18
N LEU A 56 -0.76 -10.16 0.89
CA LEU A 56 -1.76 -10.26 1.94
C LEU A 56 -2.25 -11.70 2.10
N ILE A 57 -2.46 -12.11 3.34
CA ILE A 57 -2.92 -13.47 3.63
C ILE A 57 -4.40 -13.63 3.29
N ASN A 58 -4.68 -14.41 2.25
CA ASN A 58 -6.05 -14.64 1.82
C ASN A 58 -6.97 -14.85 3.02
N LYS A 59 -6.51 -15.63 3.98
CA LYS A 59 -7.28 -15.91 5.19
C LYS A 59 -6.86 -14.99 6.33
N GLY A 60 -7.15 -13.70 6.17
CA GLY A 60 -6.80 -12.73 7.19
C GLY A 60 -7.79 -11.59 7.27
N ALA A 61 -7.39 -10.51 7.93
CA ALA A 61 -8.25 -9.33 8.07
C ALA A 61 -7.98 -8.31 6.98
N ALA A 62 -6.74 -8.27 6.50
CA ALA A 62 -6.35 -7.35 5.45
C ALA A 62 -6.79 -7.85 4.08
N ALA A 63 -6.49 -9.10 3.79
CA ALA A 63 -6.85 -9.71 2.52
C ALA A 63 -8.36 -9.66 2.29
N SER A 64 -9.12 -9.64 3.40
CA SER A 64 -10.57 -9.59 3.32
C SER A 64 -11.06 -8.14 3.28
N ASP A 65 -10.13 -7.21 3.25
CA ASP A 65 -10.47 -5.79 3.21
C ASP A 65 -10.15 -5.19 1.84
N GLY A 66 -11.18 -4.75 1.14
CA GLY A 66 -10.99 -4.17 -0.18
C GLY A 66 -10.49 -2.74 -0.10
N ILE A 67 -9.53 -2.49 0.77
CA ILE A 67 -8.96 -1.15 0.93
C ILE A 67 -7.44 -1.19 0.90
N LEU A 68 -6.86 -2.02 1.76
CA LEU A 68 -5.40 -2.16 1.83
C LEU A 68 -4.89 -3.06 0.72
N GLN A 69 -3.79 -2.65 0.09
CA GLN A 69 -3.19 -3.43 -0.99
C GLN A 69 -1.73 -3.75 -0.67
N PRO A 70 -1.23 -4.84 -1.28
CA PRO A 70 0.15 -5.29 -1.09
C PRO A 70 1.16 -4.35 -1.73
N GLY A 71 1.46 -3.24 -1.05
CA GLY A 71 2.41 -2.28 -1.57
C GLY A 71 2.27 -0.92 -0.90
N ASP A 72 1.89 -0.91 0.36
CA ASP A 72 1.73 0.33 1.11
C ASP A 72 2.72 0.41 2.27
N VAL A 73 2.84 1.59 2.85
CA VAL A 73 3.76 1.81 3.97
C VAL A 73 3.00 2.22 5.23
N LEU A 74 2.79 1.26 6.13
CA LEU A 74 2.09 1.53 7.38
C LEU A 74 2.65 2.76 8.07
N ILE A 75 1.84 3.38 8.93
CA ILE A 75 2.26 4.56 9.66
C ILE A 75 2.02 4.40 11.15
N SER A 76 1.32 3.33 11.53
CA SER A 76 1.03 3.07 12.93
C SER A 76 -0.16 2.11 13.06
N VAL A 77 0.09 0.83 12.79
CA VAL A 77 -0.94 -0.20 12.88
C VAL A 77 -1.24 -0.55 14.33
N GLY A 78 -2.49 -0.34 14.74
CA GLY A 78 -2.89 -0.65 16.11
C GLY A 78 -2.20 0.25 17.12
N HIS A 79 -2.22 1.55 16.86
CA HIS A 79 -1.59 2.52 17.76
C HIS A 79 -0.11 2.21 17.95
N ALA A 80 0.45 1.45 17.02
CA ALA A 80 1.86 1.08 17.08
C ALA A 80 2.63 1.63 15.88
N ASN A 81 3.32 2.74 16.10
CA ASN A 81 4.11 3.38 15.04
C ASN A 81 5.08 2.39 14.42
N VAL A 82 4.63 1.67 13.40
CA VAL A 82 5.47 0.69 12.72
C VAL A 82 6.26 1.34 11.60
N LEU A 83 6.18 2.66 11.50
CA LEU A 83 6.89 3.40 10.47
C LEU A 83 8.35 2.94 10.37
N GLY A 84 9.05 3.00 11.50
CA GLY A 84 10.45 2.58 11.52
C GLY A 84 10.63 1.18 12.09
N TYR A 85 9.61 0.35 11.93
CA TYR A 85 9.66 -1.02 12.43
C TYR A 85 10.25 -1.96 11.40
N THR A 86 10.81 -3.08 11.87
CA THR A 86 11.43 -4.05 10.97
C THR A 86 10.45 -5.18 10.65
N LEU A 87 10.87 -6.08 9.77
CA LEU A 87 10.04 -7.21 9.37
C LEU A 87 9.92 -8.23 10.50
N ARG A 88 11.02 -8.40 11.24
CA ARG A 88 11.04 -9.35 12.35
C ARG A 88 10.24 -8.81 13.53
N GLU A 89 10.10 -7.49 13.61
CA GLU A 89 9.35 -6.87 14.69
C GLU A 89 7.88 -6.71 14.31
N PHE A 90 7.63 -6.13 13.14
CA PHE A 90 6.28 -5.93 12.66
C PHE A 90 5.45 -7.21 12.76
N LEU A 91 6.15 -8.35 12.73
CA LEU A 91 5.49 -9.64 12.82
C LEU A 91 5.21 -10.02 14.27
N LYS A 92 6.17 -9.74 15.14
CA LYS A 92 6.02 -10.04 16.56
C LYS A 92 5.07 -9.07 17.23
N LEU A 93 4.94 -7.87 16.65
CA LEU A 93 4.06 -6.85 17.19
C LEU A 93 2.60 -7.23 17.01
N LEU A 94 2.14 -7.26 15.76
CA LEU A 94 0.76 -7.62 15.46
C LEU A 94 0.40 -8.98 16.07
N GLN A 95 1.43 -9.76 16.40
CA GLN A 95 1.22 -11.08 16.99
C GLN A 95 0.73 -10.95 18.43
N ASN A 96 0.65 -9.72 18.93
CA ASN A 96 0.20 -9.48 20.30
C ASN A 96 -1.25 -9.03 20.31
N ILE A 97 -1.84 -8.91 19.13
CA ILE A 97 -3.24 -8.49 19.02
C ILE A 97 -4.19 -9.65 19.31
N THR A 98 -5.42 -9.31 19.71
CA THR A 98 -6.41 -10.33 20.02
C THR A 98 -7.45 -10.43 18.91
N ILE A 99 -8.15 -11.56 18.86
CA ILE A 99 -9.18 -11.77 17.85
C ILE A 99 -10.35 -10.81 18.04
N GLY A 100 -10.84 -10.27 16.92
CA GLY A 100 -11.95 -9.34 16.98
C GLY A 100 -11.55 -7.99 17.55
N THR A 101 -10.50 -7.40 16.99
CA THR A 101 -10.01 -6.11 17.44
C THR A 101 -10.01 -5.09 16.31
N VAL A 102 -10.52 -3.90 16.58
CA VAL A 102 -10.58 -2.84 15.58
C VAL A 102 -9.40 -1.89 15.72
N LEU A 103 -8.58 -1.81 14.68
CA LEU A 103 -7.41 -0.95 14.67
C LEU A 103 -7.39 -0.05 13.44
N GLN A 104 -6.69 1.08 13.53
CA GLN A 104 -6.59 2.02 12.43
C GLN A 104 -5.29 1.82 11.67
N ILE A 105 -5.38 1.13 10.53
CA ILE A 105 -4.20 0.87 9.70
C ILE A 105 -3.99 1.99 8.69
N LYS A 106 -3.10 2.93 9.04
CA LYS A 106 -2.80 4.05 8.15
C LYS A 106 -1.48 3.83 7.44
N ALA A 107 -1.55 3.65 6.11
CA ALA A 107 -0.36 3.43 5.31
C ALA A 107 -0.33 4.37 4.10
N TYR A 108 0.80 4.41 3.42
CA TYR A 108 0.96 5.27 2.25
C TYR A 108 0.91 4.45 0.96
N ARG A 109 0.05 4.88 0.04
CA ARG A 109 -0.10 4.19 -1.24
C ARG A 109 0.63 4.93 -2.35
N GLY A 110 1.82 5.44 -2.03
CA GLY A 110 2.61 6.16 -3.01
C GLY A 110 3.97 6.57 -2.48
N PHE A 111 4.05 6.79 -1.18
CA PHE A 111 5.30 7.19 -0.54
C PHE A 111 6.46 6.31 -1.02
N LEU A 112 6.44 5.05 -0.62
CA LEU A 112 7.48 4.09 -1.00
C LEU A 112 7.02 3.24 -2.18
N GLU A 113 7.53 3.55 -3.37
CA GLU A 113 7.17 2.81 -4.57
C GLU A 113 7.45 1.32 -4.39
N ILE A 114 6.68 0.50 -5.08
CA ILE A 114 6.84 -0.95 -4.99
C ILE A 114 8.04 -1.42 -5.81
N PRO A 115 8.80 -2.37 -5.23
CA PRO A 115 10.00 -2.92 -5.88
C PRO A 115 9.65 -3.79 -7.08
N GLN A 116 10.16 -3.41 -8.26
CA GLN A 116 9.90 -4.16 -9.47
C GLN A 116 10.14 -5.65 -9.26
N GLU A 117 11.34 -5.98 -8.78
CA GLU A 117 11.70 -7.37 -8.54
C GLU A 117 10.51 -8.16 -8.01
N TRP A 118 9.69 -7.50 -7.21
CA TRP A 118 8.50 -8.14 -6.63
C TRP A 118 7.34 -8.11 -7.61
N GLN A 119 6.54 -7.04 -7.54
CA GLN A 119 5.38 -6.89 -8.43
C GLN A 119 4.66 -8.22 -8.59
N ASP A 120 3.80 -8.31 -9.61
CA ASP A 120 3.04 -9.51 -9.88
C ASP A 120 2.86 -9.73 -11.37
N SER A 121 2.46 -8.66 -12.07
CA SER A 121 2.24 -8.72 -13.51
C SER A 121 3.20 -7.79 -14.24
N GLY A 122 3.92 -8.33 -15.23
CA GLY A 122 4.86 -7.54 -15.98
C GLY A 122 5.38 -8.28 -17.21
N PRO A 123 5.64 -7.53 -18.29
CA PRO A 123 6.16 -8.09 -19.54
C PRO A 123 7.60 -8.59 -19.41
N SER A 124 7.97 -9.53 -20.27
CA SER A 124 9.32 -10.09 -20.24
C SER A 124 10.04 -9.81 -21.55
N SER A 125 11.37 -9.74 -21.49
CA SER A 125 12.18 -9.47 -22.67
C SER A 125 11.74 -10.35 -23.84
N GLY A 126 11.73 -11.66 -23.62
CA GLY A 126 11.34 -12.58 -24.66
C GLY A 126 9.87 -12.44 -25.04
N GLY A 1 -30.48 23.34 -2.09
CA GLY A 1 -30.66 23.01 -3.49
C GLY A 1 -29.33 22.85 -4.22
N SER A 2 -29.41 22.64 -5.53
CA SER A 2 -28.21 22.46 -6.34
C SER A 2 -28.42 23.00 -7.76
N SER A 3 -27.79 24.13 -8.05
CA SER A 3 -27.91 24.75 -9.36
C SER A 3 -27.00 25.97 -9.48
N GLY A 4 -26.49 26.19 -10.69
CA GLY A 4 -25.60 27.32 -10.92
C GLY A 4 -24.89 27.24 -12.25
N SER A 5 -23.87 28.08 -12.43
CA SER A 5 -23.11 28.10 -13.68
C SER A 5 -21.96 29.10 -13.59
N SER A 6 -20.83 28.74 -14.20
CA SER A 6 -19.65 29.59 -14.18
C SER A 6 -19.19 29.89 -15.60
N GLY A 7 -18.14 30.71 -15.72
CA GLY A 7 -17.61 31.07 -17.01
C GLY A 7 -17.11 29.86 -17.80
N SER A 8 -15.97 30.02 -18.45
CA SER A 8 -15.39 28.94 -19.24
C SER A 8 -16.45 28.22 -20.05
N LYS A 9 -16.83 28.80 -21.17
CA LYS A 9 -17.85 28.21 -22.04
C LYS A 9 -17.58 28.57 -23.51
N ASN A 10 -18.28 27.88 -24.41
CA ASN A 10 -18.12 28.12 -25.84
C ASN A 10 -19.01 29.28 -26.30
N GLU A 11 -19.27 30.22 -25.39
CA GLU A 11 -20.10 31.37 -25.71
C GLU A 11 -19.64 32.61 -24.95
N LYS A 12 -19.74 33.77 -25.59
CA LYS A 12 -19.32 35.02 -24.97
C LYS A 12 -17.90 34.92 -24.44
N GLU A 13 -16.97 35.56 -25.15
CA GLU A 13 -15.57 35.55 -24.76
C GLU A 13 -15.36 36.32 -23.45
N GLN A 14 -15.76 35.70 -22.34
CA GLN A 14 -15.63 36.33 -21.04
C GLN A 14 -14.87 35.42 -20.07
N LEU A 15 -14.33 34.32 -20.60
CA LEU A 15 -13.58 33.37 -19.79
C LEU A 15 -12.16 33.88 -19.52
N SER A 16 -11.51 33.28 -18.53
CA SER A 16 -10.14 33.68 -18.17
C SER A 16 -9.27 32.45 -17.98
N LYS A 17 -7.96 32.67 -17.90
CA LYS A 17 -7.00 31.59 -17.71
C LYS A 17 -7.32 30.80 -16.44
N ALA A 18 -7.44 29.48 -16.58
CA ALA A 18 -7.73 28.62 -15.44
C ALA A 18 -7.91 27.17 -15.90
N LYS A 19 -7.02 26.71 -16.78
CA LYS A 19 -7.07 25.35 -17.28
C LYS A 19 -6.52 24.37 -16.26
N ALA A 20 -6.42 23.10 -16.64
CA ALA A 20 -5.91 22.06 -15.77
C ALA A 20 -6.68 22.03 -14.45
N SER A 21 -6.34 21.07 -13.59
CA SER A 21 -7.00 20.93 -12.30
C SER A 21 -6.22 19.96 -11.40
N VAL A 22 -4.91 19.94 -11.56
CA VAL A 22 -4.06 19.07 -10.75
C VAL A 22 -3.48 19.80 -9.55
N SER A 23 -3.23 19.07 -8.48
CA SER A 23 -2.69 19.65 -7.25
C SER A 23 -2.73 18.64 -6.11
N SER A 24 -1.84 17.66 -6.18
CA SER A 24 -1.77 16.62 -5.15
C SER A 24 -3.07 15.83 -5.08
N LEU A 25 -3.07 14.65 -5.70
CA LEU A 25 -4.25 13.80 -5.70
C LEU A 25 -3.96 12.46 -5.02
N ASN A 26 -3.17 12.50 -3.96
CA ASN A 26 -2.82 11.30 -3.22
C ASN A 26 -3.26 11.40 -1.76
N LYS A 27 -4.31 10.66 -1.42
CA LYS A 27 -4.83 10.67 -0.05
C LYS A 27 -4.34 9.45 0.72
N VAL A 28 -4.03 9.66 2.00
CA VAL A 28 -3.54 8.58 2.85
C VAL A 28 -4.62 7.51 3.04
N ILE A 29 -4.20 6.26 3.02
CA ILE A 29 -5.13 5.14 3.19
C ILE A 29 -5.24 4.74 4.65
N GLN A 30 -6.47 4.59 5.13
CA GLN A 30 -6.72 4.22 6.51
C GLN A 30 -8.01 3.42 6.64
N THR A 31 -7.90 2.19 7.12
CA THR A 31 -9.07 1.33 7.29
C THR A 31 -8.92 0.45 8.54
N LYS A 32 -10.06 0.01 9.08
CA LYS A 32 -10.06 -0.84 10.26
C LYS A 32 -10.31 -2.30 9.89
N LEU A 33 -9.29 -3.13 10.07
CA LEU A 33 -9.40 -4.55 9.75
C LEU A 33 -9.97 -5.32 10.93
N THR A 34 -10.50 -6.51 10.65
CA THR A 34 -11.09 -7.36 11.68
C THR A 34 -10.18 -8.53 12.02
N VAL A 35 -9.38 -8.37 13.07
CA VAL A 35 -8.45 -9.42 13.49
C VAL A 35 -9.19 -10.74 13.67
N GLY A 36 -8.70 -11.77 12.98
CA GLY A 36 -9.32 -13.09 13.08
C GLY A 36 -8.64 -13.97 14.11
N ASN A 37 -8.79 -15.28 13.96
CA ASN A 37 -8.19 -16.23 14.87
C ASN A 37 -6.70 -16.43 14.56
N LEU A 38 -6.36 -16.34 13.28
CA LEU A 38 -4.98 -16.52 12.85
C LEU A 38 -4.27 -15.17 12.77
N GLY A 39 -5.02 -14.10 13.00
CA GLY A 39 -4.44 -12.76 12.94
C GLY A 39 -3.86 -12.43 11.59
N LEU A 40 -4.05 -11.20 11.15
CA LEU A 40 -3.53 -10.76 9.85
C LEU A 40 -2.09 -11.20 9.65
N GLY A 41 -1.92 -12.30 8.92
CA GLY A 41 -0.58 -12.82 8.67
C GLY A 41 0.07 -12.16 7.47
N LEU A 42 -0.56 -11.12 6.93
CA LEU A 42 -0.04 -10.41 5.78
C LEU A 42 1.46 -10.67 5.61
N VAL A 43 1.86 -11.08 4.42
CA VAL A 43 3.26 -11.35 4.13
C VAL A 43 4.02 -10.06 3.85
N VAL A 44 4.44 -9.38 4.92
CA VAL A 44 5.18 -8.14 4.80
C VAL A 44 6.66 -8.41 4.51
N ILE A 45 7.31 -7.45 3.87
CA ILE A 45 8.73 -7.58 3.53
C ILE A 45 9.52 -6.37 4.02
N GLN A 46 10.78 -6.60 4.38
CA GLN A 46 11.64 -5.53 4.87
C GLN A 46 12.19 -4.71 3.71
N ASN A 47 11.45 -3.67 3.31
CA ASN A 47 11.87 -2.81 2.21
C ASN A 47 12.04 -1.37 2.68
N GLY A 48 13.22 -1.04 3.17
CA GLY A 48 13.49 0.30 3.64
C GLY A 48 13.17 0.47 5.11
N PRO A 49 13.26 1.71 5.61
CA PRO A 49 12.98 2.03 7.01
C PRO A 49 11.50 1.89 7.35
N TYR A 50 10.71 1.45 6.38
CA TYR A 50 9.28 1.27 6.59
C TYR A 50 8.84 -0.13 6.18
N LEU A 51 7.78 -0.62 6.82
CA LEU A 51 7.25 -1.95 6.52
C LEU A 51 6.39 -1.93 5.26
N GLN A 52 6.88 -2.55 4.19
CA GLN A 52 6.15 -2.59 2.93
C GLN A 52 5.46 -3.95 2.76
N ILE A 53 4.13 -3.94 2.76
CA ILE A 53 3.36 -5.17 2.60
C ILE A 53 3.63 -5.81 1.24
N SER A 54 4.13 -7.04 1.27
CA SER A 54 4.43 -7.76 0.03
C SER A 54 3.19 -8.51 -0.47
N HIS A 55 2.41 -9.04 0.46
CA HIS A 55 1.20 -9.79 0.11
C HIS A 55 0.27 -9.91 1.32
N LEU A 56 -1.03 -9.91 1.06
CA LEU A 56 -2.02 -10.03 2.13
C LEU A 56 -2.54 -11.46 2.23
N ILE A 57 -2.56 -11.98 3.46
CA ILE A 57 -3.05 -13.33 3.69
C ILE A 57 -4.54 -13.44 3.46
N ASN A 58 -4.92 -14.03 2.34
CA ASN A 58 -6.35 -14.20 2.01
C ASN A 58 -7.17 -14.47 3.26
N LYS A 59 -6.73 -15.45 4.04
CA LYS A 59 -7.43 -15.82 5.27
C LYS A 59 -7.08 -14.86 6.40
N GLY A 60 -7.03 -13.56 6.09
CA GLY A 60 -6.70 -12.57 7.10
C GLY A 60 -7.71 -11.43 7.13
N ALA A 61 -7.31 -10.31 7.73
CA ALA A 61 -8.17 -9.15 7.82
C ALA A 61 -7.89 -8.15 6.71
N ALA A 62 -6.61 -7.96 6.40
CA ALA A 62 -6.21 -7.04 5.35
C ALA A 62 -6.57 -7.58 3.98
N ALA A 63 -6.22 -8.83 3.72
CA ALA A 63 -6.52 -9.46 2.45
C ALA A 63 -8.01 -9.48 2.17
N SER A 64 -8.81 -9.57 3.23
CA SER A 64 -10.26 -9.59 3.09
C SER A 64 -10.82 -8.17 3.03
N ASP A 65 -9.93 -7.19 3.09
CA ASP A 65 -10.33 -5.79 3.03
C ASP A 65 -9.90 -5.14 1.73
N GLY A 66 -10.87 -4.76 0.91
CA GLY A 66 -10.58 -4.14 -0.37
C GLY A 66 -10.16 -2.69 -0.22
N ILE A 67 -9.23 -2.43 0.69
CA ILE A 67 -8.74 -1.08 0.92
C ILE A 67 -7.23 -1.05 1.03
N LEU A 68 -6.67 -1.98 1.77
CA LEU A 68 -5.23 -2.07 1.95
C LEU A 68 -4.61 -2.99 0.90
N GLN A 69 -3.60 -2.47 0.19
CA GLN A 69 -2.92 -3.25 -0.84
C GLN A 69 -1.51 -3.62 -0.39
N PRO A 70 -0.96 -4.68 -1.01
CA PRO A 70 0.39 -5.17 -0.70
C PRO A 70 1.47 -4.20 -1.16
N GLY A 71 1.74 -3.19 -0.34
CA GLY A 71 2.75 -2.21 -0.68
C GLY A 71 2.27 -0.78 -0.53
N ASP A 72 1.60 -0.51 0.59
CA ASP A 72 1.08 0.83 0.85
C ASP A 72 1.92 1.55 1.90
N VAL A 73 2.86 0.81 2.49
CA VAL A 73 3.74 1.38 3.51
C VAL A 73 2.95 1.85 4.72
N LEU A 74 3.00 1.07 5.79
CA LEU A 74 2.29 1.40 7.02
C LEU A 74 3.03 2.46 7.81
N ILE A 75 2.29 3.27 8.56
CA ILE A 75 2.88 4.33 9.37
C ILE A 75 2.23 4.41 10.74
N SER A 76 1.59 3.32 11.15
CA SER A 76 0.92 3.26 12.44
C SER A 76 -0.11 2.14 12.47
N VAL A 77 0.37 0.91 12.58
CA VAL A 77 -0.51 -0.26 12.62
C VAL A 77 -0.85 -0.64 14.07
N GLY A 78 -2.14 -0.66 14.38
CA GLY A 78 -2.57 -1.02 15.72
C GLY A 78 -2.04 -0.06 16.77
N HIS A 79 -2.39 1.22 16.63
CA HIS A 79 -1.94 2.24 17.58
C HIS A 79 -0.46 2.08 17.88
N ALA A 80 0.26 1.41 16.99
CA ALA A 80 1.69 1.20 17.17
C ALA A 80 2.48 1.79 16.01
N ASN A 81 3.05 2.97 16.22
CA ASN A 81 3.83 3.63 15.19
C ASN A 81 4.88 2.68 14.60
N VAL A 82 4.48 1.95 13.57
CA VAL A 82 5.37 1.01 12.91
C VAL A 82 6.25 1.71 11.89
N LEU A 83 6.17 3.04 11.85
CA LEU A 83 6.96 3.82 10.92
C LEU A 83 8.42 3.41 10.95
N GLY A 84 8.94 3.19 12.15
CA GLY A 84 10.33 2.78 12.30
C GLY A 84 10.46 1.35 12.79
N TYR A 85 9.49 0.51 12.45
CA TYR A 85 9.51 -0.89 12.86
C TYR A 85 10.13 -1.77 11.78
N THR A 86 10.52 -2.98 12.17
CA THR A 86 11.13 -3.92 11.24
C THR A 86 10.19 -5.07 10.91
N LEU A 87 10.48 -5.79 9.83
CA LEU A 87 9.65 -6.92 9.42
C LEU A 87 9.41 -7.87 10.58
N ARG A 88 10.50 -8.24 11.26
CA ARG A 88 10.41 -9.15 12.40
C ARG A 88 9.63 -8.52 13.54
N GLU A 89 10.18 -7.45 14.11
CA GLU A 89 9.54 -6.76 15.22
C GLU A 89 8.10 -6.41 14.87
N PHE A 90 7.81 -6.28 13.58
CA PHE A 90 6.47 -5.94 13.12
C PHE A 90 5.56 -7.16 13.16
N LEU A 91 5.93 -8.20 12.41
CA LEU A 91 5.15 -9.43 12.36
C LEU A 91 4.87 -9.95 13.76
N LYS A 92 5.80 -9.70 14.68
CA LYS A 92 5.66 -10.15 16.06
C LYS A 92 4.72 -9.22 16.83
N LEU A 93 4.67 -7.95 16.43
CA LEU A 93 3.82 -6.97 17.09
C LEU A 93 2.35 -7.34 16.92
N LEU A 94 1.87 -7.27 15.68
CA LEU A 94 0.47 -7.59 15.39
C LEU A 94 0.10 -8.96 15.96
N GLN A 95 1.08 -9.85 16.02
CA GLN A 95 0.85 -11.19 16.55
C GLN A 95 0.32 -11.13 17.98
N ASN A 96 0.64 -10.06 18.69
CA ASN A 96 0.19 -9.88 20.06
C ASN A 96 -1.23 -9.33 20.11
N ILE A 97 -1.87 -9.28 18.94
CA ILE A 97 -3.24 -8.77 18.84
C ILE A 97 -4.25 -9.87 19.17
N THR A 98 -5.39 -9.47 19.72
CA THR A 98 -6.44 -10.41 20.07
C THR A 98 -7.52 -10.47 19.00
N ILE A 99 -8.34 -11.51 19.05
CA ILE A 99 -9.42 -11.67 18.08
C ILE A 99 -10.47 -10.58 18.24
N GLY A 100 -11.01 -10.11 17.12
CA GLY A 100 -12.03 -9.07 17.16
C GLY A 100 -11.49 -7.76 17.70
N THR A 101 -10.38 -7.30 17.13
CA THR A 101 -9.76 -6.05 17.56
C THR A 101 -9.75 -5.03 16.43
N VAL A 102 -10.24 -3.83 16.73
CA VAL A 102 -10.28 -2.75 15.73
C VAL A 102 -9.00 -1.93 15.76
N LEU A 103 -8.18 -2.08 14.73
CA LEU A 103 -6.92 -1.36 14.63
C LEU A 103 -6.95 -0.39 13.45
N GLN A 104 -6.20 0.71 13.58
CA GLN A 104 -6.14 1.72 12.53
C GLN A 104 -4.86 1.56 11.71
N ILE A 105 -5.01 1.10 10.48
CA ILE A 105 -3.87 0.91 9.59
C ILE A 105 -3.74 2.07 8.60
N LYS A 106 -2.83 2.99 8.90
CA LYS A 106 -2.60 4.14 8.05
C LYS A 106 -1.39 3.93 7.15
N ALA A 107 -1.63 3.83 5.85
CA ALA A 107 -0.55 3.63 4.89
C ALA A 107 -0.57 4.71 3.80
N TYR A 108 0.50 4.76 3.01
CA TYR A 108 0.61 5.75 1.94
C TYR A 108 0.46 5.09 0.58
N ARG A 109 -0.40 5.66 -0.26
CA ARG A 109 -0.63 5.12 -1.60
C ARG A 109 0.65 5.17 -2.43
N GLY A 110 1.21 6.36 -2.59
CA GLY A 110 2.43 6.51 -3.36
C GLY A 110 3.52 7.22 -2.58
N PHE A 111 4.32 6.46 -1.86
CA PHE A 111 5.41 7.03 -1.06
C PHE A 111 6.71 6.28 -1.31
N LEU A 112 6.64 4.95 -1.25
CA LEU A 112 7.81 4.11 -1.47
C LEU A 112 7.61 3.20 -2.68
N GLU A 113 8.45 3.40 -3.71
CA GLU A 113 8.37 2.61 -4.92
C GLU A 113 8.49 1.12 -4.61
N ILE A 114 7.67 0.31 -5.27
CA ILE A 114 7.69 -1.13 -5.06
C ILE A 114 8.71 -1.81 -5.98
N PRO A 115 9.52 -2.71 -5.40
CA PRO A 115 10.54 -3.44 -6.16
C PRO A 115 9.94 -4.45 -7.12
N GLN A 116 10.13 -4.22 -8.41
CA GLN A 116 9.60 -5.12 -9.43
C GLN A 116 10.13 -6.53 -9.25
N GLU A 117 11.44 -6.65 -9.04
CA GLU A 117 12.06 -7.95 -8.85
C GLU A 117 11.16 -8.88 -8.06
N TRP A 118 10.46 -8.33 -7.09
CA TRP A 118 9.55 -9.11 -6.26
C TRP A 118 8.42 -9.71 -7.10
N GLN A 119 7.52 -8.85 -7.57
CA GLN A 119 6.40 -9.29 -8.39
C GLN A 119 6.84 -10.35 -9.40
N ASP A 120 6.13 -11.48 -9.40
CA ASP A 120 6.46 -12.57 -10.31
C ASP A 120 6.59 -12.06 -11.75
N SER A 121 5.59 -11.29 -12.19
CA SER A 121 5.60 -10.75 -13.54
C SER A 121 6.99 -10.28 -13.94
N GLY A 122 7.60 -9.44 -13.10
CA GLY A 122 8.93 -8.95 -13.38
C GLY A 122 9.03 -8.29 -14.74
N PRO A 123 10.25 -7.90 -15.13
CA PRO A 123 10.51 -7.26 -16.41
C PRO A 123 10.33 -8.21 -17.59
N SER A 124 10.23 -7.65 -18.79
CA SER A 124 10.06 -8.44 -20.00
C SER A 124 10.13 -7.57 -21.25
N SER A 125 11.15 -7.79 -22.06
CA SER A 125 11.34 -7.02 -23.28
C SER A 125 11.41 -7.94 -24.50
N GLY A 126 10.79 -7.51 -25.60
CA GLY A 126 10.79 -8.30 -26.81
C GLY A 126 9.49 -9.05 -27.01
N GLY A 1 -40.22 6.37 0.12
CA GLY A 1 -39.62 6.52 -1.20
C GLY A 1 -38.16 6.11 -1.23
N SER A 2 -37.62 5.97 -2.43
CA SER A 2 -36.22 5.57 -2.60
C SER A 2 -35.83 5.55 -4.07
N SER A 3 -34.54 5.69 -4.34
CA SER A 3 -34.03 5.68 -5.71
C SER A 3 -32.56 6.08 -5.75
N GLY A 4 -31.90 5.77 -6.86
CA GLY A 4 -30.50 6.10 -7.01
C GLY A 4 -29.97 5.82 -8.39
N SER A 5 -28.71 6.17 -8.63
CA SER A 5 -28.10 5.95 -9.95
C SER A 5 -26.57 5.93 -9.82
N SER A 6 -25.92 5.48 -10.88
CA SER A 6 -24.46 5.40 -10.91
C SER A 6 -23.95 5.11 -12.31
N GLY A 7 -22.74 5.59 -12.60
CA GLY A 7 -22.16 5.37 -13.91
C GLY A 7 -23.07 5.82 -15.03
N SER A 8 -22.60 5.69 -16.27
CA SER A 8 -23.38 6.08 -17.44
C SER A 8 -24.87 5.83 -17.20
N LYS A 9 -25.64 6.92 -17.14
CA LYS A 9 -27.08 6.82 -16.92
C LYS A 9 -27.70 8.20 -16.77
N ASN A 10 -28.90 8.24 -16.19
CA ASN A 10 -29.60 9.51 -15.99
C ASN A 10 -28.83 10.40 -15.03
N GLU A 11 -29.32 11.62 -14.83
CA GLU A 11 -28.68 12.59 -13.95
C GLU A 11 -27.33 13.01 -14.49
N LYS A 12 -26.62 13.85 -13.74
CA LYS A 12 -25.31 14.33 -14.14
C LYS A 12 -24.43 13.18 -14.62
N GLU A 13 -23.34 13.51 -15.29
CA GLU A 13 -22.41 12.50 -15.80
C GLU A 13 -21.80 11.70 -14.66
N GLN A 14 -21.60 10.41 -14.88
CA GLN A 14 -21.03 9.53 -13.88
C GLN A 14 -20.15 8.47 -14.52
N LEU A 15 -19.90 8.62 -15.81
CA LEU A 15 -19.08 7.66 -16.55
C LEU A 15 -17.61 8.07 -16.51
N SER A 16 -16.75 7.27 -17.15
CA SER A 16 -15.33 7.54 -17.18
C SER A 16 -15.06 8.96 -17.69
N LYS A 17 -13.91 9.51 -17.32
CA LYS A 17 -13.53 10.86 -17.74
C LYS A 17 -12.63 10.81 -18.96
N ALA A 18 -12.49 11.94 -19.64
CA ALA A 18 -11.65 12.04 -20.82
C ALA A 18 -10.84 13.32 -20.83
N LYS A 19 -9.58 13.22 -20.41
CA LYS A 19 -8.70 14.37 -20.36
C LYS A 19 -7.24 13.94 -20.16
N ALA A 20 -6.36 14.91 -19.99
CA ALA A 20 -4.94 14.63 -19.78
C ALA A 20 -4.69 14.02 -18.41
N SER A 21 -3.48 13.53 -18.20
CA SER A 21 -3.12 12.91 -16.93
C SER A 21 -2.77 13.98 -15.89
N VAL A 22 -3.63 14.99 -15.78
CA VAL A 22 -3.41 16.07 -14.83
C VAL A 22 -4.48 16.06 -13.73
N SER A 23 -4.14 16.63 -12.58
CA SER A 23 -5.06 16.69 -11.45
C SER A 23 -5.13 15.33 -10.76
N SER A 24 -4.04 14.96 -10.09
CA SER A 24 -3.99 13.69 -9.38
C SER A 24 -3.35 13.86 -8.00
N LEU A 25 -4.20 14.03 -6.98
CA LEU A 25 -3.72 14.21 -5.62
C LEU A 25 -3.37 12.86 -4.99
N ASN A 26 -2.86 12.91 -3.76
CA ASN A 26 -2.48 11.70 -3.04
C ASN A 26 -3.21 11.61 -1.70
N LYS A 27 -4.15 10.68 -1.61
CA LYS A 27 -4.92 10.49 -0.38
C LYS A 27 -4.35 9.33 0.44
N VAL A 28 -4.08 9.60 1.72
CA VAL A 28 -3.54 8.58 2.61
C VAL A 28 -4.53 7.44 2.81
N ILE A 29 -4.03 6.22 2.82
CA ILE A 29 -4.87 5.04 3.01
C ILE A 29 -4.98 4.68 4.48
N GLN A 30 -6.22 4.57 4.97
CA GLN A 30 -6.46 4.22 6.36
C GLN A 30 -7.79 3.49 6.53
N THR A 31 -7.72 2.26 7.01
CA THR A 31 -8.92 1.45 7.22
C THR A 31 -8.79 0.55 8.43
N LYS A 32 -9.92 0.14 9.00
CA LYS A 32 -9.93 -0.72 10.17
C LYS A 32 -10.14 -2.17 9.77
N LEU A 33 -9.15 -3.01 10.04
CA LEU A 33 -9.23 -4.43 9.70
C LEU A 33 -9.72 -5.24 10.91
N THR A 34 -10.55 -6.24 10.63
CA THR A 34 -11.10 -7.10 11.67
C THR A 34 -10.24 -8.34 11.87
N VAL A 35 -9.29 -8.28 12.79
CA VAL A 35 -8.42 -9.40 13.07
C VAL A 35 -9.19 -10.71 13.10
N GLY A 36 -8.68 -11.72 12.40
CA GLY A 36 -9.34 -13.01 12.36
C GLY A 36 -8.69 -14.02 13.27
N ASN A 37 -9.27 -15.22 13.33
CA ASN A 37 -8.74 -16.29 14.18
C ASN A 37 -7.22 -16.38 14.05
N LEU A 38 -6.74 -16.39 12.82
CA LEU A 38 -5.30 -16.48 12.56
C LEU A 38 -4.67 -15.09 12.53
N GLY A 39 -5.52 -14.06 12.59
CA GLY A 39 -5.02 -12.69 12.58
C GLY A 39 -4.34 -12.34 11.28
N LEU A 40 -4.59 -11.12 10.80
CA LEU A 40 -3.99 -10.65 9.55
C LEU A 40 -2.52 -11.01 9.49
N GLY A 41 -2.18 -12.02 8.67
CA GLY A 41 -0.80 -12.44 8.54
C GLY A 41 -0.15 -11.90 7.28
N LEU A 42 -0.68 -10.80 6.77
CA LEU A 42 -0.15 -10.19 5.55
C LEU A 42 1.32 -10.52 5.37
N VAL A 43 1.68 -10.96 4.16
CA VAL A 43 3.05 -11.32 3.86
C VAL A 43 3.88 -10.08 3.50
N VAL A 44 4.15 -9.24 4.49
CA VAL A 44 4.92 -8.02 4.27
C VAL A 44 6.42 -8.33 4.26
N ILE A 45 7.19 -7.42 3.67
CA ILE A 45 8.63 -7.59 3.59
C ILE A 45 9.36 -6.38 4.17
N GLN A 46 10.69 -6.44 4.18
CA GLN A 46 11.50 -5.34 4.70
C GLN A 46 12.09 -4.51 3.57
N ASN A 47 11.38 -3.44 3.20
CA ASN A 47 11.84 -2.56 2.13
C ASN A 47 12.07 -1.14 2.65
N GLY A 48 13.29 -0.86 3.07
CA GLY A 48 13.62 0.46 3.58
C GLY A 48 13.21 0.63 5.03
N PRO A 49 13.21 1.89 5.50
CA PRO A 49 12.86 2.21 6.88
C PRO A 49 11.37 2.00 7.16
N TYR A 50 10.62 1.66 6.12
CA TYR A 50 9.19 1.44 6.24
C TYR A 50 8.80 0.06 5.72
N LEU A 51 7.91 -0.61 6.42
CA LEU A 51 7.45 -1.94 6.02
C LEU A 51 6.49 -1.86 4.84
N GLN A 52 6.85 -2.52 3.75
CA GLN A 52 6.01 -2.52 2.55
C GLN A 52 5.38 -3.89 2.32
N ILE A 53 4.06 -3.95 2.33
CA ILE A 53 3.34 -5.19 2.12
C ILE A 53 3.66 -5.79 0.75
N SER A 54 3.89 -7.10 0.73
CA SER A 54 4.21 -7.79 -0.53
C SER A 54 3.04 -8.66 -0.98
N HIS A 55 2.23 -9.11 -0.02
CA HIS A 55 1.08 -9.94 -0.31
C HIS A 55 0.14 -10.01 0.88
N LEU A 56 -1.16 -10.02 0.61
CA LEU A 56 -2.17 -10.09 1.65
C LEU A 56 -2.64 -11.52 1.87
N ILE A 57 -2.70 -11.93 3.13
CA ILE A 57 -3.14 -13.29 3.46
C ILE A 57 -4.62 -13.47 3.17
N ASN A 58 -4.91 -14.23 2.11
CA ASN A 58 -6.30 -14.48 1.72
C ASN A 58 -7.17 -14.74 2.94
N LYS A 59 -6.72 -15.67 3.79
CA LYS A 59 -7.47 -16.02 4.99
C LYS A 59 -7.09 -15.09 6.15
N GLY A 60 -7.27 -13.79 5.94
CA GLY A 60 -6.95 -12.82 6.97
C GLY A 60 -7.88 -11.62 6.94
N ALA A 61 -7.39 -10.50 7.47
CA ALA A 61 -8.18 -9.27 7.51
C ALA A 61 -7.91 -8.40 6.28
N ALA A 62 -6.65 -8.03 6.10
CA ALA A 62 -6.25 -7.21 4.97
C ALA A 62 -6.90 -7.70 3.67
N ALA A 63 -6.76 -9.00 3.40
CA ALA A 63 -7.32 -9.60 2.20
C ALA A 63 -8.83 -9.39 2.14
N SER A 64 -9.44 -9.24 3.32
CA SER A 64 -10.89 -9.05 3.41
C SER A 64 -11.24 -7.58 3.23
N ASP A 65 -10.23 -6.73 3.12
CA ASP A 65 -10.43 -5.30 2.94
C ASP A 65 -10.01 -4.86 1.54
N GLY A 66 -10.79 -3.96 0.95
CA GLY A 66 -10.48 -3.48 -0.39
C GLY A 66 -9.96 -2.05 -0.37
N ILE A 67 -9.17 -1.72 0.65
CA ILE A 67 -8.61 -0.38 0.77
C ILE A 67 -7.09 -0.42 0.78
N LEU A 68 -6.53 -1.57 1.16
CA LEU A 68 -5.08 -1.74 1.21
C LEU A 68 -4.59 -2.53 0.00
N GLN A 69 -3.27 -2.58 -0.16
CA GLN A 69 -2.67 -3.30 -1.27
C GLN A 69 -1.27 -3.81 -0.91
N PRO A 70 -0.84 -4.89 -1.57
CA PRO A 70 0.48 -5.49 -1.33
C PRO A 70 1.62 -4.60 -1.83
N GLY A 71 1.95 -3.58 -1.05
CA GLY A 71 3.01 -2.66 -1.43
C GLY A 71 2.81 -1.26 -0.88
N ASP A 72 2.17 -1.18 0.28
CA ASP A 72 1.92 0.11 0.91
C ASP A 72 3.03 0.48 1.88
N VAL A 73 2.76 1.45 2.74
CA VAL A 73 3.74 1.89 3.73
C VAL A 73 3.07 2.21 5.07
N LEU A 74 2.86 1.19 5.87
CA LEU A 74 2.23 1.36 7.18
C LEU A 74 2.93 2.47 7.97
N ILE A 75 2.15 3.19 8.77
CA ILE A 75 2.69 4.27 9.60
C ILE A 75 2.10 4.24 11.00
N SER A 76 1.48 3.12 11.35
CA SER A 76 0.88 2.96 12.67
C SER A 76 -0.17 1.85 12.66
N VAL A 77 0.31 0.60 12.61
CA VAL A 77 -0.59 -0.55 12.61
C VAL A 77 -0.96 -0.98 14.02
N GLY A 78 -2.17 -0.62 14.44
CA GLY A 78 -2.63 -0.97 15.77
C GLY A 78 -2.06 -0.05 16.83
N HIS A 79 -2.31 1.25 16.70
CA HIS A 79 -1.82 2.22 17.65
C HIS A 79 -0.33 2.05 17.91
N ALA A 80 0.35 1.38 16.98
CA ALA A 80 1.78 1.14 17.11
C ALA A 80 2.54 1.73 15.93
N ASN A 81 3.18 2.87 16.16
CA ASN A 81 3.95 3.54 15.12
C ASN A 81 4.95 2.59 14.48
N VAL A 82 4.53 1.92 13.43
CA VAL A 82 5.39 0.97 12.71
C VAL A 82 6.23 1.67 11.66
N LEU A 83 6.21 3.01 11.69
CA LEU A 83 6.97 3.81 10.74
C LEU A 83 8.41 3.29 10.63
N GLY A 84 9.05 3.11 11.78
CA GLY A 84 10.43 2.63 11.79
C GLY A 84 10.54 1.22 12.31
N TYR A 85 9.43 0.47 12.24
CA TYR A 85 9.41 -0.91 12.70
C TYR A 85 10.15 -1.82 11.72
N THR A 86 10.56 -2.98 12.21
CA THR A 86 11.27 -3.95 11.39
C THR A 86 10.46 -5.22 11.20
N LEU A 87 10.58 -5.83 10.02
CA LEU A 87 9.85 -7.05 9.70
C LEU A 87 9.71 -7.93 10.96
N ARG A 88 10.76 -7.98 11.76
CA ARG A 88 10.76 -8.77 12.98
C ARG A 88 9.86 -8.14 14.04
N GLU A 89 10.20 -6.91 14.43
CA GLU A 89 9.43 -6.20 15.44
C GLU A 89 7.96 -6.10 15.04
N PHE A 90 7.70 -6.24 13.73
CA PHE A 90 6.34 -6.17 13.22
C PHE A 90 5.59 -7.47 13.48
N LEU A 91 6.20 -8.59 13.12
CA LEU A 91 5.59 -9.90 13.31
C LEU A 91 5.29 -10.15 14.79
N LYS A 92 6.26 -9.81 15.64
CA LYS A 92 6.11 -10.00 17.09
C LYS A 92 5.07 -9.04 17.65
N LEU A 93 4.96 -7.86 17.03
CA LEU A 93 4.01 -6.84 17.47
C LEU A 93 2.58 -7.33 17.27
N LEU A 94 2.18 -7.47 16.01
CA LEU A 94 0.83 -7.93 15.68
C LEU A 94 0.53 -9.27 16.35
N GLN A 95 1.58 -10.01 16.66
CA GLN A 95 1.42 -11.31 17.31
C GLN A 95 0.83 -11.16 18.71
N ASN A 96 0.79 -9.92 19.20
CA ASN A 96 0.24 -9.63 20.51
C ASN A 96 -1.20 -9.17 20.41
N ILE A 97 -1.72 -9.12 19.19
CA ILE A 97 -3.10 -8.71 18.96
C ILE A 97 -4.07 -9.88 19.07
N THR A 98 -5.23 -9.62 19.65
CA THR A 98 -6.24 -10.67 19.82
C THR A 98 -7.20 -10.70 18.63
N ILE A 99 -7.95 -11.78 18.51
CA ILE A 99 -8.90 -11.95 17.41
C ILE A 99 -10.10 -11.01 17.59
N GLY A 100 -10.59 -10.49 16.48
CA GLY A 100 -11.73 -9.58 16.52
C GLY A 100 -11.38 -8.25 17.17
N THR A 101 -10.33 -7.61 16.68
CA THR A 101 -9.90 -6.32 17.21
C THR A 101 -9.89 -5.25 16.13
N VAL A 102 -10.41 -4.07 16.47
CA VAL A 102 -10.46 -2.97 15.53
C VAL A 102 -9.21 -2.11 15.61
N LEU A 103 -8.32 -2.28 14.64
CA LEU A 103 -7.06 -1.52 14.61
C LEU A 103 -7.04 -0.58 13.41
N GLN A 104 -6.36 0.56 13.58
CA GLN A 104 -6.25 1.54 12.50
C GLN A 104 -4.95 1.36 11.73
N ILE A 105 -5.05 0.91 10.49
CA ILE A 105 -3.88 0.70 9.65
C ILE A 105 -3.71 1.84 8.66
N LYS A 106 -2.76 2.73 8.94
CA LYS A 106 -2.49 3.86 8.07
C LYS A 106 -1.26 3.60 7.20
N ALA A 107 -1.46 3.65 5.88
CA ALA A 107 -0.37 3.43 4.95
C ALA A 107 -0.34 4.50 3.86
N TYR A 108 0.81 4.66 3.22
CA TYR A 108 0.97 5.65 2.17
C TYR A 108 0.91 5.00 0.79
N ARG A 109 0.41 5.75 -0.18
CA ARG A 109 0.29 5.25 -1.56
C ARG A 109 1.35 5.88 -2.45
N GLY A 110 1.69 7.15 -2.19
CA GLY A 110 2.68 7.84 -2.98
C GLY A 110 3.93 8.15 -2.19
N PHE A 111 4.36 7.22 -1.34
CA PHE A 111 5.55 7.40 -0.52
C PHE A 111 6.67 6.48 -0.97
N LEU A 112 6.49 5.19 -0.74
CA LEU A 112 7.50 4.20 -1.12
C LEU A 112 7.01 3.36 -2.30
N GLU A 113 7.78 3.38 -3.39
CA GLU A 113 7.43 2.62 -4.58
C GLU A 113 7.74 1.14 -4.40
N ILE A 114 7.05 0.30 -5.15
CA ILE A 114 7.26 -1.15 -5.07
C ILE A 114 8.49 -1.57 -5.86
N PRO A 115 9.34 -2.40 -5.24
CA PRO A 115 10.56 -2.90 -5.88
C PRO A 115 10.27 -3.89 -7.00
N GLN A 116 10.82 -3.61 -8.17
CA GLN A 116 10.62 -4.48 -9.34
C GLN A 116 11.25 -5.85 -9.10
N GLU A 117 12.46 -5.85 -8.54
CA GLU A 117 13.17 -7.10 -8.27
C GLU A 117 12.21 -8.17 -7.76
N TRP A 118 11.17 -7.74 -7.05
CA TRP A 118 10.18 -8.66 -6.50
C TRP A 118 9.24 -9.16 -7.60
N GLN A 119 8.38 -8.28 -8.08
CA GLN A 119 7.42 -8.63 -9.13
C GLN A 119 8.10 -9.46 -10.21
N ASP A 120 7.41 -10.52 -10.64
CA ASP A 120 7.94 -11.40 -11.68
C ASP A 120 8.41 -10.58 -12.88
N SER A 121 7.52 -9.77 -13.42
CA SER A 121 7.84 -8.95 -14.58
C SER A 121 8.93 -7.93 -14.25
N GLY A 122 9.78 -7.64 -15.23
CA GLY A 122 10.85 -6.68 -15.01
C GLY A 122 11.85 -6.67 -16.15
N PRO A 123 11.54 -5.88 -17.20
CA PRO A 123 12.40 -5.76 -18.38
C PRO A 123 13.70 -5.02 -18.08
N SER A 124 14.83 -5.69 -18.26
CA SER A 124 16.13 -5.09 -18.00
C SER A 124 16.56 -4.21 -19.17
N SER A 125 16.58 -4.80 -20.37
CA SER A 125 16.98 -4.08 -21.57
C SER A 125 16.27 -4.64 -22.79
N GLY A 126 16.34 -5.95 -22.96
CA GLY A 126 15.70 -6.59 -24.10
C GLY A 126 14.85 -7.78 -23.69
N GLY A 1 2.09 -1.15 -43.46
CA GLY A 1 1.80 -0.32 -42.31
C GLY A 1 0.79 0.77 -42.60
N SER A 2 0.02 1.14 -41.58
CA SER A 2 -1.01 2.16 -41.74
C SER A 2 -1.29 2.86 -40.41
N SER A 3 -1.55 2.07 -39.37
CA SER A 3 -1.84 2.60 -38.05
C SER A 3 -0.63 3.34 -37.50
N GLY A 4 -0.79 3.93 -36.31
CA GLY A 4 0.30 4.66 -35.69
C GLY A 4 1.42 3.75 -35.25
N SER A 5 1.99 4.02 -34.08
CA SER A 5 3.09 3.23 -33.56
C SER A 5 3.36 3.57 -32.09
N SER A 6 3.43 4.87 -31.80
CA SER A 6 3.69 5.33 -30.44
C SER A 6 3.87 6.84 -30.41
N GLY A 7 3.76 7.42 -29.22
CA GLY A 7 3.91 8.85 -29.07
C GLY A 7 5.35 9.30 -29.22
N SER A 8 5.68 10.44 -28.63
CA SER A 8 7.03 10.99 -28.71
C SER A 8 7.27 11.68 -30.05
N LYS A 9 6.23 12.35 -30.54
CA LYS A 9 6.32 13.05 -31.82
C LYS A 9 6.56 12.08 -32.97
N ASN A 10 5.54 11.90 -33.81
CA ASN A 10 5.65 10.99 -34.94
C ASN A 10 4.30 10.81 -35.63
N GLU A 11 3.48 11.87 -35.59
CA GLU A 11 2.16 11.83 -36.21
C GLU A 11 1.30 12.97 -35.70
N LYS A 12 0.02 12.97 -36.10
CA LYS A 12 -0.91 14.00 -35.69
C LYS A 12 -0.74 14.34 -34.21
N GLU A 13 -1.12 15.56 -33.83
CA GLU A 13 -1.01 15.99 -32.44
C GLU A 13 -1.55 14.93 -31.49
N GLN A 14 -0.68 14.02 -31.08
CA GLN A 14 -1.08 12.95 -30.17
C GLN A 14 0.03 12.65 -29.16
N LEU A 15 1.06 13.49 -29.16
CA LEU A 15 2.19 13.31 -28.25
C LEU A 15 1.84 13.81 -26.86
N SER A 16 2.75 13.59 -25.91
CA SER A 16 2.54 14.02 -24.53
C SER A 16 2.91 15.49 -24.35
N LYS A 17 2.28 16.14 -23.38
CA LYS A 17 2.55 17.54 -23.11
C LYS A 17 3.90 17.72 -22.42
N ALA A 18 4.55 18.84 -22.69
CA ALA A 18 5.86 19.13 -22.10
C ALA A 18 5.72 20.09 -20.92
N LYS A 19 5.40 19.56 -19.75
CA LYS A 19 5.24 20.37 -18.55
C LYS A 19 5.23 19.50 -17.30
N ALA A 20 5.39 20.13 -16.14
CA ALA A 20 5.38 19.41 -14.87
C ALA A 20 4.02 19.49 -14.20
N SER A 21 3.65 18.42 -13.51
CA SER A 21 2.37 18.36 -12.82
C SER A 21 2.56 18.13 -11.32
N VAL A 22 3.53 18.83 -10.74
CA VAL A 22 3.83 18.70 -9.32
C VAL A 22 3.01 19.69 -8.50
N SER A 23 2.73 19.33 -7.25
CA SER A 23 1.96 20.19 -6.36
C SER A 23 1.58 19.45 -5.08
N SER A 24 2.52 18.66 -4.57
CA SER A 24 2.29 17.90 -3.35
C SER A 24 0.90 17.26 -3.36
N LEU A 25 0.82 16.05 -3.89
CA LEU A 25 -0.45 15.33 -3.96
C LEU A 25 -0.27 13.87 -3.58
N ASN A 26 -0.29 13.59 -2.28
CA ASN A 26 -0.13 12.22 -1.79
C ASN A 26 -1.31 11.82 -0.90
N LYS A 27 -2.14 10.92 -1.40
CA LYS A 27 -3.30 10.45 -0.64
C LYS A 27 -2.90 9.40 0.37
N VAL A 28 -3.49 9.46 1.57
CA VAL A 28 -3.19 8.50 2.62
C VAL A 28 -4.31 7.47 2.76
N ILE A 29 -3.93 6.24 3.08
CA ILE A 29 -4.90 5.16 3.24
C ILE A 29 -5.08 4.80 4.72
N GLN A 30 -6.33 4.56 5.10
CA GLN A 30 -6.65 4.21 6.49
C GLN A 30 -7.94 3.41 6.57
N THR A 31 -7.84 2.20 7.09
CA THR A 31 -9.01 1.33 7.22
C THR A 31 -8.94 0.50 8.49
N LYS A 32 -10.09 0.07 8.98
CA LYS A 32 -10.16 -0.74 10.19
C LYS A 32 -10.29 -2.23 9.85
N LEU A 33 -9.26 -2.99 10.17
CA LEU A 33 -9.27 -4.43 9.88
C LEU A 33 -9.79 -5.21 11.09
N THR A 34 -10.42 -6.35 10.81
CA THR A 34 -10.98 -7.19 11.88
C THR A 34 -10.08 -8.39 12.13
N VAL A 35 -9.19 -8.26 13.12
CA VAL A 35 -8.28 -9.34 13.47
C VAL A 35 -8.98 -10.69 13.43
N GLY A 36 -8.35 -11.67 12.79
CA GLY A 36 -8.93 -13.00 12.70
C GLY A 36 -8.32 -13.97 13.68
N ASN A 37 -8.87 -15.18 13.73
CA ASN A 37 -8.37 -16.20 14.64
C ASN A 37 -6.85 -16.29 14.59
N LEU A 38 -6.30 -16.18 13.38
CA LEU A 38 -4.86 -16.24 13.19
C LEU A 38 -4.25 -14.84 13.10
N GLY A 39 -5.11 -13.84 12.90
CA GLY A 39 -4.65 -12.47 12.81
C GLY A 39 -4.01 -12.18 11.46
N LEU A 40 -4.17 -10.95 10.99
CA LEU A 40 -3.59 -10.54 9.71
C LEU A 40 -2.13 -10.96 9.62
N GLY A 41 -1.87 -12.04 8.88
CA GLY A 41 -0.51 -12.51 8.72
C GLY A 41 0.15 -11.98 7.47
N LEU A 42 -0.49 -11.00 6.83
CA LEU A 42 0.04 -10.41 5.60
C LEU A 42 1.54 -10.64 5.49
N VAL A 43 1.98 -11.12 4.34
CA VAL A 43 3.39 -11.38 4.11
C VAL A 43 4.14 -10.10 3.76
N VAL A 44 4.62 -9.40 4.78
CA VAL A 44 5.35 -8.16 4.60
C VAL A 44 6.82 -8.43 4.27
N ILE A 45 7.54 -7.39 3.88
CA ILE A 45 8.95 -7.51 3.54
C ILE A 45 9.74 -6.30 4.03
N GLN A 46 11.02 -6.51 4.30
CA GLN A 46 11.90 -5.44 4.78
C GLN A 46 12.35 -4.56 3.63
N ASN A 47 11.56 -3.54 3.32
CA ASN A 47 11.88 -2.61 2.24
C ASN A 47 12.02 -1.19 2.77
N GLY A 48 13.22 -0.84 3.20
CA GLY A 48 13.48 0.49 3.72
C GLY A 48 13.06 0.64 5.18
N PRO A 49 12.99 1.89 5.65
CA PRO A 49 12.60 2.18 7.03
C PRO A 49 11.13 1.89 7.30
N TYR A 50 10.44 1.36 6.30
CA TYR A 50 9.03 1.03 6.43
C TYR A 50 8.75 -0.40 5.95
N LEU A 51 7.71 -0.99 6.50
CA LEU A 51 7.33 -2.36 6.13
C LEU A 51 6.32 -2.36 4.99
N GLN A 52 6.80 -2.65 3.79
CA GLN A 52 5.95 -2.69 2.60
C GLN A 52 5.29 -4.06 2.45
N ILE A 53 3.97 -4.09 2.52
CA ILE A 53 3.23 -5.34 2.38
C ILE A 53 3.51 -6.00 1.03
N SER A 54 4.08 -7.21 1.09
CA SER A 54 4.40 -7.94 -0.14
C SER A 54 3.22 -8.80 -0.58
N HIS A 55 2.41 -9.24 0.38
CA HIS A 55 1.25 -10.07 0.08
C HIS A 55 0.34 -10.17 1.31
N LEU A 56 -0.96 -10.38 1.06
CA LEU A 56 -1.93 -10.50 2.14
C LEU A 56 -2.34 -11.96 2.34
N ILE A 57 -2.39 -12.39 3.60
CA ILE A 57 -2.76 -13.75 3.92
C ILE A 57 -4.26 -13.98 3.71
N ASN A 58 -4.61 -14.65 2.63
CA ASN A 58 -6.01 -14.93 2.33
C ASN A 58 -6.79 -15.22 3.60
N LYS A 59 -6.25 -16.10 4.43
CA LYS A 59 -6.91 -16.47 5.69
C LYS A 59 -6.63 -15.44 6.76
N GLY A 60 -6.68 -14.16 6.38
CA GLY A 60 -6.43 -13.09 7.33
C GLY A 60 -7.49 -11.99 7.25
N ALA A 61 -7.18 -10.84 7.82
CA ALA A 61 -8.11 -9.71 7.82
C ALA A 61 -7.84 -8.79 6.63
N ALA A 62 -6.59 -8.36 6.50
CA ALA A 62 -6.20 -7.47 5.41
C ALA A 62 -6.61 -8.05 4.05
N ALA A 63 -6.42 -9.36 3.90
CA ALA A 63 -6.76 -10.03 2.66
C ALA A 63 -8.23 -9.79 2.28
N SER A 64 -9.09 -9.68 3.29
CA SER A 64 -10.50 -9.45 3.07
C SER A 64 -10.81 -7.96 3.07
N ASP A 65 -9.77 -7.14 2.97
CA ASP A 65 -9.93 -5.70 2.96
C ASP A 65 -9.61 -5.12 1.59
N GLY A 66 -10.63 -4.57 0.93
CA GLY A 66 -10.45 -4.00 -0.39
C GLY A 66 -9.92 -2.58 -0.34
N ILE A 67 -9.43 -2.18 0.82
CA ILE A 67 -8.89 -0.83 0.99
C ILE A 67 -7.37 -0.86 1.10
N LEU A 68 -6.83 -1.96 1.60
CA LEU A 68 -5.39 -2.11 1.76
C LEU A 68 -4.82 -3.05 0.70
N GLN A 69 -3.74 -2.63 0.07
CA GLN A 69 -3.09 -3.43 -0.96
C GLN A 69 -1.68 -3.83 -0.54
N PRO A 70 -1.20 -4.95 -1.10
CA PRO A 70 0.15 -5.46 -0.80
C PRO A 70 1.25 -4.58 -1.39
N GLY A 71 1.55 -3.49 -0.69
CA GLY A 71 2.58 -2.58 -1.16
C GLY A 71 2.43 -1.19 -0.59
N ASP A 72 1.93 -1.10 0.63
CA ASP A 72 1.73 0.19 1.30
C ASP A 72 2.76 0.39 2.40
N VAL A 73 2.83 1.61 2.93
CA VAL A 73 3.77 1.94 3.99
C VAL A 73 3.03 2.28 5.28
N LEU A 74 2.84 1.28 6.13
CA LEU A 74 2.15 1.47 7.40
C LEU A 74 2.88 2.49 8.27
N ILE A 75 2.11 3.32 8.97
CA ILE A 75 2.69 4.34 9.84
C ILE A 75 1.98 4.39 11.18
N SER A 76 1.31 3.29 11.53
CA SER A 76 0.59 3.20 12.79
C SER A 76 -0.46 2.09 12.75
N VAL A 77 0.00 0.85 12.84
CA VAL A 77 -0.89 -0.30 12.80
C VAL A 77 -1.23 -0.77 14.21
N GLY A 78 -2.42 -0.44 14.68
CA GLY A 78 -2.86 -0.83 16.01
C GLY A 78 -2.33 0.09 17.09
N HIS A 79 -2.45 1.40 16.85
CA HIS A 79 -2.00 2.39 17.81
C HIS A 79 -0.50 2.25 18.06
N ALA A 80 0.18 1.52 17.18
CA ALA A 80 1.62 1.31 17.30
C ALA A 80 2.35 1.84 16.07
N ASN A 81 2.91 3.04 16.19
CA ASN A 81 3.65 3.64 15.08
C ASN A 81 4.67 2.67 14.50
N VAL A 82 4.21 1.86 13.55
CA VAL A 82 5.09 0.88 12.91
C VAL A 82 5.90 1.52 11.77
N LEU A 83 6.04 2.84 11.83
CA LEU A 83 6.79 3.57 10.82
C LEU A 83 8.21 3.03 10.70
N GLY A 84 8.95 3.05 11.80
CA GLY A 84 10.31 2.55 11.79
C GLY A 84 10.42 1.14 12.34
N TYR A 85 9.38 0.35 12.13
CA TYR A 85 9.36 -1.03 12.61
C TYR A 85 9.97 -1.98 11.59
N THR A 86 10.76 -2.93 12.07
CA THR A 86 11.41 -3.91 11.20
C THR A 86 10.47 -5.05 10.86
N LEU A 87 10.87 -5.88 9.91
CA LEU A 87 10.07 -7.03 9.50
C LEU A 87 9.93 -8.04 10.62
N ARG A 88 10.98 -8.14 11.45
CA ARG A 88 10.98 -9.07 12.57
C ARG A 88 10.20 -8.50 13.75
N GLU A 89 10.01 -7.19 13.75
CA GLU A 89 9.29 -6.51 14.82
C GLU A 89 7.81 -6.35 14.46
N PHE A 90 7.54 -6.12 13.18
CA PHE A 90 6.18 -5.94 12.70
C PHE A 90 5.38 -7.23 12.85
N LEU A 91 5.95 -8.33 12.36
CA LEU A 91 5.29 -9.62 12.44
C LEU A 91 5.07 -10.05 13.89
N LYS A 92 5.93 -9.55 14.77
CA LYS A 92 5.83 -9.86 16.20
C LYS A 92 4.88 -8.91 16.90
N LEU A 93 4.50 -7.84 16.21
CA LEU A 93 3.59 -6.86 16.78
C LEU A 93 2.14 -7.28 16.59
N LEU A 94 1.72 -7.39 15.34
CA LEU A 94 0.35 -7.79 15.02
C LEU A 94 0.01 -9.14 15.66
N GLN A 95 1.04 -9.94 15.89
CA GLN A 95 0.86 -11.26 16.50
C GLN A 95 0.47 -11.13 17.97
N ASN A 96 0.99 -10.10 18.62
CA ASN A 96 0.69 -9.86 20.03
C ASN A 96 -0.71 -9.30 20.21
N ILE A 97 -1.45 -9.20 19.10
CA ILE A 97 -2.81 -8.69 19.14
C ILE A 97 -3.82 -9.81 19.37
N THR A 98 -5.00 -9.44 19.86
CA THR A 98 -6.05 -10.41 20.13
C THR A 98 -7.11 -10.40 19.04
N ILE A 99 -7.88 -11.48 18.97
CA ILE A 99 -8.94 -11.59 17.97
C ILE A 99 -10.05 -10.57 18.22
N GLY A 100 -10.57 -9.98 17.16
CA GLY A 100 -11.62 -8.99 17.28
C GLY A 100 -11.12 -7.66 17.81
N THR A 101 -10.08 -7.13 17.17
CA THR A 101 -9.51 -5.86 17.58
C THR A 101 -9.57 -4.84 16.45
N VAL A 102 -10.23 -3.71 16.71
CA VAL A 102 -10.35 -2.66 15.71
C VAL A 102 -9.16 -1.71 15.75
N LEU A 103 -8.32 -1.80 14.73
CA LEU A 103 -7.12 -0.96 14.65
C LEU A 103 -7.18 -0.07 13.40
N GLN A 104 -6.47 1.04 13.46
CA GLN A 104 -6.44 1.98 12.34
C GLN A 104 -5.12 1.87 11.57
N ILE A 105 -5.14 1.09 10.50
CA ILE A 105 -3.95 0.89 9.68
C ILE A 105 -3.77 2.05 8.69
N LYS A 106 -2.87 2.97 9.02
CA LYS A 106 -2.60 4.11 8.16
C LYS A 106 -1.35 3.87 7.30
N ALA A 107 -1.55 3.84 5.99
CA ALA A 107 -0.44 3.62 5.06
C ALA A 107 -0.39 4.71 4.00
N TYR A 108 0.74 4.82 3.32
CA TYR A 108 0.91 5.82 2.28
C TYR A 108 0.79 5.19 0.89
N ARG A 109 0.33 6.00 -0.07
CA ARG A 109 0.15 5.52 -1.44
C ARG A 109 1.17 6.18 -2.38
N GLY A 110 1.73 7.30 -1.94
CA GLY A 110 2.70 8.01 -2.75
C GLY A 110 4.05 8.10 -2.09
N PHE A 111 4.05 8.31 -0.77
CA PHE A 111 5.29 8.43 -0.01
C PHE A 111 6.37 7.51 -0.59
N LEU A 112 6.18 6.20 -0.43
CA LEU A 112 7.14 5.23 -0.93
C LEU A 112 6.43 4.18 -1.80
N GLU A 113 6.81 4.13 -3.07
CA GLU A 113 6.21 3.18 -3.99
C GLU A 113 6.85 1.79 -3.83
N ILE A 114 6.35 0.82 -4.60
CA ILE A 114 6.87 -0.53 -4.55
C ILE A 114 8.24 -0.63 -5.20
N PRO A 115 9.17 -1.33 -4.53
CA PRO A 115 10.54 -1.51 -5.03
C PRO A 115 10.60 -2.42 -6.26
N GLN A 116 10.75 -1.82 -7.43
CA GLN A 116 10.81 -2.58 -8.67
C GLN A 116 11.61 -3.87 -8.48
N GLU A 117 12.84 -3.74 -8.01
CA GLU A 117 13.71 -4.89 -7.79
C GLU A 117 12.89 -6.12 -7.42
N TRP A 118 11.84 -5.91 -6.62
CA TRP A 118 10.98 -7.00 -6.18
C TRP A 118 10.13 -7.51 -7.35
N GLN A 119 9.23 -6.67 -7.84
CA GLN A 119 8.37 -7.04 -8.96
C GLN A 119 9.16 -7.70 -10.08
N ASP A 120 8.63 -8.77 -10.64
CA ASP A 120 9.29 -9.48 -11.72
C ASP A 120 8.68 -9.12 -13.06
N SER A 121 7.35 -9.14 -13.13
CA SER A 121 6.64 -8.81 -14.36
C SER A 121 7.12 -9.70 -15.51
N GLY A 122 6.39 -10.79 -15.76
CA GLY A 122 6.76 -11.70 -16.83
C GLY A 122 6.11 -11.33 -18.14
N PRO A 123 6.01 -12.30 -19.06
CA PRO A 123 5.40 -12.10 -20.37
C PRO A 123 3.89 -11.89 -20.29
N SER A 124 3.47 -10.63 -20.34
CA SER A 124 2.05 -10.29 -20.27
C SER A 124 1.49 -10.04 -21.65
N SER A 125 2.10 -9.08 -22.36
CA SER A 125 1.64 -8.73 -23.71
C SER A 125 2.75 -8.99 -24.73
N GLY A 126 2.46 -9.83 -25.72
CA GLY A 126 3.44 -10.14 -26.74
C GLY A 126 3.18 -11.49 -27.38
N GLY A 1 -28.37 2.79 -36.62
CA GLY A 1 -27.60 3.47 -35.60
C GLY A 1 -27.29 4.92 -35.97
N SER A 2 -27.32 5.80 -34.99
CA SER A 2 -27.06 7.21 -35.21
C SER A 2 -26.97 7.98 -33.89
N SER A 3 -27.91 7.70 -33.00
CA SER A 3 -27.95 8.36 -31.70
C SER A 3 -26.55 8.61 -31.18
N GLY A 4 -26.39 9.69 -30.42
CA GLY A 4 -25.09 10.03 -29.88
C GLY A 4 -24.60 8.99 -28.88
N SER A 5 -25.43 8.66 -27.91
CA SER A 5 -25.08 7.68 -26.88
C SER A 5 -24.09 8.27 -25.89
N SER A 6 -22.91 8.61 -26.37
CA SER A 6 -21.87 9.19 -25.53
C SER A 6 -20.62 9.53 -26.34
N GLY A 7 -20.23 8.62 -27.22
CA GLY A 7 -19.06 8.83 -28.05
C GLY A 7 -19.14 10.13 -28.82
N SER A 8 -18.02 10.86 -28.84
CA SER A 8 -17.96 12.14 -29.54
C SER A 8 -17.74 11.94 -31.04
N LYS A 9 -18.84 11.87 -31.79
CA LYS A 9 -18.77 11.67 -33.23
C LYS A 9 -17.64 10.71 -33.60
N ASN A 10 -17.41 9.74 -32.72
CA ASN A 10 -16.36 8.75 -32.96
C ASN A 10 -16.63 7.46 -32.18
N GLU A 11 -17.00 6.41 -32.90
CA GLU A 11 -17.30 5.13 -32.27
C GLU A 11 -18.48 5.25 -31.30
N LYS A 12 -18.76 4.17 -30.59
CA LYS A 12 -19.86 4.16 -29.63
C LYS A 12 -19.33 4.20 -28.20
N GLU A 13 -18.04 4.49 -28.06
CA GLU A 13 -17.41 4.57 -26.74
C GLU A 13 -16.39 5.71 -26.69
N GLN A 14 -15.33 5.57 -27.48
CA GLN A 14 -14.28 6.58 -27.52
C GLN A 14 -14.86 7.98 -27.35
N LEU A 15 -14.16 8.83 -26.60
CA LEU A 15 -14.61 10.19 -26.36
C LEU A 15 -13.56 10.98 -25.59
N SER A 16 -13.69 12.31 -25.61
CA SER A 16 -12.74 13.18 -24.92
C SER A 16 -11.31 12.92 -25.39
N LYS A 17 -10.36 13.65 -24.83
CA LYS A 17 -8.96 13.50 -25.18
C LYS A 17 -8.50 12.07 -25.00
N ALA A 18 -7.33 11.75 -25.55
CA ALA A 18 -6.79 10.40 -25.44
C ALA A 18 -5.36 10.44 -24.89
N LYS A 19 -5.15 11.27 -23.88
CA LYS A 19 -3.83 11.39 -23.26
C LYS A 19 -3.95 11.80 -21.79
N ALA A 20 -2.83 11.78 -21.08
CA ALA A 20 -2.82 12.15 -19.66
C ALA A 20 -1.40 12.28 -19.15
N SER A 21 -1.15 13.31 -18.35
CA SER A 21 0.19 13.55 -17.80
C SER A 21 0.08 13.99 -16.34
N VAL A 22 -0.74 13.29 -15.56
CA VAL A 22 -0.91 13.60 -14.15
C VAL A 22 0.00 12.76 -13.28
N SER A 23 0.57 13.37 -12.24
CA SER A 23 1.46 12.67 -11.32
C SER A 23 1.85 13.57 -10.16
N SER A 24 0.90 13.85 -9.28
CA SER A 24 1.14 14.69 -8.12
C SER A 24 -0.07 14.70 -7.19
N LEU A 25 -0.63 13.53 -6.94
CA LEU A 25 -1.79 13.38 -6.07
C LEU A 25 -1.79 12.04 -5.37
N ASN A 26 -1.32 12.01 -4.13
CA ASN A 26 -1.26 10.78 -3.34
C ASN A 26 -1.98 10.96 -2.01
N LYS A 27 -3.11 10.28 -1.85
CA LYS A 27 -3.89 10.36 -0.63
C LYS A 27 -3.48 9.26 0.35
N VAL A 28 -3.68 9.52 1.64
CA VAL A 28 -3.33 8.54 2.68
C VAL A 28 -4.40 7.48 2.82
N ILE A 29 -3.98 6.22 2.90
CA ILE A 29 -4.91 5.12 3.04
C ILE A 29 -4.97 4.62 4.48
N GLN A 30 -6.18 4.53 5.03
CA GLN A 30 -6.36 4.07 6.41
C GLN A 30 -7.69 3.35 6.57
N THR A 31 -7.64 2.10 7.00
CA THR A 31 -8.84 1.31 7.19
C THR A 31 -8.71 0.39 8.40
N LYS A 32 -9.85 0.00 8.97
CA LYS A 32 -9.86 -0.87 10.14
C LYS A 32 -10.00 -2.33 9.72
N LEU A 33 -8.99 -3.13 10.02
CA LEU A 33 -9.00 -4.55 9.68
C LEU A 33 -9.52 -5.38 10.84
N THR A 34 -10.52 -6.22 10.58
CA THR A 34 -11.09 -7.08 11.61
C THR A 34 -10.22 -8.31 11.85
N VAL A 35 -9.33 -8.21 12.82
CA VAL A 35 -8.44 -9.32 13.16
C VAL A 35 -9.18 -10.64 13.14
N GLY A 36 -8.65 -11.60 12.38
CA GLY A 36 -9.28 -12.91 12.28
C GLY A 36 -8.66 -13.92 13.22
N ASN A 37 -9.25 -15.11 13.28
CA ASN A 37 -8.76 -16.16 14.16
C ASN A 37 -7.24 -16.33 14.01
N LEU A 38 -6.77 -16.29 12.77
CA LEU A 38 -5.34 -16.44 12.48
C LEU A 38 -4.65 -15.08 12.48
N GLY A 39 -5.43 -14.02 12.63
CA GLY A 39 -4.88 -12.68 12.63
C GLY A 39 -4.21 -12.32 11.32
N LEU A 40 -4.41 -11.09 10.87
CA LEU A 40 -3.83 -10.61 9.63
C LEU A 40 -2.37 -11.04 9.51
N GLY A 41 -2.12 -12.04 8.67
CA GLY A 41 -0.76 -12.52 8.48
C GLY A 41 -0.12 -11.98 7.22
N LEU A 42 -0.70 -10.92 6.67
CA LEU A 42 -0.18 -10.30 5.46
C LEU A 42 1.31 -10.61 5.28
N VAL A 43 1.68 -11.02 4.08
CA VAL A 43 3.07 -11.34 3.78
C VAL A 43 3.88 -10.07 3.52
N VAL A 44 4.09 -9.28 4.56
CA VAL A 44 4.86 -8.04 4.44
C VAL A 44 6.36 -8.32 4.47
N ILE A 45 7.12 -7.45 3.82
CA ILE A 45 8.57 -7.59 3.78
C ILE A 45 9.26 -6.31 4.22
N GLN A 46 10.58 -6.38 4.37
CA GLN A 46 11.37 -5.22 4.78
C GLN A 46 11.92 -4.47 3.57
N ASN A 47 11.14 -3.53 3.06
CA ASN A 47 11.55 -2.75 1.90
C ASN A 47 11.61 -1.27 2.25
N GLY A 48 12.81 -0.69 2.12
CA GLY A 48 12.99 0.73 2.42
C GLY A 48 12.92 1.01 3.91
N PRO A 49 12.76 2.30 4.26
CA PRO A 49 12.69 2.72 5.66
C PRO A 49 11.40 2.29 6.33
N TYR A 50 10.49 1.73 5.54
CA TYR A 50 9.20 1.26 6.06
C TYR A 50 8.92 -0.17 5.62
N LEU A 51 7.82 -0.74 6.12
CA LEU A 51 7.46 -2.10 5.79
C LEU A 51 6.41 -2.13 4.68
N GLN A 52 6.83 -2.55 3.50
CA GLN A 52 5.94 -2.62 2.34
C GLN A 52 5.24 -3.97 2.28
N ILE A 53 3.91 -3.94 2.22
CA ILE A 53 3.11 -5.17 2.16
C ILE A 53 3.31 -5.88 0.83
N SER A 54 4.17 -6.90 0.82
CA SER A 54 4.43 -7.66 -0.40
C SER A 54 3.19 -8.39 -0.87
N HIS A 55 2.43 -8.93 0.09
CA HIS A 55 1.21 -9.67 -0.24
C HIS A 55 0.31 -9.78 0.99
N LEU A 56 -0.99 -9.86 0.77
CA LEU A 56 -1.97 -9.97 1.85
C LEU A 56 -2.50 -11.39 1.95
N ILE A 57 -2.66 -11.88 3.19
CA ILE A 57 -3.17 -13.22 3.42
C ILE A 57 -4.67 -13.29 3.17
N ASN A 58 -5.05 -14.02 2.12
CA ASN A 58 -6.46 -14.18 1.77
C ASN A 58 -7.29 -14.51 3.00
N LYS A 59 -6.90 -15.58 3.70
CA LYS A 59 -7.61 -16.01 4.90
C LYS A 59 -7.29 -15.09 6.08
N GLY A 60 -7.40 -13.79 5.85
CA GLY A 60 -7.13 -12.82 6.91
C GLY A 60 -8.08 -11.65 6.88
N ALA A 61 -7.68 -10.55 7.51
CA ALA A 61 -8.51 -9.35 7.55
C ALA A 61 -8.11 -8.37 6.46
N ALA A 62 -6.81 -8.16 6.30
CA ALA A 62 -6.29 -7.25 5.28
C ALA A 62 -6.74 -7.68 3.89
N ALA A 63 -6.46 -8.93 3.55
CA ALA A 63 -6.83 -9.46 2.24
C ALA A 63 -8.34 -9.39 2.03
N SER A 64 -9.10 -9.38 3.12
CA SER A 64 -10.54 -9.32 3.05
C SER A 64 -11.03 -7.86 3.04
N ASP A 65 -10.08 -6.94 3.11
CA ASP A 65 -10.41 -5.51 3.10
C ASP A 65 -10.04 -4.88 1.75
N GLY A 66 -11.07 -4.41 1.04
CA GLY A 66 -10.83 -3.79 -0.25
C GLY A 66 -10.34 -2.36 -0.13
N ILE A 67 -9.39 -2.14 0.77
CA ILE A 67 -8.83 -0.82 0.99
C ILE A 67 -7.31 -0.87 1.06
N LEU A 68 -6.78 -1.96 1.59
CA LEU A 68 -5.34 -2.14 1.73
C LEU A 68 -4.79 -2.99 0.59
N GLN A 69 -3.77 -2.46 -0.10
CA GLN A 69 -3.15 -3.19 -1.21
C GLN A 69 -1.72 -3.55 -0.88
N PRO A 70 -1.23 -4.63 -1.50
CA PRO A 70 0.15 -5.10 -1.29
C PRO A 70 1.18 -4.17 -1.90
N GLY A 71 1.50 -3.10 -1.18
CA GLY A 71 2.48 -2.14 -1.67
C GLY A 71 2.33 -0.78 -1.04
N ASP A 72 1.89 -0.76 0.22
CA ASP A 72 1.71 0.49 0.94
C ASP A 72 2.86 0.74 1.92
N VAL A 73 2.68 1.72 2.80
CA VAL A 73 3.69 2.05 3.79
C VAL A 73 3.07 2.34 5.16
N LEU A 74 2.91 1.29 5.94
CA LEU A 74 2.33 1.41 7.28
C LEU A 74 3.01 2.52 8.07
N ILE A 75 2.24 3.24 8.87
CA ILE A 75 2.79 4.32 9.69
C ILE A 75 2.15 4.33 11.07
N SER A 76 1.51 3.22 11.43
CA SER A 76 0.85 3.12 12.73
C SER A 76 -0.19 2.00 12.72
N VAL A 77 0.28 0.76 12.75
CA VAL A 77 -0.62 -0.39 12.74
C VAL A 77 -1.02 -0.78 14.16
N GLY A 78 -2.24 -0.42 14.55
CA GLY A 78 -2.73 -0.75 15.88
C GLY A 78 -2.18 0.20 16.93
N HIS A 79 -2.40 1.49 16.73
CA HIS A 79 -1.93 2.50 17.68
C HIS A 79 -0.45 2.30 17.99
N ALA A 80 0.23 1.54 17.14
CA ALA A 80 1.65 1.28 17.33
C ALA A 80 2.46 1.74 16.12
N ASN A 81 3.10 2.90 16.25
CA ASN A 81 3.91 3.45 15.17
C ASN A 81 4.86 2.39 14.59
N VAL A 82 4.57 1.96 13.36
CA VAL A 82 5.39 0.96 12.70
C VAL A 82 6.23 1.57 11.59
N LEU A 83 6.27 2.90 11.55
CA LEU A 83 7.03 3.61 10.54
C LEU A 83 8.36 2.93 10.27
N GLY A 84 9.18 2.81 11.30
CA GLY A 84 10.48 2.17 11.16
C GLY A 84 10.50 0.76 11.74
N TYR A 85 9.32 0.20 11.95
CA TYR A 85 9.21 -1.15 12.51
C TYR A 85 9.85 -2.17 11.58
N THR A 86 10.72 -3.01 12.15
CA THR A 86 11.41 -4.03 11.38
C THR A 86 10.55 -5.28 11.24
N LEU A 87 10.60 -5.90 10.07
CA LEU A 87 9.82 -7.11 9.80
C LEU A 87 9.71 -7.96 11.06
N ARG A 88 10.78 -8.01 11.84
CA ARG A 88 10.79 -8.80 13.08
C ARG A 88 9.90 -8.15 14.14
N GLU A 89 10.11 -6.86 14.38
CA GLU A 89 9.32 -6.13 15.37
C GLU A 89 7.86 -6.08 14.97
N PHE A 90 7.60 -6.20 13.67
CA PHE A 90 6.24 -6.15 13.15
C PHE A 90 5.50 -7.44 13.49
N LEU A 91 5.92 -8.55 12.89
CA LEU A 91 5.30 -9.84 13.14
C LEU A 91 5.11 -10.09 14.63
N LYS A 92 6.08 -9.66 15.43
CA LYS A 92 6.03 -9.82 16.86
C LYS A 92 4.98 -8.90 17.48
N LEU A 93 4.73 -7.78 16.81
CA LEU A 93 3.75 -6.81 17.29
C LEU A 93 2.32 -7.34 17.11
N LEU A 94 1.93 -7.55 15.86
CA LEU A 94 0.60 -8.05 15.55
C LEU A 94 0.31 -9.34 16.32
N GLN A 95 1.36 -10.12 16.56
CA GLN A 95 1.22 -11.38 17.28
C GLN A 95 0.67 -11.14 18.69
N ASN A 96 0.68 -9.88 19.12
CA ASN A 96 0.19 -9.53 20.44
C ASN A 96 -1.25 -9.03 20.37
N ILE A 97 -1.82 -9.07 19.17
CA ILE A 97 -3.20 -8.62 18.97
C ILE A 97 -4.19 -9.77 19.20
N THR A 98 -5.38 -9.42 19.67
CA THR A 98 -6.41 -10.41 19.92
C THR A 98 -7.41 -10.50 18.77
N ILE A 99 -8.06 -11.65 18.63
CA ILE A 99 -9.04 -11.84 17.58
C ILE A 99 -10.23 -10.92 17.74
N GLY A 100 -10.76 -10.43 16.62
CA GLY A 100 -11.90 -9.53 16.66
C GLY A 100 -11.56 -8.19 17.29
N THR A 101 -10.47 -7.59 16.83
CA THR A 101 -10.04 -6.29 17.36
C THR A 101 -9.96 -5.25 16.25
N VAL A 102 -10.38 -4.03 16.57
CA VAL A 102 -10.36 -2.94 15.59
C VAL A 102 -9.07 -2.12 15.72
N LEU A 103 -8.30 -2.08 14.64
CA LEU A 103 -7.05 -1.34 14.63
C LEU A 103 -7.03 -0.33 13.48
N GLN A 104 -6.22 0.71 13.62
CA GLN A 104 -6.10 1.74 12.60
C GLN A 104 -4.83 1.55 11.77
N ILE A 105 -4.98 0.90 10.62
CA ILE A 105 -3.84 0.65 9.74
C ILE A 105 -3.65 1.80 8.75
N LYS A 106 -2.73 2.70 9.07
CA LYS A 106 -2.45 3.84 8.21
C LYS A 106 -1.23 3.57 7.32
N ALA A 107 -1.46 3.52 6.02
CA ALA A 107 -0.39 3.28 5.07
C ALA A 107 -0.46 4.24 3.89
N TYR A 108 0.70 4.60 3.35
CA TYR A 108 0.76 5.53 2.22
C TYR A 108 0.74 4.77 0.90
N ARG A 109 -0.05 5.26 -0.05
CA ARG A 109 -0.17 4.63 -1.36
C ARG A 109 0.53 5.47 -2.42
N GLY A 110 1.75 5.91 -2.12
CA GLY A 110 2.51 6.72 -3.05
C GLY A 110 3.72 7.37 -2.42
N PHE A 111 4.46 6.60 -1.63
CA PHE A 111 5.64 7.11 -0.96
C PHE A 111 6.91 6.48 -1.53
N LEU A 112 7.11 5.21 -1.24
CA LEU A 112 8.28 4.48 -1.72
C LEU A 112 7.93 3.64 -2.94
N GLU A 113 8.95 3.25 -3.70
CA GLU A 113 8.75 2.43 -4.89
C GLU A 113 8.80 0.95 -4.55
N ILE A 114 8.01 0.16 -5.26
CA ILE A 114 7.96 -1.28 -5.04
C ILE A 114 9.07 -2.00 -5.81
N PRO A 115 9.78 -2.90 -5.12
CA PRO A 115 10.88 -3.68 -5.71
C PRO A 115 10.38 -4.69 -6.73
N GLN A 116 10.75 -4.50 -7.99
CA GLN A 116 10.33 -5.39 -9.06
C GLN A 116 10.50 -6.85 -8.64
N GLU A 117 11.72 -7.19 -8.22
CA GLU A 117 12.02 -8.55 -7.79
C GLU A 117 10.85 -9.16 -7.03
N TRP A 118 10.05 -8.30 -6.40
CA TRP A 118 8.88 -8.75 -5.65
C TRP A 118 7.63 -8.72 -6.50
N GLN A 119 7.72 -9.25 -7.71
CA GLN A 119 6.59 -9.27 -8.63
C GLN A 119 6.63 -10.52 -9.51
N ASP A 120 5.48 -11.18 -9.63
CA ASP A 120 5.37 -12.38 -10.44
C ASP A 120 4.28 -12.24 -11.50
N SER A 121 3.14 -11.71 -11.08
CA SER A 121 2.01 -11.52 -11.99
C SER A 121 2.24 -10.33 -12.92
N GLY A 122 2.61 -9.20 -12.33
CA GLY A 122 2.86 -8.00 -13.12
C GLY A 122 4.06 -8.16 -14.03
N PRO A 123 4.10 -7.35 -15.10
CA PRO A 123 5.19 -7.38 -16.07
C PRO A 123 6.49 -6.83 -15.50
N SER A 124 7.52 -7.67 -15.48
CA SER A 124 8.82 -7.27 -14.95
C SER A 124 9.92 -7.49 -15.99
N SER A 125 10.19 -8.76 -16.30
CA SER A 125 11.21 -9.10 -17.27
C SER A 125 10.62 -9.89 -18.44
N GLY A 126 9.33 -10.19 -18.34
CA GLY A 126 8.66 -10.93 -19.39
C GLY A 126 8.51 -12.40 -19.06
N GLY A 1 22.01 27.48 -41.74
CA GLY A 1 21.04 28.52 -41.46
C GLY A 1 19.80 27.99 -40.78
N SER A 2 19.50 28.52 -39.59
CA SER A 2 18.34 28.09 -38.83
C SER A 2 17.63 29.28 -38.21
N SER A 3 16.51 29.02 -37.53
CA SER A 3 15.73 30.07 -36.89
C SER A 3 14.93 29.51 -35.72
N GLY A 4 14.52 30.41 -34.82
CA GLY A 4 13.76 29.99 -33.66
C GLY A 4 13.12 31.16 -32.94
N SER A 5 12.36 30.85 -31.89
CA SER A 5 11.68 31.90 -31.11
C SER A 5 11.57 31.49 -29.65
N SER A 6 11.64 32.48 -28.75
CA SER A 6 11.56 32.22 -27.33
C SER A 6 10.16 32.56 -26.80
N GLY A 7 9.47 31.54 -26.29
CA GLY A 7 8.14 31.74 -25.76
C GLY A 7 7.06 31.44 -26.78
N SER A 8 5.88 31.04 -26.29
CA SER A 8 4.77 30.71 -27.17
C SER A 8 5.23 29.84 -28.33
N LYS A 9 4.33 29.60 -29.28
CA LYS A 9 4.64 28.79 -30.45
C LYS A 9 4.28 29.52 -31.73
N ASN A 10 3.91 30.79 -31.60
CA ASN A 10 3.55 31.61 -32.76
C ASN A 10 3.61 33.10 -32.41
N GLU A 11 3.27 33.94 -33.39
CA GLU A 11 3.28 35.38 -33.18
C GLU A 11 4.50 35.80 -32.37
N LYS A 12 4.38 36.95 -31.72
CA LYS A 12 5.48 37.47 -30.89
C LYS A 12 5.06 37.59 -29.44
N GLU A 13 6.01 37.93 -28.57
CA GLU A 13 5.74 38.09 -27.15
C GLU A 13 4.85 36.94 -26.65
N GLN A 14 4.36 37.10 -25.42
CA GLN A 14 3.50 36.08 -24.82
C GLN A 14 4.23 34.75 -24.71
N LEU A 15 3.98 34.03 -23.62
CA LEU A 15 4.62 32.73 -23.40
C LEU A 15 3.79 31.88 -22.43
N SER A 16 4.19 30.63 -22.27
CA SER A 16 3.49 29.71 -21.38
C SER A 16 3.65 30.14 -19.92
N LYS A 17 3.13 29.33 -19.01
CA LYS A 17 3.21 29.62 -17.58
C LYS A 17 4.44 28.96 -16.96
N ALA A 18 4.92 29.53 -15.85
CA ALA A 18 6.08 28.99 -15.16
C ALA A 18 5.74 28.63 -13.72
N LYS A 19 4.56 28.04 -13.52
CA LYS A 19 4.11 27.66 -12.19
C LYS A 19 4.83 26.37 -11.74
N ALA A 20 4.64 26.01 -10.47
CA ALA A 20 5.25 24.82 -9.92
C ALA A 20 5.10 23.64 -10.87
N SER A 21 6.04 22.71 -10.80
CA SER A 21 6.02 21.52 -11.65
C SER A 21 5.68 20.27 -10.86
N VAL A 22 4.69 20.39 -9.99
CA VAL A 22 4.26 19.26 -9.15
C VAL A 22 3.56 18.20 -9.98
N SER A 23 3.63 16.96 -9.53
CA SER A 23 3.00 15.84 -10.22
C SER A 23 3.37 14.51 -9.58
N SER A 24 2.86 14.28 -8.37
CA SER A 24 3.14 13.05 -7.65
C SER A 24 2.39 13.02 -6.32
N LEU A 25 1.16 13.54 -6.33
CA LEU A 25 0.33 13.58 -5.13
C LEU A 25 0.43 12.27 -4.36
N ASN A 26 0.36 12.35 -3.03
CA ASN A 26 0.44 11.17 -2.19
C ASN A 26 -0.79 11.06 -1.29
N LYS A 27 -1.64 10.09 -1.56
CA LYS A 27 -2.85 9.87 -0.79
C LYS A 27 -2.60 8.89 0.36
N VAL A 28 -3.10 9.22 1.54
CA VAL A 28 -2.93 8.37 2.71
C VAL A 28 -4.15 7.47 2.92
N ILE A 29 -3.91 6.16 2.94
CA ILE A 29 -4.98 5.19 3.14
C ILE A 29 -5.08 4.76 4.59
N GLN A 30 -6.30 4.53 5.06
CA GLN A 30 -6.52 4.10 6.43
C GLN A 30 -7.87 3.39 6.58
N THR A 31 -7.82 2.14 7.02
CA THR A 31 -9.04 1.35 7.20
C THR A 31 -8.92 0.42 8.40
N LYS A 32 -10.07 0.05 8.96
CA LYS A 32 -10.09 -0.83 10.13
C LYS A 32 -10.39 -2.26 9.71
N LEU A 33 -9.44 -3.15 9.97
CA LEU A 33 -9.60 -4.56 9.62
C LEU A 33 -10.15 -5.35 10.81
N THR A 34 -10.65 -6.55 10.53
CA THR A 34 -11.20 -7.42 11.57
C THR A 34 -10.29 -8.60 11.84
N VAL A 35 -9.46 -8.47 12.88
CA VAL A 35 -8.55 -9.54 13.25
C VAL A 35 -9.27 -10.88 13.38
N GLY A 36 -8.73 -11.90 12.72
CA GLY A 36 -9.34 -13.22 12.78
C GLY A 36 -8.66 -14.13 13.78
N ASN A 37 -8.86 -15.44 13.62
CA ASN A 37 -8.27 -16.41 14.52
C ASN A 37 -6.79 -16.60 14.22
N LEU A 38 -6.43 -16.50 12.95
CA LEU A 38 -5.04 -16.67 12.53
C LEU A 38 -4.33 -15.32 12.48
N GLY A 39 -5.07 -14.25 12.75
CA GLY A 39 -4.49 -12.92 12.73
C GLY A 39 -3.91 -12.55 11.37
N LEU A 40 -4.10 -11.31 10.98
CA LEU A 40 -3.60 -10.82 9.70
C LEU A 40 -2.16 -11.28 9.47
N GLY A 41 -2.00 -12.33 8.67
CA GLY A 41 -0.66 -12.84 8.39
C GLY A 41 -0.03 -12.18 7.18
N LEU A 42 -0.51 -10.99 6.84
CA LEU A 42 0.02 -10.25 5.70
C LEU A 42 1.48 -10.60 5.44
N VAL A 43 1.79 -10.95 4.19
CA VAL A 43 3.14 -11.32 3.81
C VAL A 43 3.98 -10.08 3.50
N VAL A 44 4.31 -9.32 4.54
CA VAL A 44 5.11 -8.11 4.37
C VAL A 44 6.58 -8.43 4.30
N ILE A 45 7.33 -7.63 3.53
CA ILE A 45 8.76 -7.84 3.37
C ILE A 45 9.55 -6.68 3.98
N GLN A 46 10.84 -6.90 4.20
CA GLN A 46 11.70 -5.87 4.78
C GLN A 46 12.29 -4.98 3.68
N ASN A 47 11.58 -3.91 3.36
CA ASN A 47 12.03 -2.97 2.33
C ASN A 47 12.25 -1.59 2.92
N GLY A 48 13.48 -1.10 2.84
CA GLY A 48 13.80 0.21 3.38
C GLY A 48 13.52 0.33 4.86
N PRO A 49 13.60 1.56 5.39
CA PRO A 49 13.35 1.83 6.81
C PRO A 49 11.88 1.65 7.18
N TYR A 50 11.07 1.24 6.21
CA TYR A 50 9.65 1.04 6.44
C TYR A 50 9.24 -0.40 6.12
N LEU A 51 7.94 -0.63 6.04
CA LEU A 51 7.42 -1.96 5.74
C LEU A 51 6.32 -1.88 4.68
N GLN A 52 6.57 -2.50 3.53
CA GLN A 52 5.61 -2.49 2.43
C GLN A 52 4.90 -3.85 2.34
N ILE A 53 3.58 -3.80 2.34
CA ILE A 53 2.77 -5.02 2.25
C ILE A 53 3.01 -5.74 0.93
N SER A 54 3.93 -6.69 0.93
CA SER A 54 4.25 -7.44 -0.28
C SER A 54 3.05 -8.27 -0.73
N HIS A 55 2.28 -8.77 0.23
CA HIS A 55 1.11 -9.58 -0.07
C HIS A 55 0.23 -9.73 1.17
N LEU A 56 -1.07 -9.92 0.96
CA LEU A 56 -2.02 -10.07 2.04
C LEU A 56 -2.54 -11.50 2.11
N ILE A 57 -2.60 -12.04 3.33
CA ILE A 57 -3.08 -13.41 3.53
C ILE A 57 -4.56 -13.53 3.18
N ASN A 58 -4.85 -14.09 2.00
CA ASN A 58 -6.22 -14.26 1.55
C ASN A 58 -7.14 -14.58 2.72
N LYS A 59 -6.73 -15.54 3.54
CA LYS A 59 -7.52 -15.95 4.70
C LYS A 59 -7.17 -15.10 5.91
N GLY A 60 -7.12 -13.79 5.72
CA GLY A 60 -6.80 -12.89 6.81
C GLY A 60 -7.79 -11.73 6.92
N ALA A 61 -7.34 -10.64 7.53
CA ALA A 61 -8.18 -9.46 7.69
C ALA A 61 -7.96 -8.46 6.56
N ALA A 62 -6.70 -8.09 6.35
CA ALA A 62 -6.35 -7.14 5.31
C ALA A 62 -6.80 -7.64 3.94
N ALA A 63 -6.51 -8.90 3.65
CA ALA A 63 -6.89 -9.50 2.37
C ALA A 63 -8.41 -9.43 2.17
N SER A 64 -9.15 -9.49 3.27
CA SER A 64 -10.61 -9.45 3.21
C SER A 64 -11.10 -8.01 3.19
N ASP A 65 -10.17 -7.06 3.19
CA ASP A 65 -10.50 -5.65 3.18
C ASP A 65 -10.19 -5.02 1.82
N GLY A 66 -11.22 -4.55 1.13
CA GLY A 66 -11.04 -3.94 -0.17
C GLY A 66 -10.58 -2.50 -0.08
N ILE A 67 -9.67 -2.24 0.86
CA ILE A 67 -9.14 -0.89 1.05
C ILE A 67 -7.62 -0.89 1.06
N LEU A 68 -7.04 -1.79 1.84
CA LEU A 68 -5.58 -1.90 1.95
C LEU A 68 -5.03 -2.79 0.84
N GLN A 69 -4.12 -2.25 0.04
CA GLN A 69 -3.50 -3.01 -1.04
C GLN A 69 -2.08 -3.42 -0.69
N PRO A 70 -1.62 -4.53 -1.27
CA PRO A 70 -0.27 -5.05 -1.03
C PRO A 70 0.81 -4.17 -1.65
N GLY A 71 1.20 -3.12 -0.93
CA GLY A 71 2.22 -2.23 -1.42
C GLY A 71 2.13 -0.85 -0.79
N ASP A 72 1.71 -0.80 0.46
CA ASP A 72 1.58 0.47 1.18
C ASP A 72 2.58 0.54 2.33
N VAL A 73 2.93 1.77 2.73
CA VAL A 73 3.87 1.98 3.81
C VAL A 73 3.15 2.34 5.11
N LEU A 74 3.04 1.36 6.00
CA LEU A 74 2.38 1.57 7.28
C LEU A 74 3.07 2.67 8.09
N ILE A 75 2.29 3.35 8.94
CA ILE A 75 2.84 4.42 9.77
C ILE A 75 2.26 4.37 11.18
N SER A 76 1.61 3.25 11.50
CA SER A 76 1.01 3.09 12.83
C SER A 76 -0.06 1.99 12.80
N VAL A 77 0.39 0.74 12.75
CA VAL A 77 -0.53 -0.39 12.72
C VAL A 77 -0.92 -0.82 14.13
N GLY A 78 -2.14 -0.49 14.52
CA GLY A 78 -2.62 -0.85 15.84
C GLY A 78 -2.14 0.11 16.91
N HIS A 79 -2.25 1.41 16.64
CA HIS A 79 -1.81 2.43 17.58
C HIS A 79 -0.33 2.27 17.92
N ALA A 80 0.39 1.55 17.06
CA ALA A 80 1.81 1.33 17.26
C ALA A 80 2.62 1.84 16.07
N ASN A 81 3.12 3.06 16.19
CA ASN A 81 3.91 3.67 15.13
C ASN A 81 4.95 2.68 14.60
N VAL A 82 4.61 2.00 13.52
CA VAL A 82 5.52 1.03 12.91
C VAL A 82 6.37 1.68 11.82
N LEU A 83 6.37 3.01 11.80
CA LEU A 83 7.16 3.75 10.82
C LEU A 83 8.55 3.16 10.67
N GLY A 84 9.29 3.10 11.76
CA GLY A 84 10.63 2.55 11.74
C GLY A 84 10.68 1.10 12.20
N TYR A 85 9.55 0.41 12.09
CA TYR A 85 9.46 -0.98 12.50
C TYR A 85 9.92 -1.91 11.37
N THR A 86 10.60 -2.99 11.75
CA THR A 86 11.10 -3.95 10.78
C THR A 86 10.22 -5.20 10.74
N LEU A 87 10.42 -6.03 9.72
CA LEU A 87 9.64 -7.26 9.58
C LEU A 87 9.64 -8.06 10.88
N ARG A 88 10.59 -7.75 11.76
CA ARG A 88 10.70 -8.44 13.03
C ARG A 88 9.78 -7.81 14.07
N GLU A 89 10.07 -6.57 14.44
CA GLU A 89 9.28 -5.86 15.43
C GLU A 89 7.83 -5.70 14.96
N PHE A 90 7.63 -5.84 13.65
CA PHE A 90 6.30 -5.71 13.06
C PHE A 90 5.51 -6.99 13.25
N LEU A 91 6.00 -8.07 12.63
CA LEU A 91 5.33 -9.37 12.72
C LEU A 91 5.21 -9.82 14.18
N LYS A 92 6.23 -9.53 14.97
CA LYS A 92 6.24 -9.90 16.37
C LYS A 92 5.23 -9.09 17.16
N LEU A 93 4.95 -7.88 16.69
CA LEU A 93 3.99 -7.00 17.35
C LEU A 93 2.56 -7.45 17.07
N LEU A 94 2.20 -7.50 15.79
CA LEU A 94 0.86 -7.91 15.38
C LEU A 94 0.50 -9.26 16.00
N GLN A 95 1.52 -10.10 16.23
CA GLN A 95 1.30 -11.41 16.82
C GLN A 95 0.69 -11.30 18.20
N ASN A 96 0.63 -10.07 18.71
CA ASN A 96 0.07 -9.82 20.05
C ASN A 96 -1.38 -9.36 19.95
N ILE A 97 -1.88 -9.23 18.72
CA ILE A 97 -3.26 -8.81 18.50
C ILE A 97 -4.23 -9.93 18.81
N THR A 98 -5.33 -9.57 19.47
CA THR A 98 -6.36 -10.55 19.83
C THR A 98 -7.46 -10.61 18.77
N ILE A 99 -8.24 -11.68 18.81
CA ILE A 99 -9.33 -11.86 17.87
C ILE A 99 -10.41 -10.80 18.05
N GLY A 100 -10.98 -10.33 16.94
CA GLY A 100 -12.01 -9.32 17.01
C GLY A 100 -11.51 -8.00 17.56
N THR A 101 -10.43 -7.49 16.98
CA THR A 101 -9.84 -6.24 17.42
C THR A 101 -9.88 -5.20 16.30
N VAL A 102 -10.40 -4.01 16.62
CA VAL A 102 -10.49 -2.93 15.66
C VAL A 102 -9.26 -2.03 15.71
N LEU A 103 -8.40 -2.15 14.70
CA LEU A 103 -7.18 -1.35 14.65
C LEU A 103 -7.19 -0.43 13.43
N GLN A 104 -6.50 0.71 13.54
CA GLN A 104 -6.43 1.66 12.44
C GLN A 104 -5.12 1.52 11.69
N ILE A 105 -5.17 0.88 10.53
CA ILE A 105 -3.98 0.69 9.71
C ILE A 105 -3.80 1.83 8.72
N LYS A 106 -2.86 2.73 9.04
CA LYS A 106 -2.59 3.88 8.17
C LYS A 106 -1.33 3.64 7.34
N ALA A 107 -1.51 3.47 6.03
CA ALA A 107 -0.40 3.23 5.13
C ALA A 107 -0.47 4.17 3.93
N TYR A 108 0.69 4.45 3.33
CA TYR A 108 0.76 5.34 2.18
C TYR A 108 0.60 4.56 0.89
N ARG A 109 -0.06 5.17 -0.09
CA ARG A 109 -0.29 4.53 -1.38
C ARG A 109 0.44 5.27 -2.49
N GLY A 110 1.62 5.80 -2.17
CA GLY A 110 2.40 6.53 -3.14
C GLY A 110 3.67 7.13 -2.55
N PHE A 111 4.30 6.38 -1.65
CA PHE A 111 5.53 6.85 -1.00
C PHE A 111 6.71 5.98 -1.40
N LEU A 112 6.62 4.69 -1.11
CA LEU A 112 7.69 3.76 -1.44
C LEU A 112 7.34 2.94 -2.69
N GLU A 113 8.17 3.07 -3.72
CA GLU A 113 7.95 2.35 -4.97
C GLU A 113 8.05 0.84 -4.76
N ILE A 114 7.23 0.09 -5.49
CA ILE A 114 7.22 -1.36 -5.38
C ILE A 114 8.27 -1.99 -6.29
N PRO A 115 9.04 -2.93 -5.73
CA PRO A 115 10.09 -3.64 -6.48
C PRO A 115 9.53 -4.57 -7.54
N GLN A 116 9.59 -4.14 -8.79
CA GLN A 116 9.09 -4.95 -9.90
C GLN A 116 9.38 -6.42 -9.68
N GLU A 117 10.67 -6.76 -9.56
CA GLU A 117 11.08 -8.14 -9.36
C GLU A 117 10.02 -8.91 -8.58
N TRP A 118 9.41 -8.25 -7.61
CA TRP A 118 8.38 -8.88 -6.79
C TRP A 118 7.08 -9.02 -7.57
N GLN A 119 6.48 -7.88 -7.93
CA GLN A 119 5.23 -7.89 -8.68
C GLN A 119 5.15 -9.10 -9.60
N ASP A 120 4.28 -10.04 -9.25
CA ASP A 120 4.09 -11.25 -10.05
C ASP A 120 3.89 -10.90 -11.52
N SER A 121 2.76 -10.27 -11.82
CA SER A 121 2.44 -9.89 -13.19
C SER A 121 2.72 -8.41 -13.42
N GLY A 122 2.08 -7.55 -12.64
CA GLY A 122 2.27 -6.13 -12.77
C GLY A 122 1.61 -5.57 -14.01
N PRO A 123 2.13 -4.43 -14.51
CA PRO A 123 1.60 -3.78 -15.70
C PRO A 123 1.87 -4.58 -16.97
N SER A 124 1.11 -4.29 -18.02
CA SER A 124 1.26 -4.98 -19.30
C SER A 124 2.48 -4.46 -20.05
N SER A 125 2.84 -5.15 -21.13
CA SER A 125 3.98 -4.77 -21.94
C SER A 125 3.66 -4.84 -23.43
N GLY A 126 4.08 -3.81 -24.17
CA GLY A 126 3.81 -3.78 -25.60
C GLY A 126 2.50 -3.10 -25.93
N GLY A 1 1.94 57.41 -30.65
CA GLY A 1 2.47 57.25 -29.30
C GLY A 1 3.57 56.22 -29.23
N SER A 2 4.29 56.21 -28.11
CA SER A 2 5.39 55.27 -27.92
C SER A 2 5.93 55.35 -26.49
N SER A 3 6.80 54.41 -26.13
CA SER A 3 7.39 54.38 -24.81
C SER A 3 8.39 53.23 -24.68
N GLY A 4 9.05 53.15 -23.53
CA GLY A 4 10.02 52.10 -23.30
C GLY A 4 10.23 51.80 -21.84
N SER A 5 10.51 50.54 -21.52
CA SER A 5 10.74 50.14 -20.14
C SER A 5 11.24 48.69 -20.07
N SER A 6 11.21 48.12 -18.87
CA SER A 6 11.66 46.75 -18.67
C SER A 6 11.50 46.33 -17.21
N GLY A 7 11.07 45.08 -17.01
CA GLY A 7 10.88 44.58 -15.66
C GLY A 7 9.49 44.85 -15.14
N SER A 8 9.16 44.27 -14.00
CA SER A 8 7.85 44.44 -13.38
C SER A 8 7.39 45.89 -13.50
N LYS A 9 6.34 46.12 -14.28
CA LYS A 9 5.81 47.47 -14.46
C LYS A 9 4.38 47.42 -15.02
N ASN A 10 3.93 48.54 -15.58
CA ASN A 10 2.60 48.62 -16.15
C ASN A 10 2.64 48.55 -17.67
N GLU A 11 3.74 48.01 -18.20
CA GLU A 11 3.91 47.90 -19.64
C GLU A 11 4.22 46.45 -20.04
N LYS A 12 5.03 46.29 -21.07
CA LYS A 12 5.41 44.96 -21.55
C LYS A 12 5.55 43.98 -20.39
N GLU A 13 5.12 42.74 -20.60
CA GLU A 13 5.20 41.72 -19.58
C GLU A 13 6.60 41.12 -19.51
N GLN A 14 7.39 41.57 -18.53
CA GLN A 14 8.75 41.08 -18.35
C GLN A 14 9.03 40.77 -16.89
N LEU A 15 8.00 40.82 -16.06
CA LEU A 15 8.13 40.56 -14.64
C LEU A 15 8.71 39.15 -14.40
N SER A 16 8.75 38.74 -13.14
CA SER A 16 9.28 37.43 -12.78
C SER A 16 8.20 36.36 -12.95
N LYS A 17 8.57 35.13 -12.62
CA LYS A 17 7.64 34.01 -12.73
C LYS A 17 6.72 33.93 -11.52
N ALA A 18 5.57 33.28 -11.68
CA ALA A 18 4.61 33.14 -10.59
C ALA A 18 3.73 31.92 -10.80
N LYS A 19 4.36 30.75 -10.94
CA LYS A 19 3.64 29.50 -11.14
C LYS A 19 2.97 29.05 -9.84
N ALA A 20 2.42 27.84 -9.86
CA ALA A 20 1.75 27.29 -8.69
C ALA A 20 2.76 26.87 -7.63
N SER A 21 2.28 26.69 -6.40
CA SER A 21 3.15 26.29 -5.29
C SER A 21 2.54 25.12 -4.53
N VAL A 22 2.09 24.11 -5.26
CA VAL A 22 1.49 22.93 -4.64
C VAL A 22 2.53 22.10 -3.91
N SER A 23 2.08 21.37 -2.89
CA SER A 23 2.98 20.54 -2.10
C SER A 23 2.67 19.06 -2.31
N SER A 24 2.42 18.68 -3.56
CA SER A 24 2.10 17.29 -3.89
C SER A 24 1.06 16.73 -2.93
N LEU A 25 -0.20 16.79 -3.34
CA LEU A 25 -1.30 16.28 -2.52
C LEU A 25 -1.47 14.78 -2.71
N ASN A 26 -1.00 14.00 -1.73
CA ASN A 26 -1.10 12.55 -1.78
C ASN A 26 -1.98 12.03 -0.65
N LYS A 27 -3.19 11.59 -0.99
CA LYS A 27 -4.12 11.07 0.00
C LYS A 27 -3.67 9.70 0.50
N VAL A 28 -3.41 9.59 1.80
CA VAL A 28 -2.96 8.34 2.39
C VAL A 28 -4.13 7.38 2.56
N ILE A 29 -3.83 6.13 2.92
CA ILE A 29 -4.85 5.12 3.12
C ILE A 29 -5.02 4.78 4.59
N GLN A 30 -6.26 4.53 5.00
CA GLN A 30 -6.55 4.20 6.39
C GLN A 30 -7.87 3.44 6.50
N THR A 31 -7.81 2.22 7.01
CA THR A 31 -9.00 1.39 7.17
C THR A 31 -8.90 0.52 8.42
N LYS A 32 -10.06 0.11 8.94
CA LYS A 32 -10.11 -0.71 10.13
C LYS A 32 -10.31 -2.19 9.76
N LEU A 33 -9.29 -2.99 10.00
CA LEU A 33 -9.36 -4.42 9.70
C LEU A 33 -9.90 -5.20 10.89
N THR A 34 -10.68 -6.25 10.60
CA THR A 34 -11.26 -7.08 11.65
C THR A 34 -10.38 -8.29 11.92
N VAL A 35 -9.49 -8.17 12.90
CA VAL A 35 -8.60 -9.26 13.27
C VAL A 35 -9.33 -10.60 13.25
N GLY A 36 -8.77 -11.57 12.54
CA GLY A 36 -9.38 -12.88 12.46
C GLY A 36 -8.69 -13.90 13.36
N ASN A 37 -9.27 -15.09 13.44
CA ASN A 37 -8.71 -16.16 14.27
C ASN A 37 -7.19 -16.17 14.18
N LEU A 38 -6.67 -16.01 12.97
CA LEU A 38 -5.23 -16.00 12.75
C LEU A 38 -4.70 -14.57 12.68
N GLY A 39 -5.60 -13.62 12.47
CA GLY A 39 -5.21 -12.22 12.39
C GLY A 39 -4.49 -11.90 11.09
N LEU A 40 -4.62 -10.65 10.64
CA LEU A 40 -3.99 -10.21 9.40
C LEU A 40 -2.54 -10.69 9.34
N GLY A 41 -2.31 -11.74 8.55
CA GLY A 41 -0.96 -12.28 8.42
C GLY A 41 -0.27 -11.80 7.15
N LEU A 42 -0.83 -10.76 6.53
CA LEU A 42 -0.27 -10.22 5.30
C LEU A 42 1.24 -10.49 5.23
N VAL A 43 1.67 -11.05 4.11
CA VAL A 43 3.08 -11.36 3.91
C VAL A 43 3.87 -10.11 3.53
N VAL A 44 4.18 -9.29 4.52
CA VAL A 44 4.93 -8.06 4.29
C VAL A 44 6.44 -8.33 4.24
N ILE A 45 7.18 -7.40 3.64
CA ILE A 45 8.62 -7.54 3.53
C ILE A 45 9.34 -6.32 4.09
N GLN A 46 10.67 -6.36 4.05
CA GLN A 46 11.47 -5.25 4.55
C GLN A 46 12.00 -4.39 3.41
N ASN A 47 11.25 -3.35 3.06
CA ASN A 47 11.64 -2.45 1.98
C ASN A 47 11.88 -1.04 2.51
N GLY A 48 13.14 -0.62 2.52
CA GLY A 48 13.49 0.70 3.00
C GLY A 48 13.33 0.83 4.50
N PRO A 49 13.35 2.08 4.99
CA PRO A 49 13.21 2.37 6.42
C PRO A 49 11.81 2.09 6.94
N TYR A 50 10.94 1.60 6.05
CA TYR A 50 9.57 1.29 6.41
C TYR A 50 9.15 -0.07 5.87
N LEU A 51 8.05 -0.60 6.40
CA LEU A 51 7.55 -1.89 5.96
C LEU A 51 6.51 -1.74 4.86
N GLN A 52 6.57 -2.62 3.87
CA GLN A 52 5.64 -2.57 2.75
C GLN A 52 5.06 -3.96 2.47
N ILE A 53 3.74 -4.07 2.59
CA ILE A 53 3.07 -5.34 2.35
C ILE A 53 3.28 -5.83 0.92
N SER A 54 3.74 -7.06 0.78
CA SER A 54 4.00 -7.64 -0.54
C SER A 54 2.85 -8.54 -0.96
N HIS A 55 2.30 -9.28 0.00
CA HIS A 55 1.19 -10.19 -0.28
C HIS A 55 0.24 -10.26 0.91
N LEU A 56 -1.05 -10.44 0.63
CA LEU A 56 -2.05 -10.53 1.67
C LEU A 56 -2.42 -11.98 1.97
N ILE A 57 -2.72 -12.27 3.23
CA ILE A 57 -3.09 -13.62 3.63
C ILE A 57 -4.56 -13.89 3.36
N ASN A 58 -4.85 -14.61 2.28
CA ASN A 58 -6.22 -14.94 1.91
C ASN A 58 -7.07 -15.17 3.16
N LYS A 59 -6.59 -16.03 4.05
CA LYS A 59 -7.31 -16.33 5.29
C LYS A 59 -6.94 -15.34 6.39
N GLY A 60 -6.92 -14.06 6.05
CA GLY A 60 -6.58 -13.04 7.02
C GLY A 60 -7.53 -11.86 6.99
N ALA A 61 -7.22 -10.82 7.75
CA ALA A 61 -8.06 -9.63 7.80
C ALA A 61 -7.72 -8.67 6.66
N ALA A 62 -6.44 -8.33 6.55
CA ALA A 62 -5.98 -7.42 5.50
C ALA A 62 -6.35 -7.94 4.12
N ALA A 63 -6.07 -9.22 3.87
CA ALA A 63 -6.38 -9.83 2.59
C ALA A 63 -7.88 -9.79 2.30
N SER A 64 -8.66 -9.45 3.33
CA SER A 64 -10.11 -9.37 3.18
C SER A 64 -10.58 -7.92 3.14
N ASP A 65 -9.62 -7.00 3.08
CA ASP A 65 -9.93 -5.57 3.04
C ASP A 65 -9.59 -4.98 1.67
N GLY A 66 -10.60 -4.48 0.98
CA GLY A 66 -10.39 -3.89 -0.33
C GLY A 66 -9.69 -2.54 -0.25
N ILE A 67 -9.38 -2.11 0.96
CA ILE A 67 -8.71 -0.83 1.17
C ILE A 67 -7.20 -1.01 1.22
N LEU A 68 -6.74 -1.89 2.10
CA LEU A 68 -5.32 -2.15 2.26
C LEU A 68 -4.84 -3.15 1.21
N GLN A 69 -3.91 -2.72 0.36
CA GLN A 69 -3.35 -3.57 -0.68
C GLN A 69 -1.89 -3.89 -0.41
N PRO A 70 -1.41 -5.01 -0.96
CA PRO A 70 -0.03 -5.45 -0.79
C PRO A 70 0.96 -4.56 -1.55
N GLY A 71 1.30 -3.42 -0.95
CA GLY A 71 2.22 -2.49 -1.58
C GLY A 71 2.13 -1.10 -1.01
N ASP A 72 1.81 -1.01 0.28
CA ASP A 72 1.68 0.29 0.95
C ASP A 72 2.79 0.47 1.97
N VAL A 73 2.65 1.49 2.81
CA VAL A 73 3.65 1.78 3.84
C VAL A 73 2.97 2.17 5.16
N LEU A 74 2.73 1.17 6.00
CA LEU A 74 2.09 1.40 7.29
C LEU A 74 2.81 2.51 8.06
N ILE A 75 2.05 3.24 8.88
CA ILE A 75 2.63 4.32 9.67
C ILE A 75 2.05 4.33 11.09
N SER A 76 1.44 3.21 11.48
CA SER A 76 0.84 3.08 12.80
C SER A 76 -0.19 1.96 12.83
N VAL A 77 0.29 0.72 12.85
CA VAL A 77 -0.59 -0.43 12.88
C VAL A 77 -1.01 -0.78 14.31
N GLY A 78 -2.20 -0.34 14.69
CA GLY A 78 -2.69 -0.62 16.03
C GLY A 78 -2.08 0.31 17.07
N HIS A 79 -2.29 1.60 16.90
CA HIS A 79 -1.77 2.59 17.82
C HIS A 79 -0.28 2.36 18.08
N ALA A 80 0.36 1.60 17.19
CA ALA A 80 1.77 1.29 17.33
C ALA A 80 2.56 1.79 16.13
N ASN A 81 3.20 2.95 16.28
CA ASN A 81 3.99 3.53 15.20
C ASN A 81 4.96 2.50 14.61
N VAL A 82 4.55 1.88 13.51
CA VAL A 82 5.38 0.87 12.85
C VAL A 82 6.22 1.51 11.74
N LEU A 83 6.35 2.82 11.78
CA LEU A 83 7.13 3.54 10.77
C LEU A 83 8.49 2.90 10.58
N GLY A 84 9.27 2.81 11.66
CA GLY A 84 10.58 2.21 11.58
C GLY A 84 10.59 0.76 12.00
N TYR A 85 9.40 0.21 12.24
CA TYR A 85 9.27 -1.18 12.66
C TYR A 85 9.82 -2.13 11.59
N THR A 86 10.68 -3.05 12.01
CA THR A 86 11.27 -4.01 11.09
C THR A 86 10.35 -5.21 10.88
N LEU A 87 10.78 -6.13 10.02
CA LEU A 87 9.99 -7.32 9.73
C LEU A 87 9.85 -8.21 10.96
N ARG A 88 10.91 -8.26 11.77
CA ARG A 88 10.92 -9.06 12.98
C ARG A 88 10.09 -8.39 14.08
N GLU A 89 10.30 -7.09 14.26
CA GLU A 89 9.58 -6.33 15.28
C GLU A 89 8.12 -6.16 14.89
N PHE A 90 7.84 -6.23 13.59
CA PHE A 90 6.48 -6.07 13.09
C PHE A 90 5.66 -7.34 13.34
N LEU A 91 6.06 -8.43 12.70
CA LEU A 91 5.36 -9.71 12.85
C LEU A 91 5.10 -10.00 14.33
N LYS A 92 6.06 -9.65 15.19
CA LYS A 92 5.92 -9.89 16.62
C LYS A 92 4.86 -8.98 17.21
N LEU A 93 4.67 -7.81 16.61
CA LEU A 93 3.68 -6.85 17.08
C LEU A 93 2.26 -7.38 16.84
N LEU A 94 1.91 -7.60 15.58
CA LEU A 94 0.59 -8.11 15.23
C LEU A 94 0.28 -9.40 15.99
N GLN A 95 1.31 -10.18 16.27
CA GLN A 95 1.15 -11.43 16.99
C GLN A 95 0.62 -11.18 18.39
N ASN A 96 0.67 -9.93 18.83
CA ASN A 96 0.21 -9.56 20.16
C ASN A 96 -1.24 -9.06 20.12
N ILE A 97 -1.82 -9.07 18.92
CA ILE A 97 -3.19 -8.63 18.73
C ILE A 97 -4.18 -9.75 19.04
N THR A 98 -5.34 -9.38 19.56
CA THR A 98 -6.37 -10.36 19.90
C THR A 98 -7.45 -10.42 18.83
N ILE A 99 -8.07 -11.58 18.69
CA ILE A 99 -9.13 -11.77 17.70
C ILE A 99 -10.29 -10.81 17.96
N GLY A 100 -10.88 -10.31 16.88
CA GLY A 100 -12.00 -9.39 17.01
C GLY A 100 -11.59 -8.05 17.59
N THR A 101 -10.53 -7.46 17.03
CA THR A 101 -10.04 -6.18 17.50
C THR A 101 -10.03 -5.14 16.37
N VAL A 102 -10.44 -3.91 16.71
CA VAL A 102 -10.47 -2.84 15.72
C VAL A 102 -9.23 -1.96 15.83
N LEU A 103 -8.51 -1.84 14.71
CA LEU A 103 -7.29 -1.02 14.67
C LEU A 103 -7.27 -0.14 13.43
N GLN A 104 -6.59 0.99 13.52
CA GLN A 104 -6.48 1.92 12.40
C GLN A 104 -5.15 1.75 11.68
N ILE A 105 -5.18 1.05 10.55
CA ILE A 105 -3.98 0.83 9.77
C ILE A 105 -3.79 1.91 8.71
N LYS A 106 -2.94 2.88 9.02
CA LYS A 106 -2.66 3.99 8.10
C LYS A 106 -1.39 3.72 7.30
N ALA A 107 -1.49 3.78 5.97
CA ALA A 107 -0.35 3.55 5.11
C ALA A 107 -0.32 4.56 3.96
N TYR A 108 0.83 4.70 3.32
CA TYR A 108 0.99 5.63 2.22
C TYR A 108 0.88 4.91 0.88
N ARG A 109 0.42 5.62 -0.14
CA ARG A 109 0.26 5.06 -1.47
C ARG A 109 1.29 5.64 -2.44
N GLY A 110 1.94 6.71 -2.01
CA GLY A 110 2.95 7.35 -2.85
C GLY A 110 4.33 7.29 -2.24
N PHE A 111 4.41 7.44 -0.93
CA PHE A 111 5.70 7.40 -0.24
C PHE A 111 6.65 6.42 -0.91
N LEU A 112 6.39 5.13 -0.72
CA LEU A 112 7.23 4.10 -1.32
C LEU A 112 6.51 3.41 -2.47
N GLU A 113 7.28 2.75 -3.33
CA GLU A 113 6.72 2.05 -4.47
C GLU A 113 7.07 0.56 -4.43
N ILE A 114 6.38 -0.22 -5.26
CA ILE A 114 6.62 -1.66 -5.32
C ILE A 114 7.84 -1.99 -6.18
N PRO A 115 8.71 -2.87 -5.66
CA PRO A 115 9.92 -3.28 -6.36
C PRO A 115 9.62 -4.15 -7.58
N GLN A 116 10.11 -3.72 -8.74
CA GLN A 116 9.89 -4.46 -9.98
C GLN A 116 10.51 -5.85 -9.90
N GLU A 117 11.77 -5.92 -9.46
CA GLU A 117 12.46 -7.19 -9.35
C GLU A 117 11.56 -8.25 -8.70
N TRP A 118 10.81 -7.85 -7.69
CA TRP A 118 9.91 -8.75 -6.99
C TRP A 118 8.93 -9.40 -7.96
N GLN A 119 8.11 -8.59 -8.61
CA GLN A 119 7.13 -9.08 -9.57
C GLN A 119 7.79 -10.01 -10.59
N ASP A 120 7.10 -11.09 -10.93
CA ASP A 120 7.62 -12.05 -11.90
C ASP A 120 7.78 -11.41 -13.27
N SER A 121 6.67 -10.96 -13.85
CA SER A 121 6.70 -10.33 -15.16
C SER A 121 6.00 -8.98 -15.12
N GLY A 122 6.50 -8.04 -15.94
CA GLY A 122 5.90 -6.72 -15.98
C GLY A 122 5.58 -6.27 -17.40
N PRO A 123 4.52 -5.47 -17.55
CA PRO A 123 4.09 -4.96 -18.85
C PRO A 123 5.07 -3.94 -19.43
N SER A 124 6.14 -3.69 -18.70
CA SER A 124 7.15 -2.72 -19.13
C SER A 124 6.57 -1.32 -19.22
N SER A 125 6.56 -0.62 -18.09
CA SER A 125 6.03 0.74 -18.03
C SER A 125 7.03 1.68 -17.37
N GLY A 126 7.69 1.20 -16.32
CA GLY A 126 8.65 2.02 -15.61
C GLY A 126 10.09 1.72 -16.03
N GLY A 1 -18.48 58.58 -25.66
CA GLY A 1 -17.62 57.50 -25.25
C GLY A 1 -18.23 56.63 -24.17
N SER A 2 -17.75 56.80 -22.94
CA SER A 2 -18.25 56.02 -21.81
C SER A 2 -17.80 54.57 -21.90
N SER A 3 -16.98 54.15 -20.95
CA SER A 3 -16.48 52.77 -20.93
C SER A 3 -16.67 52.15 -19.55
N GLY A 4 -16.58 50.82 -19.50
CA GLY A 4 -16.76 50.12 -18.24
C GLY A 4 -15.52 49.33 -17.84
N SER A 5 -15.69 48.02 -17.70
CA SER A 5 -14.59 47.15 -17.33
C SER A 5 -15.03 45.68 -17.28
N SER A 6 -14.14 44.79 -17.69
CA SER A 6 -14.45 43.36 -17.71
C SER A 6 -13.34 42.58 -18.41
N GLY A 7 -13.48 41.26 -18.43
CA GLY A 7 -12.49 40.41 -19.07
C GLY A 7 -12.37 40.68 -20.56
N SER A 8 -12.18 39.63 -21.33
CA SER A 8 -12.03 39.76 -22.79
C SER A 8 -13.17 40.59 -23.36
N LYS A 9 -13.15 40.78 -24.68
CA LYS A 9 -14.18 41.56 -25.36
C LYS A 9 -13.99 43.05 -25.10
N ASN A 10 -13.79 43.81 -26.16
CA ASN A 10 -13.60 45.26 -26.04
C ASN A 10 -12.30 45.58 -25.30
N GLU A 11 -11.29 44.75 -25.51
CA GLU A 11 -10.00 44.95 -24.85
C GLU A 11 -9.03 43.83 -25.23
N LYS A 12 -8.91 43.58 -26.53
CA LYS A 12 -8.00 42.54 -27.02
C LYS A 12 -6.61 42.70 -26.43
N GLU A 13 -6.40 42.13 -25.26
CA GLU A 13 -5.11 42.21 -24.58
C GLU A 13 -5.06 41.27 -23.38
N GLN A 14 -5.88 41.56 -22.37
CA GLN A 14 -5.92 40.74 -21.17
C GLN A 14 -7.26 40.03 -21.04
N LEU A 15 -7.22 38.78 -20.60
CA LEU A 15 -8.43 37.98 -20.44
C LEU A 15 -8.70 37.69 -18.97
N SER A 16 -9.94 37.32 -18.65
CA SER A 16 -10.32 37.01 -17.29
C SER A 16 -9.22 36.23 -16.58
N LYS A 17 -9.23 36.29 -15.25
CA LYS A 17 -8.23 35.60 -14.45
C LYS A 17 -8.29 34.09 -14.69
N ALA A 18 -7.26 33.38 -14.23
CA ALA A 18 -7.20 31.93 -14.39
C ALA A 18 -6.22 31.31 -13.41
N LYS A 19 -6.70 31.07 -12.19
CA LYS A 19 -5.87 30.47 -11.15
C LYS A 19 -6.35 29.07 -10.80
N ALA A 20 -5.53 28.33 -10.07
CA ALA A 20 -5.88 26.97 -9.65
C ALA A 20 -6.03 26.87 -8.14
N SER A 21 -6.69 25.82 -7.69
CA SER A 21 -6.90 25.61 -6.26
C SER A 21 -5.84 24.69 -5.68
N VAL A 22 -4.58 24.96 -6.02
CA VAL A 22 -3.48 24.15 -5.54
C VAL A 22 -3.28 24.32 -4.03
N SER A 23 -2.68 23.32 -3.39
CA SER A 23 -2.44 23.36 -1.95
C SER A 23 -1.94 22.00 -1.46
N SER A 24 -1.11 21.35 -2.26
CA SER A 24 -0.57 20.05 -1.90
C SER A 24 -1.68 19.03 -1.69
N LEU A 25 -1.82 18.11 -2.63
CA LEU A 25 -2.85 17.07 -2.54
C LEU A 25 -2.24 15.72 -2.21
N ASN A 26 -2.23 15.38 -0.92
CA ASN A 26 -1.67 14.12 -0.47
C ASN A 26 -2.71 13.31 0.31
N LYS A 27 -3.18 12.22 -0.30
CA LYS A 27 -4.18 11.37 0.33
C LYS A 27 -3.52 10.19 1.03
N VAL A 28 -4.06 9.80 2.18
CA VAL A 28 -3.52 8.68 2.95
C VAL A 28 -4.56 7.57 3.11
N ILE A 29 -4.09 6.33 3.16
CA ILE A 29 -4.98 5.19 3.32
C ILE A 29 -5.11 4.79 4.78
N GLN A 30 -6.34 4.56 5.22
CA GLN A 30 -6.60 4.17 6.60
C GLN A 30 -7.91 3.38 6.71
N THR A 31 -7.81 2.15 7.19
CA THR A 31 -8.98 1.30 7.35
C THR A 31 -8.86 0.42 8.59
N LYS A 32 -10.01 0.01 9.12
CA LYS A 32 -10.04 -0.83 10.32
C LYS A 32 -10.15 -2.31 9.94
N LEU A 33 -9.09 -3.06 10.20
CA LEU A 33 -9.08 -4.48 9.89
C LEU A 33 -9.57 -5.31 11.08
N THR A 34 -10.45 -6.26 10.81
CA THR A 34 -11.00 -7.12 11.85
C THR A 34 -10.17 -8.37 12.03
N VAL A 35 -9.22 -8.32 12.96
CA VAL A 35 -8.34 -9.45 13.23
C VAL A 35 -9.14 -10.75 13.31
N GLY A 36 -8.60 -11.81 12.72
CA GLY A 36 -9.28 -13.10 12.75
C GLY A 36 -8.60 -14.09 13.67
N ASN A 37 -9.16 -15.29 13.77
CA ASN A 37 -8.61 -16.33 14.62
C ASN A 37 -7.10 -16.44 14.44
N LEU A 38 -6.66 -16.34 13.19
CA LEU A 38 -5.24 -16.43 12.87
C LEU A 38 -4.60 -15.04 12.78
N GLY A 39 -5.44 -14.01 12.81
CA GLY A 39 -4.95 -12.65 12.74
C GLY A 39 -4.27 -12.35 11.41
N LEU A 40 -4.48 -11.13 10.91
CA LEU A 40 -3.89 -10.73 9.64
C LEU A 40 -2.43 -11.14 9.57
N GLY A 41 -2.14 -12.18 8.78
CA GLY A 41 -0.77 -12.66 8.64
C GLY A 41 -0.08 -12.07 7.43
N LEU A 42 -0.66 -11.01 6.88
CA LEU A 42 -0.09 -10.35 5.71
C LEU A 42 1.40 -10.66 5.59
N VAL A 43 1.82 -11.09 4.39
CA VAL A 43 3.21 -11.42 4.14
C VAL A 43 4.03 -10.17 3.85
N VAL A 44 4.44 -9.48 4.91
CA VAL A 44 5.23 -8.26 4.77
C VAL A 44 6.71 -8.59 4.53
N ILE A 45 7.45 -7.59 4.08
CA ILE A 45 8.88 -7.76 3.81
C ILE A 45 9.68 -6.55 4.24
N GLN A 46 10.95 -6.77 4.54
CA GLN A 46 11.84 -5.68 4.98
C GLN A 46 12.37 -4.90 3.78
N ASN A 47 11.63 -3.87 3.39
CA ASN A 47 12.03 -3.04 2.25
C ASN A 47 12.26 -1.59 2.69
N GLY A 48 13.52 -1.23 2.86
CA GLY A 48 13.86 0.13 3.27
C GLY A 48 13.59 0.36 4.75
N PRO A 49 13.65 1.63 5.16
CA PRO A 49 13.42 2.02 6.56
C PRO A 49 11.96 1.85 6.98
N TYR A 50 11.15 1.37 6.04
CA TYR A 50 9.72 1.16 6.31
C TYR A 50 9.30 -0.27 5.96
N LEU A 51 8.01 -0.54 6.08
CA LEU A 51 7.48 -1.87 5.78
C LEU A 51 6.50 -1.81 4.62
N GLN A 52 6.51 -2.83 3.78
CA GLN A 52 5.61 -2.89 2.63
C GLN A 52 4.94 -4.26 2.54
N ILE A 53 3.61 -4.27 2.65
CA ILE A 53 2.85 -5.50 2.58
C ILE A 53 3.08 -6.23 1.27
N SER A 54 4.16 -7.00 1.21
CA SER A 54 4.50 -7.76 0.01
C SER A 54 3.32 -8.60 -0.46
N HIS A 55 2.52 -9.05 0.50
CA HIS A 55 1.35 -9.88 0.18
C HIS A 55 0.42 -9.99 1.38
N LEU A 56 -0.86 -10.26 1.12
CA LEU A 56 -1.85 -10.39 2.19
C LEU A 56 -2.32 -11.84 2.31
N ILE A 57 -2.42 -12.32 3.54
CA ILE A 57 -2.86 -13.68 3.80
C ILE A 57 -4.34 -13.84 3.49
N ASN A 58 -4.65 -14.59 2.44
CA ASN A 58 -6.03 -14.82 2.04
C ASN A 58 -6.91 -15.10 3.25
N LYS A 59 -6.43 -15.97 4.13
CA LYS A 59 -7.17 -16.33 5.33
C LYS A 59 -7.00 -15.27 6.41
N GLY A 60 -7.09 -14.01 6.00
CA GLY A 60 -6.94 -12.91 6.95
C GLY A 60 -7.90 -11.77 6.67
N ALA A 61 -7.64 -10.62 7.28
CA ALA A 61 -8.48 -9.45 7.09
C ALA A 61 -7.99 -8.61 5.92
N ALA A 62 -6.75 -8.12 6.01
CA ALA A 62 -6.17 -7.30 4.96
C ALA A 62 -6.48 -7.88 3.58
N ALA A 63 -6.50 -9.21 3.49
CA ALA A 63 -6.79 -9.88 2.23
C ALA A 63 -8.21 -9.60 1.77
N SER A 64 -9.15 -9.64 2.70
CA SER A 64 -10.55 -9.40 2.40
C SER A 64 -10.85 -7.90 2.36
N ASP A 65 -9.85 -7.10 2.71
CA ASP A 65 -10.00 -5.64 2.71
C ASP A 65 -9.44 -5.04 1.44
N GLY A 66 -10.32 -4.67 0.51
CA GLY A 66 -9.88 -4.08 -0.74
C GLY A 66 -9.23 -2.73 -0.55
N ILE A 67 -9.43 -2.13 0.62
CA ILE A 67 -8.86 -0.83 0.93
C ILE A 67 -7.35 -0.92 1.06
N LEU A 68 -6.87 -2.02 1.63
CA LEU A 68 -5.44 -2.23 1.81
C LEU A 68 -4.89 -3.22 0.78
N GLN A 69 -3.91 -2.77 0.01
CA GLN A 69 -3.30 -3.61 -1.02
C GLN A 69 -1.89 -4.03 -0.61
N PRO A 70 -1.40 -5.13 -1.21
CA PRO A 70 -0.06 -5.66 -0.92
C PRO A 70 1.04 -4.76 -1.44
N GLY A 71 1.41 -3.76 -0.65
CA GLY A 71 2.46 -2.84 -1.06
C GLY A 71 2.28 -1.46 -0.46
N ASP A 72 1.74 -1.40 0.74
CA ASP A 72 1.51 -0.13 1.43
C ASP A 72 2.53 0.08 2.55
N VAL A 73 2.77 1.34 2.88
CA VAL A 73 3.72 1.67 3.94
C VAL A 73 3.00 2.08 5.22
N LEU A 74 2.86 1.13 6.14
CA LEU A 74 2.19 1.39 7.40
C LEU A 74 2.94 2.46 8.21
N ILE A 75 2.17 3.33 8.86
CA ILE A 75 2.77 4.40 9.66
C ILE A 75 2.10 4.49 11.03
N SER A 76 1.44 3.40 11.43
CA SER A 76 0.76 3.36 12.72
C SER A 76 -0.29 2.25 12.74
N VAL A 77 0.18 1.01 12.84
CA VAL A 77 -0.72 -0.14 12.88
C VAL A 77 -1.12 -0.48 14.31
N GLY A 78 -2.38 -0.23 14.64
CA GLY A 78 -2.87 -0.52 15.97
C GLY A 78 -2.37 0.48 17.01
N HIS A 79 -2.46 1.76 16.68
CA HIS A 79 -2.01 2.81 17.59
C HIS A 79 -0.53 2.66 17.90
N ALA A 80 0.14 1.78 17.16
CA ALA A 80 1.56 1.53 17.36
C ALA A 80 2.38 2.03 16.17
N ASN A 81 2.87 3.26 16.28
CA ASN A 81 3.67 3.85 15.21
C ASN A 81 4.67 2.84 14.65
N VAL A 82 4.25 2.13 13.61
CA VAL A 82 5.10 1.12 12.97
C VAL A 82 5.88 1.73 11.81
N LEU A 83 6.08 3.04 11.85
CA LEU A 83 6.81 3.74 10.79
C LEU A 83 8.21 3.17 10.63
N GLY A 84 8.97 3.13 11.72
CA GLY A 84 10.32 2.60 11.68
C GLY A 84 10.39 1.15 12.10
N TYR A 85 9.22 0.54 12.29
CA TYR A 85 9.15 -0.86 12.71
C TYR A 85 9.68 -1.77 11.62
N THR A 86 10.53 -2.72 12.00
CA THR A 86 11.12 -3.67 11.06
C THR A 86 10.16 -4.81 10.76
N LEU A 87 10.53 -5.65 9.81
CA LEU A 87 9.70 -6.79 9.42
C LEU A 87 9.50 -7.73 10.61
N ARG A 88 10.59 -8.09 11.26
CA ARG A 88 10.54 -8.99 12.41
C ARG A 88 9.86 -8.31 13.60
N GLU A 89 10.10 -7.01 13.74
CA GLU A 89 9.51 -6.24 14.84
C GLU A 89 8.03 -6.01 14.61
N PHE A 90 7.64 -5.96 13.34
CA PHE A 90 6.24 -5.74 12.98
C PHE A 90 5.44 -7.04 13.09
N LEU A 91 5.92 -8.07 12.41
CA LEU A 91 5.24 -9.37 12.44
C LEU A 91 5.04 -9.85 13.86
N LYS A 92 5.94 -9.46 14.75
CA LYS A 92 5.86 -9.85 16.15
C LYS A 92 4.86 -8.96 16.91
N LEU A 93 4.61 -7.77 16.37
CA LEU A 93 3.68 -6.84 16.99
C LEU A 93 2.25 -7.34 16.87
N LEU A 94 1.75 -7.41 15.64
CA LEU A 94 0.40 -7.87 15.39
C LEU A 94 0.14 -9.21 16.07
N GLN A 95 1.19 -10.03 16.17
CA GLN A 95 1.08 -11.34 16.80
C GLN A 95 0.57 -11.21 18.23
N ASN A 96 0.81 -10.06 18.83
CA ASN A 96 0.39 -9.81 20.22
C ASN A 96 -1.07 -9.32 20.25
N ILE A 97 -1.62 -9.04 19.08
CA ILE A 97 -3.00 -8.57 18.97
C ILE A 97 -3.98 -9.72 19.14
N THR A 98 -5.13 -9.42 19.75
CA THR A 98 -6.16 -10.43 19.97
C THR A 98 -7.13 -10.49 18.79
N ILE A 99 -7.90 -11.57 18.73
CA ILE A 99 -8.86 -11.77 17.66
C ILE A 99 -10.03 -10.79 17.79
N GLY A 100 -10.52 -10.29 16.66
CA GLY A 100 -11.62 -9.36 16.67
C GLY A 100 -11.25 -8.02 17.28
N THR A 101 -10.16 -7.43 16.77
CA THR A 101 -9.70 -6.14 17.27
C THR A 101 -9.69 -5.09 16.17
N VAL A 102 -10.25 -3.91 16.47
CA VAL A 102 -10.32 -2.83 15.50
C VAL A 102 -9.09 -1.92 15.61
N LEU A 103 -8.19 -2.05 14.63
CA LEU A 103 -6.97 -1.25 14.61
C LEU A 103 -6.96 -0.29 13.43
N GLN A 104 -6.31 0.85 13.60
CA GLN A 104 -6.23 1.85 12.54
C GLN A 104 -4.92 1.71 11.77
N ILE A 105 -4.98 1.04 10.62
CA ILE A 105 -3.80 0.84 9.79
C ILE A 105 -3.65 1.96 8.77
N LYS A 106 -2.78 2.91 9.06
CA LYS A 106 -2.54 4.04 8.16
C LYS A 106 -1.34 3.78 7.26
N ALA A 107 -1.56 3.77 5.96
CA ALA A 107 -0.50 3.54 4.99
C ALA A 107 -0.60 4.49 3.81
N TYR A 108 0.52 4.70 3.12
CA TYR A 108 0.55 5.60 1.97
C TYR A 108 0.21 4.85 0.69
N ARG A 109 -0.94 5.19 0.10
CA ARG A 109 -1.38 4.54 -1.13
C ARG A 109 -0.26 4.54 -2.17
N GLY A 110 0.62 5.53 -2.09
CA GLY A 110 1.72 5.62 -3.03
C GLY A 110 2.86 6.47 -2.51
N PHE A 111 3.94 5.81 -2.11
CA PHE A 111 5.10 6.52 -1.58
C PHE A 111 6.39 5.72 -1.83
N LEU A 112 6.34 4.43 -1.53
CA LEU A 112 7.50 3.55 -1.72
C LEU A 112 7.34 2.72 -2.98
N GLU A 113 8.35 2.76 -3.84
CA GLU A 113 8.32 2.00 -5.09
C GLU A 113 8.49 0.51 -4.82
N ILE A 114 7.60 -0.29 -5.41
CA ILE A 114 7.63 -1.74 -5.22
C ILE A 114 8.69 -2.37 -6.13
N PRO A 115 9.48 -3.29 -5.55
CA PRO A 115 10.54 -3.99 -6.28
C PRO A 115 9.98 -4.97 -7.31
N GLN A 116 10.41 -4.81 -8.56
CA GLN A 116 9.95 -5.68 -9.64
C GLN A 116 10.40 -7.12 -9.40
N GLU A 117 11.69 -7.30 -9.16
CA GLU A 117 12.24 -8.64 -8.92
C GLU A 117 11.24 -9.51 -8.17
N TRP A 118 10.46 -8.88 -7.29
CA TRP A 118 9.46 -9.60 -6.51
C TRP A 118 8.32 -10.10 -7.41
N GLN A 119 7.59 -9.17 -8.00
CA GLN A 119 6.47 -9.51 -8.88
C GLN A 119 6.95 -10.37 -10.05
N ASP A 120 6.34 -11.55 -10.19
CA ASP A 120 6.71 -12.46 -11.27
C ASP A 120 6.79 -11.72 -12.60
N SER A 121 5.67 -11.21 -13.07
CA SER A 121 5.62 -10.48 -14.34
C SER A 121 6.68 -9.38 -14.37
N GLY A 122 7.17 -9.07 -15.57
CA GLY A 122 8.17 -8.04 -15.71
C GLY A 122 8.24 -7.49 -17.12
N PRO A 123 9.38 -6.88 -17.48
CA PRO A 123 9.60 -6.30 -18.81
C PRO A 123 9.72 -7.37 -19.89
N SER A 124 9.92 -8.62 -19.47
CA SER A 124 10.05 -9.73 -20.41
C SER A 124 11.30 -9.55 -21.27
N SER A 125 12.18 -10.55 -21.22
CA SER A 125 13.42 -10.50 -22.00
C SER A 125 14.05 -11.89 -22.09
N GLY A 126 14.58 -12.22 -23.25
CA GLY A 126 15.20 -13.51 -23.45
C GLY A 126 16.64 -13.54 -22.96
N GLY A 1 -14.11 -18.59 -23.97
CA GLY A 1 -12.97 -17.69 -23.99
C GLY A 1 -13.24 -16.40 -23.26
N SER A 2 -12.27 -15.49 -23.31
CA SER A 2 -12.40 -14.20 -22.64
C SER A 2 -11.21 -13.30 -22.95
N SER A 3 -11.28 -12.05 -22.51
CA SER A 3 -10.20 -11.08 -22.75
C SER A 3 -10.41 -9.83 -21.90
N GLY A 4 -9.33 -9.06 -21.74
CA GLY A 4 -9.42 -7.84 -20.95
C GLY A 4 -8.75 -6.67 -21.64
N SER A 5 -9.56 -5.74 -22.14
CA SER A 5 -9.04 -4.56 -22.83
C SER A 5 -10.10 -3.48 -22.94
N SER A 6 -9.85 -2.35 -22.27
CA SER A 6 -10.79 -1.23 -22.28
C SER A 6 -10.10 0.06 -22.72
N GLY A 7 -10.57 0.63 -23.82
CA GLY A 7 -9.98 1.86 -24.32
C GLY A 7 -8.72 1.62 -25.13
N SER A 8 -8.28 2.64 -25.85
CA SER A 8 -7.08 2.52 -26.68
C SER A 8 -7.25 1.43 -27.74
N LYS A 9 -6.24 1.29 -28.59
CA LYS A 9 -6.27 0.28 -29.65
C LYS A 9 -7.41 0.55 -30.63
N ASN A 10 -7.57 -0.34 -31.60
CA ASN A 10 -8.62 -0.19 -32.60
C ASN A 10 -9.96 -0.68 -32.05
N GLU A 11 -11.01 -0.54 -32.86
CA GLU A 11 -12.34 -0.96 -32.46
C GLU A 11 -12.82 -0.18 -31.25
N LYS A 12 -14.07 -0.41 -30.85
CA LYS A 12 -14.65 0.28 -29.70
C LYS A 12 -14.05 1.67 -29.55
N GLU A 13 -14.65 2.65 -30.20
CA GLU A 13 -14.18 4.03 -30.14
C GLU A 13 -14.70 4.72 -28.88
N GLN A 14 -14.02 4.48 -27.76
CA GLN A 14 -14.41 5.09 -26.49
C GLN A 14 -13.20 5.58 -25.73
N LEU A 15 -12.04 5.56 -26.37
CA LEU A 15 -10.80 6.01 -25.76
C LEU A 15 -10.96 7.42 -25.19
N SER A 16 -9.97 7.85 -24.42
CA SER A 16 -10.00 9.18 -23.82
C SER A 16 -8.76 9.41 -22.96
N LYS A 17 -8.44 10.69 -22.72
CA LYS A 17 -7.28 11.04 -21.91
C LYS A 17 -7.30 10.31 -20.57
N ALA A 18 -6.14 10.17 -19.95
CA ALA A 18 -6.03 9.51 -18.65
C ALA A 18 -4.66 9.74 -18.03
N LYS A 19 -4.35 11.01 -17.77
CA LYS A 19 -3.08 11.37 -17.16
C LYS A 19 -3.27 11.81 -15.71
N ALA A 20 -2.18 12.24 -15.07
CA ALA A 20 -2.22 12.68 -13.69
C ALA A 20 -1.94 14.17 -13.58
N SER A 21 -2.74 14.87 -12.78
CA SER A 21 -2.57 16.31 -12.60
C SER A 21 -2.07 16.63 -11.19
N VAL A 22 -1.08 15.87 -10.74
CA VAL A 22 -0.51 16.07 -9.41
C VAL A 22 0.42 17.28 -9.39
N SER A 23 0.72 17.75 -8.19
CA SER A 23 1.60 18.91 -8.02
C SER A 23 1.76 19.26 -6.55
N SER A 24 0.75 18.95 -5.75
CA SER A 24 0.76 19.24 -4.33
C SER A 24 -0.42 18.59 -3.62
N LEU A 25 -0.58 17.28 -3.83
CA LEU A 25 -1.67 16.54 -3.22
C LEU A 25 -1.14 15.42 -2.33
N ASN A 26 -1.66 15.32 -1.12
CA ASN A 26 -1.23 14.30 -0.18
C ASN A 26 -2.39 13.37 0.18
N LYS A 27 -2.36 12.15 -0.35
CA LYS A 27 -3.40 11.18 -0.08
C LYS A 27 -2.89 10.06 0.82
N VAL A 28 -3.65 9.73 1.84
CA VAL A 28 -3.28 8.67 2.78
C VAL A 28 -4.39 7.64 2.92
N ILE A 29 -4.00 6.37 2.99
CA ILE A 29 -4.96 5.29 3.13
C ILE A 29 -5.05 4.80 4.57
N GLN A 30 -6.27 4.64 5.07
CA GLN A 30 -6.48 4.18 6.43
C GLN A 30 -7.83 3.48 6.56
N THR A 31 -7.79 2.21 6.97
CA THR A 31 -9.01 1.43 7.14
C THR A 31 -8.90 0.48 8.33
N LYS A 32 -10.04 0.10 8.88
CA LYS A 32 -10.08 -0.80 10.03
C LYS A 32 -10.24 -2.25 9.58
N LEU A 33 -9.38 -3.12 10.08
CA LEU A 33 -9.43 -4.54 9.73
C LEU A 33 -9.85 -5.38 10.93
N THR A 34 -10.79 -6.29 10.70
CA THR A 34 -11.28 -7.16 11.78
C THR A 34 -10.33 -8.33 12.01
N VAL A 35 -9.41 -8.15 12.95
CA VAL A 35 -8.44 -9.18 13.28
C VAL A 35 -9.11 -10.56 13.36
N GLY A 36 -8.53 -11.54 12.69
CA GLY A 36 -9.08 -12.88 12.70
C GLY A 36 -8.42 -13.77 13.74
N ASN A 37 -8.58 -15.08 13.58
CA ASN A 37 -7.99 -16.04 14.50
C ASN A 37 -6.49 -16.12 14.31
N LEU A 38 -6.04 -15.95 13.08
CA LEU A 38 -4.61 -16.00 12.76
C LEU A 38 -4.01 -14.60 12.75
N GLY A 39 -4.85 -13.59 12.94
CA GLY A 39 -4.38 -12.22 12.95
C GLY A 39 -3.77 -11.81 11.62
N LEU A 40 -4.14 -10.62 11.15
CA LEU A 40 -3.63 -10.11 9.88
C LEU A 40 -2.13 -10.33 9.76
N GLY A 41 -1.73 -11.31 8.95
CA GLY A 41 -0.33 -11.59 8.77
C GLY A 41 0.21 -11.10 7.43
N LEU A 42 -0.38 -10.02 6.93
CA LEU A 42 0.03 -9.45 5.66
C LEU A 42 1.50 -9.75 5.37
N VAL A 43 1.74 -10.59 4.37
CA VAL A 43 3.10 -10.97 4.00
C VAL A 43 3.93 -9.74 3.63
N VAL A 44 4.37 -9.01 4.65
CA VAL A 44 5.18 -7.81 4.43
C VAL A 44 6.67 -8.14 4.45
N ILE A 45 7.43 -7.44 3.62
CA ILE A 45 8.87 -7.66 3.54
C ILE A 45 9.64 -6.48 4.16
N GLN A 46 10.96 -6.61 4.19
CA GLN A 46 11.80 -5.55 4.74
C GLN A 46 12.44 -4.72 3.64
N ASN A 47 11.76 -3.65 3.24
CA ASN A 47 12.26 -2.77 2.19
C ASN A 47 12.44 -1.35 2.71
N GLY A 48 13.70 -0.98 2.95
CA GLY A 48 13.99 0.36 3.45
C GLY A 48 13.60 0.53 4.90
N PRO A 49 13.62 1.78 5.38
CA PRO A 49 13.26 2.11 6.76
C PRO A 49 11.77 1.93 7.03
N TYR A 50 11.03 1.54 6.00
CA TYR A 50 9.60 1.33 6.13
C TYR A 50 9.18 -0.02 5.54
N LEU A 51 8.20 -0.65 6.16
CA LEU A 51 7.71 -1.95 5.70
C LEU A 51 6.59 -1.77 4.68
N GLN A 52 6.63 -2.56 3.62
CA GLN A 52 5.61 -2.49 2.56
C GLN A 52 4.83 -3.80 2.48
N ILE A 53 3.52 -3.71 2.37
CA ILE A 53 2.66 -4.88 2.27
C ILE A 53 2.93 -5.64 0.97
N SER A 54 3.96 -6.48 0.99
CA SER A 54 4.32 -7.26 -0.19
C SER A 54 3.16 -8.14 -0.63
N HIS A 55 2.40 -8.65 0.34
CA HIS A 55 1.26 -9.51 0.05
C HIS A 55 0.33 -9.59 1.26
N LEU A 56 -0.96 -9.73 0.99
CA LEU A 56 -1.96 -9.82 2.04
C LEU A 56 -2.35 -11.27 2.30
N ILE A 57 -2.38 -11.65 3.57
CA ILE A 57 -2.75 -13.01 3.96
C ILE A 57 -4.20 -13.31 3.60
N ASN A 58 -4.39 -14.05 2.51
CA ASN A 58 -5.73 -14.41 2.06
C ASN A 58 -6.65 -14.69 3.24
N LYS A 59 -6.23 -15.63 4.09
CA LYS A 59 -7.01 -15.99 5.26
C LYS A 59 -6.83 -14.97 6.38
N GLY A 60 -6.91 -13.69 6.02
CA GLY A 60 -6.76 -12.64 7.00
C GLY A 60 -7.83 -11.56 6.87
N ALA A 61 -7.66 -10.47 7.60
CA ALA A 61 -8.61 -9.37 7.56
C ALA A 61 -8.31 -8.41 6.41
N ALA A 62 -7.05 -8.06 6.25
CA ALA A 62 -6.63 -7.16 5.20
C ALA A 62 -6.93 -7.74 3.82
N ALA A 63 -6.69 -9.05 3.68
CA ALA A 63 -6.94 -9.73 2.42
C ALA A 63 -8.43 -9.76 2.09
N SER A 64 -9.26 -9.53 3.10
CA SER A 64 -10.71 -9.54 2.91
C SER A 64 -11.25 -8.12 2.95
N ASP A 65 -10.37 -7.14 3.11
CA ASP A 65 -10.76 -5.75 3.16
C ASP A 65 -10.56 -5.07 1.80
N GLY A 66 -11.65 -4.65 1.18
CA GLY A 66 -11.58 -4.01 -0.12
C GLY A 66 -11.08 -2.58 -0.02
N ILE A 67 -10.00 -2.37 0.73
CA ILE A 67 -9.44 -1.05 0.91
C ILE A 67 -7.91 -1.08 0.79
N LEU A 68 -7.28 -1.83 1.68
CA LEU A 68 -5.82 -1.95 1.68
C LEU A 68 -5.35 -2.83 0.53
N GLN A 69 -4.23 -2.45 -0.09
CA GLN A 69 -3.68 -3.20 -1.20
C GLN A 69 -2.22 -3.57 -0.93
N PRO A 70 -1.77 -4.69 -1.53
CA PRO A 70 -0.39 -5.16 -1.37
C PRO A 70 0.62 -4.26 -2.05
N GLY A 71 0.97 -3.16 -1.40
CA GLY A 71 1.92 -2.22 -1.96
C GLY A 71 1.88 -0.87 -1.29
N ASP A 72 1.55 -0.87 0.00
CA ASP A 72 1.48 0.37 0.76
C ASP A 72 2.60 0.45 1.80
N VAL A 73 2.55 1.46 2.65
CA VAL A 73 3.56 1.64 3.68
C VAL A 73 2.93 1.95 5.04
N LEU A 74 2.73 0.91 5.84
CA LEU A 74 2.13 1.06 7.15
C LEU A 74 2.91 2.08 8.00
N ILE A 75 2.19 2.90 8.73
CA ILE A 75 2.80 3.91 9.59
C ILE A 75 2.10 4.02 10.93
N SER A 76 1.45 2.93 11.34
CA SER A 76 0.72 2.91 12.60
C SER A 76 -0.29 1.77 12.63
N VAL A 77 0.20 0.54 12.79
CA VAL A 77 -0.67 -0.63 12.83
C VAL A 77 -1.06 -0.99 14.26
N GLY A 78 -2.25 -0.57 14.66
CA GLY A 78 -2.71 -0.85 16.02
C GLY A 78 -2.15 0.10 17.03
N HIS A 79 -2.27 1.40 16.76
CA HIS A 79 -1.76 2.43 17.67
C HIS A 79 -0.26 2.28 17.87
N ALA A 80 0.38 1.49 17.01
CA ALA A 80 1.81 1.26 17.10
C ALA A 80 2.52 1.75 15.84
N ASN A 81 3.08 2.96 15.92
CA ASN A 81 3.78 3.54 14.78
C ASN A 81 4.80 2.55 14.20
N VAL A 82 4.35 1.74 13.25
CA VAL A 82 5.23 0.76 12.62
C VAL A 82 6.07 1.40 11.52
N LEU A 83 6.14 2.72 11.54
CA LEU A 83 6.92 3.46 10.55
C LEU A 83 8.31 2.85 10.37
N GLY A 84 9.13 2.96 11.40
CA GLY A 84 10.47 2.41 11.35
C GLY A 84 10.57 1.03 11.96
N TYR A 85 9.46 0.29 11.90
CA TYR A 85 9.41 -1.05 12.46
C TYR A 85 9.99 -2.07 11.48
N THR A 86 10.75 -3.03 12.01
CA THR A 86 11.35 -4.06 11.17
C THR A 86 10.45 -5.29 11.06
N LEU A 87 10.69 -6.10 10.04
CA LEU A 87 9.89 -7.31 9.82
C LEU A 87 9.87 -8.18 11.08
N ARG A 88 10.99 -8.18 11.79
CA ARG A 88 11.10 -8.98 13.02
C ARG A 88 10.35 -8.31 14.17
N GLU A 89 10.06 -7.03 14.01
CA GLU A 89 9.34 -6.27 15.04
C GLU A 89 7.86 -6.18 14.71
N PHE A 90 7.54 -6.25 13.43
CA PHE A 90 6.15 -6.17 12.98
C PHE A 90 5.42 -7.50 13.22
N LEU A 91 6.11 -8.60 12.94
CA LEU A 91 5.54 -9.92 13.13
C LEU A 91 5.35 -10.23 14.61
N LYS A 92 6.28 -9.77 15.43
CA LYS A 92 6.21 -9.99 16.88
C LYS A 92 5.21 -9.04 17.52
N LEU A 93 5.03 -7.87 16.92
CA LEU A 93 4.10 -6.87 17.43
C LEU A 93 2.65 -7.34 17.27
N LEU A 94 2.22 -7.46 16.03
CA LEU A 94 0.85 -7.90 15.75
C LEU A 94 0.53 -9.19 16.50
N GLN A 95 1.58 -9.92 16.89
CA GLN A 95 1.40 -11.17 17.63
C GLN A 95 0.85 -10.92 19.02
N ASN A 96 0.66 -9.64 19.35
CA ASN A 96 0.14 -9.26 20.67
C ASN A 96 -1.28 -8.75 20.56
N ILE A 97 -1.86 -8.85 19.36
CA ILE A 97 -3.22 -8.39 19.13
C ILE A 97 -4.22 -9.52 19.37
N THR A 98 -5.43 -9.15 19.79
CA THR A 98 -6.48 -10.13 20.05
C THR A 98 -7.45 -10.22 18.88
N ILE A 99 -8.15 -11.35 18.79
CA ILE A 99 -9.12 -11.56 17.71
C ILE A 99 -10.25 -10.54 17.79
N GLY A 100 -10.87 -10.25 16.65
CA GLY A 100 -11.96 -9.30 16.60
C GLY A 100 -11.59 -7.97 17.22
N THR A 101 -10.51 -7.37 16.74
CA THR A 101 -10.05 -6.09 17.25
C THR A 101 -9.98 -5.04 16.14
N VAL A 102 -10.47 -3.84 16.43
CA VAL A 102 -10.48 -2.76 15.46
C VAL A 102 -9.21 -1.91 15.59
N LEU A 103 -8.41 -1.90 14.54
CA LEU A 103 -7.17 -1.12 14.53
C LEU A 103 -7.12 -0.19 13.33
N GLN A 104 -6.43 0.94 13.49
CA GLN A 104 -6.30 1.92 12.42
C GLN A 104 -5.01 1.69 11.63
N ILE A 105 -5.13 1.06 10.46
CA ILE A 105 -3.97 0.79 9.62
C ILE A 105 -3.74 1.93 8.63
N LYS A 106 -2.85 2.84 8.98
CA LYS A 106 -2.53 3.98 8.11
C LYS A 106 -1.32 3.66 7.23
N ALA A 107 -1.57 3.59 5.92
CA ALA A 107 -0.51 3.29 4.96
C ALA A 107 -0.56 4.25 3.78
N TYR A 108 0.61 4.53 3.19
CA TYR A 108 0.69 5.43 2.06
C TYR A 108 0.39 4.70 0.75
N ARG A 109 -0.15 5.42 -0.22
CA ARG A 109 -0.48 4.84 -1.52
C ARG A 109 0.42 5.42 -2.62
N GLY A 110 1.71 5.54 -2.32
CA GLY A 110 2.64 6.08 -3.29
C GLY A 110 4.01 6.35 -2.70
N PHE A 111 4.05 6.54 -1.39
CA PHE A 111 5.31 6.82 -0.69
C PHE A 111 6.43 5.95 -1.25
N LEU A 112 6.33 4.64 -1.04
CA LEU A 112 7.34 3.70 -1.51
C LEU A 112 6.85 2.97 -2.76
N GLU A 113 7.79 2.53 -3.59
CA GLU A 113 7.46 1.82 -4.81
C GLU A 113 7.76 0.33 -4.68
N ILE A 114 6.94 -0.49 -5.33
CA ILE A 114 7.13 -1.94 -5.30
C ILE A 114 8.28 -2.38 -6.18
N PRO A 115 9.11 -3.30 -5.67
CA PRO A 115 10.26 -3.82 -6.40
C PRO A 115 9.86 -4.70 -7.57
N GLN A 116 10.25 -4.30 -8.78
CA GLN A 116 9.91 -5.06 -9.98
C GLN A 116 10.36 -6.51 -9.86
N GLU A 117 11.64 -6.70 -9.52
CA GLU A 117 12.20 -8.04 -9.37
C GLU A 117 11.20 -8.96 -8.69
N TRP A 118 10.62 -8.50 -7.59
CA TRP A 118 9.65 -9.29 -6.84
C TRP A 118 8.54 -9.79 -7.76
N GLN A 119 7.75 -8.86 -8.29
CA GLN A 119 6.65 -9.22 -9.18
C GLN A 119 7.12 -10.18 -10.27
N ASP A 120 6.56 -11.39 -10.27
CA ASP A 120 6.93 -12.39 -11.26
C ASP A 120 6.76 -11.85 -12.67
N SER A 121 5.51 -11.55 -13.04
CA SER A 121 5.21 -11.04 -14.37
C SER A 121 6.20 -9.93 -14.76
N GLY A 122 6.98 -10.20 -15.81
CA GLY A 122 7.95 -9.23 -16.26
C GLY A 122 9.01 -9.84 -17.16
N PRO A 123 9.93 -9.00 -17.66
CA PRO A 123 11.01 -9.45 -18.54
C PRO A 123 12.04 -10.31 -17.82
N SER A 124 12.90 -10.97 -18.58
CA SER A 124 13.92 -11.83 -18.02
C SER A 124 14.86 -12.35 -19.11
N SER A 125 15.23 -11.46 -20.03
CA SER A 125 16.12 -11.84 -21.13
C SER A 125 17.52 -11.28 -20.91
N GLY A 126 17.59 -9.99 -20.58
CA GLY A 126 18.87 -9.35 -20.34
C GLY A 126 19.33 -9.49 -18.90
N GLY A 1 12.07 -1.32 -15.88
CA GLY A 1 11.70 -0.29 -14.92
C GLY A 1 12.57 0.95 -15.02
N SER A 2 11.96 2.11 -14.85
CA SER A 2 12.68 3.38 -14.93
C SER A 2 11.88 4.51 -14.31
N SER A 3 12.57 5.58 -13.93
CA SER A 3 11.91 6.73 -13.32
C SER A 3 12.26 8.02 -14.07
N GLY A 4 11.59 8.26 -15.19
CA GLY A 4 11.84 9.45 -15.98
C GLY A 4 10.73 9.74 -16.97
N SER A 5 10.82 9.14 -18.15
CA SER A 5 9.83 9.35 -19.19
C SER A 5 8.41 9.29 -18.61
N SER A 6 7.61 10.30 -18.93
CA SER A 6 6.24 10.37 -18.44
C SER A 6 5.41 11.35 -19.27
N GLY A 7 4.19 10.96 -19.59
CA GLY A 7 3.31 11.81 -20.37
C GLY A 7 2.21 11.05 -21.06
N SER A 8 2.37 10.82 -22.36
CA SER A 8 1.37 10.10 -23.15
C SER A 8 0.03 10.81 -23.09
N LYS A 9 -0.43 11.29 -24.25
CA LYS A 9 -1.71 11.98 -24.33
C LYS A 9 -2.74 11.14 -25.09
N ASN A 10 -3.96 11.65 -25.18
CA ASN A 10 -5.03 10.95 -25.88
C ASN A 10 -4.53 10.36 -27.19
N GLU A 11 -5.28 9.40 -27.72
CA GLU A 11 -4.90 8.75 -28.99
C GLU A 11 -3.55 8.06 -28.86
N LYS A 12 -3.29 7.12 -29.76
CA LYS A 12 -2.03 6.38 -29.76
C LYS A 12 -0.89 7.27 -30.23
N GLU A 13 0.34 6.87 -29.92
CA GLU A 13 1.53 7.63 -30.31
C GLU A 13 1.53 9.01 -29.64
N GLN A 14 2.63 9.74 -29.82
CA GLN A 14 2.77 11.06 -29.24
C GLN A 14 2.72 10.99 -27.71
N LEU A 15 3.68 11.64 -27.07
CA LEU A 15 3.74 11.65 -25.60
C LEU A 15 4.35 12.96 -25.10
N SER A 16 5.59 13.22 -25.50
CA SER A 16 6.29 14.43 -25.08
C SER A 16 6.31 14.54 -23.56
N LYS A 17 6.97 15.58 -23.06
CA LYS A 17 7.07 15.81 -21.63
C LYS A 17 5.96 16.74 -21.14
N ALA A 18 5.74 16.74 -19.83
CA ALA A 18 4.70 17.58 -19.24
C ALA A 18 4.59 17.35 -17.74
N LYS A 19 5.36 18.10 -16.97
CA LYS A 19 5.36 17.97 -15.51
C LYS A 19 4.84 19.25 -14.86
N ALA A 20 4.70 19.22 -13.54
CA ALA A 20 4.22 20.37 -12.79
C ALA A 20 5.07 20.61 -11.54
N SER A 21 4.89 21.77 -10.92
CA SER A 21 5.64 22.12 -9.73
C SER A 21 4.75 22.05 -8.49
N VAL A 22 3.93 21.01 -8.42
CA VAL A 22 3.03 20.82 -7.28
C VAL A 22 3.46 19.63 -6.43
N SER A 23 3.12 19.68 -5.15
CA SER A 23 3.47 18.62 -4.22
C SER A 23 2.36 18.39 -3.20
N SER A 24 1.24 17.84 -3.67
CA SER A 24 0.10 17.58 -2.80
C SER A 24 -0.89 16.63 -3.49
N LEU A 25 -0.36 15.59 -4.11
CA LEU A 25 -1.19 14.60 -4.80
C LEU A 25 -0.99 13.21 -4.21
N ASN A 26 -0.89 13.14 -2.89
CA ASN A 26 -0.70 11.87 -2.20
C ASN A 26 -1.79 11.63 -1.16
N LYS A 27 -2.70 10.71 -1.47
CA LYS A 27 -3.80 10.39 -0.56
C LYS A 27 -3.39 9.30 0.43
N VAL A 28 -3.59 9.56 1.72
CA VAL A 28 -3.25 8.60 2.75
C VAL A 28 -4.36 7.59 2.97
N ILE A 29 -4.08 6.32 2.68
CA ILE A 29 -5.07 5.26 2.84
C ILE A 29 -5.07 4.73 4.28
N GLN A 30 -6.24 4.75 4.90
CA GLN A 30 -6.39 4.26 6.27
C GLN A 30 -7.73 3.57 6.47
N THR A 31 -7.68 2.29 6.84
CA THR A 31 -8.89 1.50 7.05
C THR A 31 -8.72 0.56 8.23
N LYS A 32 -9.83 0.17 8.84
CA LYS A 32 -9.82 -0.73 9.98
C LYS A 32 -9.96 -2.19 9.53
N LEU A 33 -8.95 -3.00 9.84
CA LEU A 33 -8.97 -4.41 9.46
C LEU A 33 -9.38 -5.29 10.64
N THR A 34 -10.50 -5.98 10.50
CA THR A 34 -11.01 -6.86 11.55
C THR A 34 -10.16 -8.12 11.66
N VAL A 35 -9.18 -8.08 12.56
CA VAL A 35 -8.30 -9.22 12.77
C VAL A 35 -9.07 -10.54 12.72
N GLY A 36 -8.49 -11.53 12.07
CA GLY A 36 -9.14 -12.82 11.96
C GLY A 36 -8.56 -13.86 12.91
N ASN A 37 -9.15 -15.04 12.93
CA ASN A 37 -8.69 -16.11 13.82
C ASN A 37 -7.17 -16.25 13.75
N LEU A 38 -6.64 -16.31 12.54
CA LEU A 38 -5.20 -16.44 12.34
C LEU A 38 -4.54 -15.06 12.28
N GLY A 39 -5.35 -14.02 12.38
CA GLY A 39 -4.81 -12.66 12.34
C GLY A 39 -4.16 -12.34 11.01
N LEU A 40 -4.48 -11.18 10.47
CA LEU A 40 -3.92 -10.74 9.19
C LEU A 40 -2.42 -11.01 9.14
N GLY A 41 -2.05 -12.11 8.49
CA GLY A 41 -0.63 -12.46 8.38
C GLY A 41 -0.02 -11.96 7.09
N LEU A 42 -0.57 -10.89 6.55
CA LEU A 42 -0.06 -10.30 5.30
C LEU A 42 1.42 -10.60 5.13
N VAL A 43 1.80 -11.06 3.94
CA VAL A 43 3.18 -11.38 3.65
C VAL A 43 3.99 -10.11 3.38
N VAL A 44 4.23 -9.34 4.44
CA VAL A 44 5.00 -8.10 4.32
C VAL A 44 6.49 -8.38 4.31
N ILE A 45 7.25 -7.48 3.68
CA ILE A 45 8.69 -7.63 3.59
C ILE A 45 9.40 -6.42 4.18
N GLN A 46 10.74 -6.48 4.18
CA GLN A 46 11.54 -5.38 4.72
C GLN A 46 12.08 -4.50 3.60
N ASN A 47 11.30 -3.48 3.23
CA ASN A 47 11.70 -2.57 2.16
C ASN A 47 11.91 -1.15 2.72
N GLY A 48 13.17 -0.80 2.95
CA GLY A 48 13.49 0.51 3.47
C GLY A 48 13.26 0.62 4.97
N PRO A 49 13.22 1.85 5.48
CA PRO A 49 13.00 2.12 6.90
C PRO A 49 11.58 1.78 7.34
N TYR A 50 10.75 1.40 6.38
CA TYR A 50 9.36 1.05 6.68
C TYR A 50 9.04 -0.37 6.20
N LEU A 51 7.76 -0.72 6.27
CA LEU A 51 7.32 -2.06 5.85
C LEU A 51 6.32 -1.96 4.70
N GLN A 52 6.49 -2.82 3.71
CA GLN A 52 5.60 -2.83 2.56
C GLN A 52 4.90 -4.19 2.42
N ILE A 53 3.57 -4.17 2.39
CA ILE A 53 2.79 -5.39 2.26
C ILE A 53 3.02 -6.04 0.90
N SER A 54 4.07 -6.86 0.83
CA SER A 54 4.40 -7.55 -0.42
C SER A 54 3.23 -8.40 -0.90
N HIS A 55 2.41 -8.87 0.06
CA HIS A 55 1.26 -9.69 -0.27
C HIS A 55 0.35 -9.85 0.95
N LEU A 56 -0.93 -10.05 0.70
CA LEU A 56 -1.90 -10.21 1.77
C LEU A 56 -2.40 -11.66 1.84
N ILE A 57 -2.49 -12.19 3.06
CA ILE A 57 -2.94 -13.55 3.26
C ILE A 57 -4.44 -13.69 2.98
N ASN A 58 -4.76 -14.40 1.90
CA ASN A 58 -6.16 -14.59 1.53
C ASN A 58 -7.02 -14.90 2.74
N LYS A 59 -6.48 -15.73 3.65
CA LYS A 59 -7.20 -16.10 4.86
C LYS A 59 -6.90 -15.13 5.99
N GLY A 60 -7.02 -13.83 5.70
CA GLY A 60 -6.76 -12.82 6.71
C GLY A 60 -7.77 -11.69 6.67
N ALA A 61 -7.46 -10.60 7.37
CA ALA A 61 -8.35 -9.45 7.41
C ALA A 61 -8.07 -8.50 6.24
N ALA A 62 -6.82 -8.06 6.13
CA ALA A 62 -6.43 -7.15 5.06
C ALA A 62 -6.87 -7.67 3.70
N ALA A 63 -6.71 -8.98 3.50
CA ALA A 63 -7.10 -9.60 2.24
C ALA A 63 -8.61 -9.53 2.04
N SER A 64 -9.35 -9.47 3.13
CA SER A 64 -10.80 -9.40 3.07
C SER A 64 -11.28 -7.96 3.07
N ASP A 65 -10.33 -7.03 3.03
CA ASP A 65 -10.65 -5.60 3.02
C ASP A 65 -10.36 -4.98 1.66
N GLY A 66 -11.41 -4.50 1.01
CA GLY A 66 -11.25 -3.89 -0.30
C GLY A 66 -10.74 -2.46 -0.22
N ILE A 67 -9.76 -2.24 0.64
CA ILE A 67 -9.18 -0.91 0.81
C ILE A 67 -7.66 -0.97 0.83
N LEU A 68 -7.12 -1.94 1.57
CA LEU A 68 -5.67 -2.11 1.68
C LEU A 68 -5.15 -3.05 0.59
N GLN A 69 -4.12 -2.61 -0.13
CA GLN A 69 -3.54 -3.41 -1.19
C GLN A 69 -2.07 -3.72 -0.89
N PRO A 70 -1.56 -4.80 -1.51
CA PRO A 70 -0.17 -5.23 -1.32
C PRO A 70 0.82 -4.27 -1.96
N GLY A 71 1.10 -3.16 -1.27
CA GLY A 71 2.03 -2.18 -1.79
C GLY A 71 1.95 -0.86 -1.04
N ASP A 72 1.60 -0.92 0.24
CA ASP A 72 1.50 0.27 1.06
C ASP A 72 2.60 0.32 2.11
N VAL A 73 2.48 1.24 3.05
CA VAL A 73 3.48 1.39 4.12
C VAL A 73 2.83 1.82 5.42
N LEU A 74 2.48 0.85 6.26
CA LEU A 74 1.85 1.14 7.54
C LEU A 74 2.64 2.19 8.31
N ILE A 75 1.92 3.05 9.03
CA ILE A 75 2.55 4.10 9.81
C ILE A 75 1.83 4.31 11.13
N SER A 76 1.19 3.25 11.63
CA SER A 76 0.47 3.31 12.89
C SER A 76 -0.54 2.18 12.99
N VAL A 77 -0.05 0.98 13.29
CA VAL A 77 -0.92 -0.20 13.42
C VAL A 77 -1.26 -0.46 14.88
N GLY A 78 -2.56 -0.55 15.17
CA GLY A 78 -3.00 -0.81 16.53
C GLY A 78 -2.31 0.08 17.54
N HIS A 79 -2.52 1.38 17.42
CA HIS A 79 -1.90 2.34 18.34
C HIS A 79 -0.42 2.03 18.54
N ALA A 80 0.18 1.38 17.55
CA ALA A 80 1.59 1.02 17.63
C ALA A 80 2.37 1.63 16.45
N ASN A 81 2.92 2.81 16.67
CA ASN A 81 3.69 3.50 15.64
C ASN A 81 4.66 2.54 14.96
N VAL A 82 4.20 1.88 13.90
CA VAL A 82 5.02 0.94 13.16
C VAL A 82 5.75 1.63 12.01
N LEU A 83 6.05 2.91 12.20
CA LEU A 83 6.75 3.68 11.18
C LEU A 83 8.12 3.07 10.87
N GLY A 84 9.04 3.20 11.83
CA GLY A 84 10.37 2.66 11.64
C GLY A 84 10.49 1.23 12.14
N TYR A 85 9.37 0.51 12.16
CA TYR A 85 9.36 -0.87 12.62
C TYR A 85 9.94 -1.81 11.56
N THR A 86 10.67 -2.81 12.01
CA THR A 86 11.28 -3.78 11.11
C THR A 86 10.38 -4.99 10.90
N LEU A 87 10.78 -5.89 10.01
CA LEU A 87 10.01 -7.08 9.73
C LEU A 87 9.88 -7.97 10.97
N ARG A 88 11.01 -8.18 11.65
CA ARG A 88 11.02 -9.00 12.85
C ARG A 88 10.27 -8.31 13.99
N GLU A 89 10.46 -7.01 14.12
CA GLU A 89 9.80 -6.23 15.16
C GLU A 89 8.32 -6.04 14.85
N PHE A 90 7.98 -6.11 13.57
CA PHE A 90 6.59 -5.95 13.14
C PHE A 90 5.81 -7.24 13.34
N LEU A 91 6.35 -8.34 12.84
CA LEU A 91 5.70 -9.64 12.97
C LEU A 91 5.53 -10.02 14.44
N LYS A 92 6.46 -9.58 15.27
CA LYS A 92 6.41 -9.87 16.71
C LYS A 92 5.32 -9.04 17.38
N LEU A 93 5.10 -7.84 16.88
CA LEU A 93 4.09 -6.95 17.44
C LEU A 93 2.69 -7.47 17.17
N LEU A 94 2.36 -7.64 15.89
CA LEU A 94 1.05 -8.15 15.49
C LEU A 94 0.77 -9.51 16.14
N GLN A 95 1.83 -10.15 16.64
CA GLN A 95 1.70 -11.45 17.27
C GLN A 95 1.08 -11.32 18.66
N ASN A 96 0.90 -10.08 19.11
CA ASN A 96 0.33 -9.82 20.42
C ASN A 96 -1.12 -9.37 20.30
N ILE A 97 -1.57 -9.14 19.06
CA ILE A 97 -2.93 -8.70 18.82
C ILE A 97 -3.90 -9.87 18.88
N THR A 98 -5.12 -9.60 19.34
CA THR A 98 -6.14 -10.65 19.47
C THR A 98 -7.12 -10.59 18.30
N ILE A 99 -7.92 -11.64 18.15
CA ILE A 99 -8.90 -11.69 17.07
C ILE A 99 -9.98 -10.63 17.24
N GLY A 100 -10.54 -10.19 16.12
CA GLY A 100 -11.59 -9.17 16.18
C GLY A 100 -11.11 -7.90 16.85
N THR A 101 -9.92 -7.44 16.47
CA THR A 101 -9.36 -6.22 17.04
C THR A 101 -9.48 -5.05 16.07
N VAL A 102 -10.27 -4.05 16.44
CA VAL A 102 -10.47 -2.87 15.61
C VAL A 102 -9.32 -1.89 15.76
N LEU A 103 -8.55 -1.70 14.70
CA LEU A 103 -7.42 -0.78 14.72
C LEU A 103 -7.39 0.06 13.46
N GLN A 104 -6.53 1.09 13.46
CA GLN A 104 -6.40 1.98 12.31
C GLN A 104 -5.08 1.74 11.59
N ILE A 105 -5.16 1.09 10.43
CA ILE A 105 -3.97 0.79 9.64
C ILE A 105 -3.71 1.90 8.62
N LYS A 106 -2.84 2.83 8.98
CA LYS A 106 -2.49 3.95 8.10
C LYS A 106 -1.29 3.59 7.22
N ALA A 107 -1.54 3.43 5.93
CA ALA A 107 -0.47 3.09 4.98
C ALA A 107 -0.46 4.06 3.81
N TYR A 108 0.73 4.38 3.32
CA TYR A 108 0.88 5.29 2.20
C TYR A 108 0.91 4.53 0.87
N ARG A 109 -0.21 4.58 0.15
CA ARG A 109 -0.31 3.90 -1.14
C ARG A 109 0.24 4.77 -2.26
N GLY A 110 1.43 5.30 -2.06
CA GLY A 110 2.06 6.15 -3.07
C GLY A 110 3.43 6.63 -2.66
N PHE A 111 3.64 6.77 -1.36
CA PHE A 111 4.93 7.23 -0.84
C PHE A 111 6.07 6.33 -1.32
N LEU A 112 6.06 5.08 -0.86
CA LEU A 112 7.10 4.13 -1.25
C LEU A 112 6.77 3.49 -2.59
N GLU A 113 7.79 2.91 -3.23
CA GLU A 113 7.60 2.26 -4.52
C GLU A 113 7.64 0.74 -4.38
N ILE A 114 7.00 0.05 -5.31
CA ILE A 114 6.97 -1.41 -5.29
C ILE A 114 8.02 -1.99 -6.22
N PRO A 115 8.80 -2.95 -5.70
CA PRO A 115 9.85 -3.62 -6.47
C PRO A 115 9.30 -4.53 -7.55
N GLN A 116 9.43 -4.10 -8.81
CA GLN A 116 8.92 -4.88 -9.93
C GLN A 116 9.36 -6.33 -9.83
N GLU A 117 10.62 -6.54 -9.44
CA GLU A 117 11.15 -7.89 -9.29
C GLU A 117 10.15 -8.80 -8.58
N TRP A 118 9.51 -8.26 -7.55
CA TRP A 118 8.53 -9.03 -6.78
C TRP A 118 7.34 -9.41 -7.65
N GLN A 119 6.53 -8.42 -8.00
CA GLN A 119 5.34 -8.66 -8.83
C GLN A 119 5.73 -9.34 -10.15
N ASP A 120 4.82 -10.14 -10.68
CA ASP A 120 5.06 -10.84 -11.93
C ASP A 120 4.40 -10.12 -13.10
N SER A 121 3.13 -9.74 -12.92
CA SER A 121 2.39 -9.04 -13.96
C SER A 121 1.95 -10.02 -15.06
N GLY A 122 2.91 -10.48 -15.85
CA GLY A 122 2.60 -11.41 -16.93
C GLY A 122 2.98 -10.86 -18.29
N PRO A 123 2.50 -11.53 -19.35
CA PRO A 123 2.78 -11.13 -20.73
C PRO A 123 2.07 -9.83 -21.10
N SER A 124 1.27 -9.31 -20.19
CA SER A 124 0.54 -8.08 -20.43
C SER A 124 1.48 -6.93 -20.76
N SER A 125 1.08 -6.10 -21.71
CA SER A 125 1.91 -4.97 -22.13
C SER A 125 3.18 -5.44 -22.83
N GLY A 126 3.20 -5.32 -24.15
CA GLY A 126 4.37 -5.74 -24.91
C GLY A 126 4.56 -4.93 -26.17
#